data_4Q6V
# 
_entry.id   4Q6V 
# 
_audit_conform.dict_name       mmcif_pdbx.dic 
_audit_conform.dict_version    5.398 
_audit_conform.dict_location   http://mmcif.pdb.org/dictionaries/ascii/mmcif_pdbx.dic 
# 
loop_
_database_2.database_id 
_database_2.database_code 
_database_2.pdbx_database_accession 
_database_2.pdbx_DOI 
PDB   4Q6V         pdb_00004q6v 10.2210/pdb4q6v/pdb 
RCSB  RCSB085678   ?            ?                   
WWPDB D_1000085678 ?            ?                   
# 
loop_
_pdbx_audit_revision_history.ordinal 
_pdbx_audit_revision_history.data_content_type 
_pdbx_audit_revision_history.major_revision 
_pdbx_audit_revision_history.minor_revision 
_pdbx_audit_revision_history.revision_date 
1 'Structure model' 1 0 2014-05-14 
2 'Structure model' 1 1 2014-07-02 
3 'Structure model' 1 2 2014-07-23 
4 'Structure model' 1 3 2024-11-06 
# 
_pdbx_audit_revision_details.ordinal             1 
_pdbx_audit_revision_details.revision_ordinal    1 
_pdbx_audit_revision_details.data_content_type   'Structure model' 
_pdbx_audit_revision_details.provider            repository 
_pdbx_audit_revision_details.type                'Initial release' 
_pdbx_audit_revision_details.description         ? 
_pdbx_audit_revision_details.details             ? 
# 
loop_
_pdbx_audit_revision_group.ordinal 
_pdbx_audit_revision_group.revision_ordinal 
_pdbx_audit_revision_group.data_content_type 
_pdbx_audit_revision_group.group 
1 2 'Structure model' 'Database references'  
2 3 'Structure model' 'Database references'  
3 4 'Structure model' 'Data collection'      
4 4 'Structure model' 'Database references'  
5 4 'Structure model' 'Derived calculations' 
6 4 'Structure model' 'Structure summary'    
# 
loop_
_pdbx_audit_revision_category.ordinal 
_pdbx_audit_revision_category.revision_ordinal 
_pdbx_audit_revision_category.data_content_type 
_pdbx_audit_revision_category.category 
1 4 'Structure model' chem_comp_atom            
2 4 'Structure model' chem_comp_bond            
3 4 'Structure model' database_2                
4 4 'Structure model' pdbx_entry_details        
5 4 'Structure model' pdbx_modification_feature 
6 4 'Structure model' struct_conn               
# 
loop_
_pdbx_audit_revision_item.ordinal 
_pdbx_audit_revision_item.revision_ordinal 
_pdbx_audit_revision_item.data_content_type 
_pdbx_audit_revision_item.item 
1 4 'Structure model' '_database_2.pdbx_DOI'                
2 4 'Structure model' '_database_2.pdbx_database_accession' 
3 4 'Structure model' '_struct_conn.pdbx_leaving_atom_flag' 
# 
_pdbx_database_status.status_code                     REL 
_pdbx_database_status.entry_id                        4Q6V 
_pdbx_database_status.recvd_initial_deposition_date   2014-04-23 
_pdbx_database_status.deposit_site                    RCSB 
_pdbx_database_status.process_site                    RCSB 
_pdbx_database_status.status_code_sf                  REL 
_pdbx_database_status.status_code_mr                  ? 
_pdbx_database_status.SG_entry                        ? 
_pdbx_database_status.status_code_cs                  ? 
_pdbx_database_status.methods_development_category    ? 
_pdbx_database_status.pdb_format_compatible           Y 
_pdbx_database_status.status_code_nmr_data            ? 
# 
loop_
_pdbx_database_related.db_name 
_pdbx_database_related.db_id 
_pdbx_database_related.details 
_pdbx_database_related.content_type 
PDB 4Q6L . unspecified 
PDB 4Q6Z . unspecified 
# 
loop_
_audit_author.name 
_audit_author.pdbx_ordinal 
'King, D.T.'        1 
'Strynadka, N.C.J.' 2 
# 
_citation.id                        primary 
_citation.title                     
'Structural Insights into the Lipoprotein Outer Membrane Regulator of Penicillin-binding Protein 1B.' 
_citation.journal_abbrev            J.Biol.Chem. 
_citation.journal_volume            289 
_citation.page_first                19245 
_citation.page_last                 19253 
_citation.year                      2014 
_citation.journal_id_ASTM           JBCHA3 
_citation.country                   US 
_citation.journal_id_ISSN           0021-9258 
_citation.journal_id_CSD            0071 
_citation.book_publisher            ? 
_citation.pdbx_database_id_PubMed   24808177 
_citation.pdbx_database_id_DOI      10.1074/jbc.M114.565879 
# 
loop_
_citation_author.citation_id 
_citation_author.name 
_citation_author.ordinal 
_citation_author.identifier_ORCID 
primary 'King, D.T.'      1 ? 
primary 'Lameignere, E.'  2 ? 
primary 'Strynadka, N.C.' 3 ? 
# 
loop_
_entity.id 
_entity.type 
_entity.src_method 
_entity.pdbx_description 
_entity.formula_weight 
_entity.pdbx_number_of_molecules 
_entity.pdbx_ec 
_entity.pdbx_mutation 
_entity.pdbx_fragment 
_entity.details 
1 polymer man 'Penicillin-binding protein activator LpoB' 14594.638 1  ? ? 'LpoB C-terminal domain' ? 
2 water   nat water                                       18.015    27 ? ? ?                        ? 
# 
_entity_name_com.entity_id   1 
_entity_name_com.name        'PBP activator LpoB' 
# 
_entity_poly.entity_id                      1 
_entity_poly.type                           'polypeptide(L)' 
_entity_poly.nstd_linkage                   no 
_entity_poly.nstd_monomer                   yes 
_entity_poly.pdbx_seq_one_letter_code       
;YDWNGA(MSE)QPLVSK(MSE)LQADGVTAGSVLLVDSVNNRTNGSLNANEATETLRNALANNGKFTLVSVQQLS(MSE)
AKQQLGLSPQDSLGTRSKAIGIARNVGAQYVLYSSASGNVNAPALQ(MSE)QL(MSE)LVQTGEIIWSGKGAVQQQ
;
_entity_poly.pdbx_seq_one_letter_code_can   
;YDWNGAMQPLVSKMLQADGVTAGSVLLVDSVNNRTNGSLNANEATETLRNALANNGKFTLVSVQQLSMAKQQLGLSPQDS
LGTRSKAIGIARNVGAQYVLYSSASGNVNAPALQMQLMLVQTGEIIWSGKGAVQQQ
;
_entity_poly.pdbx_strand_id                 A 
_entity_poly.pdbx_target_identifier         ? 
# 
_pdbx_entity_nonpoly.entity_id   2 
_pdbx_entity_nonpoly.name        water 
_pdbx_entity_nonpoly.comp_id     HOH 
# 
loop_
_entity_poly_seq.entity_id 
_entity_poly_seq.num 
_entity_poly_seq.mon_id 
_entity_poly_seq.hetero 
1 1   TYR n 
1 2   ASP n 
1 3   TRP n 
1 4   ASN n 
1 5   GLY n 
1 6   ALA n 
1 7   MSE n 
1 8   GLN n 
1 9   PRO n 
1 10  LEU n 
1 11  VAL n 
1 12  SER n 
1 13  LYS n 
1 14  MSE n 
1 15  LEU n 
1 16  GLN n 
1 17  ALA n 
1 18  ASP n 
1 19  GLY n 
1 20  VAL n 
1 21  THR n 
1 22  ALA n 
1 23  GLY n 
1 24  SER n 
1 25  VAL n 
1 26  LEU n 
1 27  LEU n 
1 28  VAL n 
1 29  ASP n 
1 30  SER n 
1 31  VAL n 
1 32  ASN n 
1 33  ASN n 
1 34  ARG n 
1 35  THR n 
1 36  ASN n 
1 37  GLY n 
1 38  SER n 
1 39  LEU n 
1 40  ASN n 
1 41  ALA n 
1 42  ASN n 
1 43  GLU n 
1 44  ALA n 
1 45  THR n 
1 46  GLU n 
1 47  THR n 
1 48  LEU n 
1 49  ARG n 
1 50  ASN n 
1 51  ALA n 
1 52  LEU n 
1 53  ALA n 
1 54  ASN n 
1 55  ASN n 
1 56  GLY n 
1 57  LYS n 
1 58  PHE n 
1 59  THR n 
1 60  LEU n 
1 61  VAL n 
1 62  SER n 
1 63  VAL n 
1 64  GLN n 
1 65  GLN n 
1 66  LEU n 
1 67  SER n 
1 68  MSE n 
1 69  ALA n 
1 70  LYS n 
1 71  GLN n 
1 72  GLN n 
1 73  LEU n 
1 74  GLY n 
1 75  LEU n 
1 76  SER n 
1 77  PRO n 
1 78  GLN n 
1 79  ASP n 
1 80  SER n 
1 81  LEU n 
1 82  GLY n 
1 83  THR n 
1 84  ARG n 
1 85  SER n 
1 86  LYS n 
1 87  ALA n 
1 88  ILE n 
1 89  GLY n 
1 90  ILE n 
1 91  ALA n 
1 92  ARG n 
1 93  ASN n 
1 94  VAL n 
1 95  GLY n 
1 96  ALA n 
1 97  GLN n 
1 98  TYR n 
1 99  VAL n 
1 100 LEU n 
1 101 TYR n 
1 102 SER n 
1 103 SER n 
1 104 ALA n 
1 105 SER n 
1 106 GLY n 
1 107 ASN n 
1 108 VAL n 
1 109 ASN n 
1 110 ALA n 
1 111 PRO n 
1 112 ALA n 
1 113 LEU n 
1 114 GLN n 
1 115 MSE n 
1 116 GLN n 
1 117 LEU n 
1 118 MSE n 
1 119 LEU n 
1 120 VAL n 
1 121 GLN n 
1 122 THR n 
1 123 GLY n 
1 124 GLU n 
1 125 ILE n 
1 126 ILE n 
1 127 TRP n 
1 128 SER n 
1 129 GLY n 
1 130 LYS n 
1 131 GLY n 
1 132 ALA n 
1 133 VAL n 
1 134 GLN n 
1 135 GLN n 
1 136 GLN n 
# 
_entity_src_gen.entity_id                          1 
_entity_src_gen.pdbx_src_id                        1 
_entity_src_gen.pdbx_alt_source_flag               sample 
_entity_src_gen.pdbx_seq_type                      ? 
_entity_src_gen.pdbx_beg_seq_num                   ? 
_entity_src_gen.pdbx_end_seq_num                   ? 
_entity_src_gen.gene_src_common_name               ? 
_entity_src_gen.gene_src_genus                     ? 
_entity_src_gen.pdbx_gene_src_gene                 'lpoB, STM1207' 
_entity_src_gen.gene_src_species                   ? 
_entity_src_gen.gene_src_strain                    'LT2 / SGSC1412 / ATCC 700720' 
_entity_src_gen.gene_src_tissue                    ? 
_entity_src_gen.gene_src_tissue_fraction           ? 
_entity_src_gen.gene_src_details                   ? 
_entity_src_gen.pdbx_gene_src_fragment             ? 
_entity_src_gen.pdbx_gene_src_scientific_name      'Salmonella enterica subsp. enterica serovar Typhimurium' 
_entity_src_gen.pdbx_gene_src_ncbi_taxonomy_id     99287 
_entity_src_gen.pdbx_gene_src_variant              ? 
_entity_src_gen.pdbx_gene_src_cell_line            ? 
_entity_src_gen.pdbx_gene_src_atcc                 ? 
_entity_src_gen.pdbx_gene_src_organ                ? 
_entity_src_gen.pdbx_gene_src_organelle            ? 
_entity_src_gen.pdbx_gene_src_cell                 ? 
_entity_src_gen.pdbx_gene_src_cellular_location    ? 
_entity_src_gen.host_org_common_name               ? 
_entity_src_gen.pdbx_host_org_scientific_name      'Escherichia coli' 
_entity_src_gen.pdbx_host_org_ncbi_taxonomy_id     562 
_entity_src_gen.host_org_genus                     ? 
_entity_src_gen.pdbx_host_org_gene                 ? 
_entity_src_gen.pdbx_host_org_organ                ? 
_entity_src_gen.host_org_species                   ? 
_entity_src_gen.pdbx_host_org_tissue               ? 
_entity_src_gen.pdbx_host_org_tissue_fraction      ? 
_entity_src_gen.pdbx_host_org_strain               ? 
_entity_src_gen.pdbx_host_org_variant              ? 
_entity_src_gen.pdbx_host_org_cell_line            ? 
_entity_src_gen.pdbx_host_org_atcc                 ? 
_entity_src_gen.pdbx_host_org_culture_collection   ? 
_entity_src_gen.pdbx_host_org_cell                 ? 
_entity_src_gen.pdbx_host_org_organelle            ? 
_entity_src_gen.pdbx_host_org_cellular_location    ? 
_entity_src_gen.pdbx_host_org_vector_type          ? 
_entity_src_gen.pdbx_host_org_vector               ? 
_entity_src_gen.host_org_details                   ? 
_entity_src_gen.expression_system_id               ? 
_entity_src_gen.plasmid_name                       ? 
_entity_src_gen.plasmid_details                    ? 
_entity_src_gen.pdbx_description                   ? 
# 
loop_
_chem_comp.id 
_chem_comp.type 
_chem_comp.mon_nstd_flag 
_chem_comp.name 
_chem_comp.pdbx_synonyms 
_chem_comp.formula 
_chem_comp.formula_weight 
ALA 'L-peptide linking' y ALANINE          ? 'C3 H7 N O2'     89.093  
ARG 'L-peptide linking' y ARGININE         ? 'C6 H15 N4 O2 1' 175.209 
ASN 'L-peptide linking' y ASPARAGINE       ? 'C4 H8 N2 O3'    132.118 
ASP 'L-peptide linking' y 'ASPARTIC ACID'  ? 'C4 H7 N O4'     133.103 
GLN 'L-peptide linking' y GLUTAMINE        ? 'C5 H10 N2 O3'   146.144 
GLU 'L-peptide linking' y 'GLUTAMIC ACID'  ? 'C5 H9 N O4'     147.129 
GLY 'peptide linking'   y GLYCINE          ? 'C2 H5 N O2'     75.067  
HOH non-polymer         . WATER            ? 'H2 O'           18.015  
ILE 'L-peptide linking' y ISOLEUCINE       ? 'C6 H13 N O2'    131.173 
LEU 'L-peptide linking' y LEUCINE          ? 'C6 H13 N O2'    131.173 
LYS 'L-peptide linking' y LYSINE           ? 'C6 H15 N2 O2 1' 147.195 
MSE 'L-peptide linking' n SELENOMETHIONINE ? 'C5 H11 N O2 Se' 196.106 
PHE 'L-peptide linking' y PHENYLALANINE    ? 'C9 H11 N O2'    165.189 
PRO 'L-peptide linking' y PROLINE          ? 'C5 H9 N O2'     115.130 
SER 'L-peptide linking' y SERINE           ? 'C3 H7 N O3'     105.093 
THR 'L-peptide linking' y THREONINE        ? 'C4 H9 N O3'     119.119 
TRP 'L-peptide linking' y TRYPTOPHAN       ? 'C11 H12 N2 O2'  204.225 
TYR 'L-peptide linking' y TYROSINE         ? 'C9 H11 N O3'    181.189 
VAL 'L-peptide linking' y VALINE           ? 'C5 H11 N O2'    117.146 
# 
loop_
_pdbx_poly_seq_scheme.asym_id 
_pdbx_poly_seq_scheme.entity_id 
_pdbx_poly_seq_scheme.seq_id 
_pdbx_poly_seq_scheme.mon_id 
_pdbx_poly_seq_scheme.ndb_seq_num 
_pdbx_poly_seq_scheme.pdb_seq_num 
_pdbx_poly_seq_scheme.auth_seq_num 
_pdbx_poly_seq_scheme.pdb_mon_id 
_pdbx_poly_seq_scheme.auth_mon_id 
_pdbx_poly_seq_scheme.pdb_strand_id 
_pdbx_poly_seq_scheme.pdb_ins_code 
_pdbx_poly_seq_scheme.hetero 
A 1 1   TYR 1   77  77  TYR TYR A . n 
A 1 2   ASP 2   78  78  ASP ASP A . n 
A 1 3   TRP 3   79  79  TRP TRP A . n 
A 1 4   ASN 4   80  80  ASN ASN A . n 
A 1 5   GLY 5   81  81  GLY GLY A . n 
A 1 6   ALA 6   82  82  ALA ALA A . n 
A 1 7   MSE 7   83  83  MSE MSE A . n 
A 1 8   GLN 8   84  84  GLN GLN A . n 
A 1 9   PRO 9   85  85  PRO PRO A . n 
A 1 10  LEU 10  86  86  LEU LEU A . n 
A 1 11  VAL 11  87  87  VAL VAL A . n 
A 1 12  SER 12  88  88  SER SER A . n 
A 1 13  LYS 13  89  89  LYS LYS A . n 
A 1 14  MSE 14  90  90  MSE MSE A . n 
A 1 15  LEU 15  91  91  LEU LEU A . n 
A 1 16  GLN 16  92  92  GLN GLN A . n 
A 1 17  ALA 17  93  93  ALA ALA A . n 
A 1 18  ASP 18  94  94  ASP ASP A . n 
A 1 19  GLY 19  95  95  GLY GLY A . n 
A 1 20  VAL 20  96  96  VAL VAL A . n 
A 1 21  THR 21  97  97  THR THR A . n 
A 1 22  ALA 22  98  98  ALA ALA A . n 
A 1 23  GLY 23  99  99  GLY GLY A . n 
A 1 24  SER 24  100 100 SER SER A . n 
A 1 25  VAL 25  101 101 VAL VAL A . n 
A 1 26  LEU 26  102 102 LEU LEU A . n 
A 1 27  LEU 27  103 103 LEU LEU A . n 
A 1 28  VAL 28  104 104 VAL VAL A . n 
A 1 29  ASP 29  105 105 ASP ASP A . n 
A 1 30  SER 30  106 106 SER SER A . n 
A 1 31  VAL 31  107 107 VAL VAL A . n 
A 1 32  ASN 32  108 108 ASN ASN A . n 
A 1 33  ASN 33  109 109 ASN ASN A . n 
A 1 34  ARG 34  110 110 ARG ARG A . n 
A 1 35  THR 35  111 111 THR THR A . n 
A 1 36  ASN 36  112 112 ASN ASN A . n 
A 1 37  GLY 37  113 113 GLY GLY A . n 
A 1 38  SER 38  114 114 SER SER A . n 
A 1 39  LEU 39  115 115 LEU LEU A . n 
A 1 40  ASN 40  116 116 ASN ASN A . n 
A 1 41  ALA 41  117 117 ALA ALA A . n 
A 1 42  ASN 42  118 118 ASN ASN A . n 
A 1 43  GLU 43  119 119 GLU GLU A . n 
A 1 44  ALA 44  120 120 ALA ALA A . n 
A 1 45  THR 45  121 121 THR THR A . n 
A 1 46  GLU 46  122 122 GLU GLU A . n 
A 1 47  THR 47  123 123 THR THR A . n 
A 1 48  LEU 48  124 124 LEU LEU A . n 
A 1 49  ARG 49  125 125 ARG ARG A . n 
A 1 50  ASN 50  126 126 ASN ASN A . n 
A 1 51  ALA 51  127 127 ALA ALA A . n 
A 1 52  LEU 52  128 128 LEU LEU A . n 
A 1 53  ALA 53  129 129 ALA ALA A . n 
A 1 54  ASN 54  130 130 ASN ASN A . n 
A 1 55  ASN 55  131 131 ASN ASN A . n 
A 1 56  GLY 56  132 132 GLY GLY A . n 
A 1 57  LYS 57  133 133 LYS LYS A . n 
A 1 58  PHE 58  134 134 PHE PHE A . n 
A 1 59  THR 59  135 135 THR THR A . n 
A 1 60  LEU 60  136 136 LEU LEU A . n 
A 1 61  VAL 61  137 137 VAL VAL A . n 
A 1 62  SER 62  138 138 SER SER A . n 
A 1 63  VAL 63  139 139 VAL VAL A . n 
A 1 64  GLN 64  140 140 GLN GLN A . n 
A 1 65  GLN 65  141 141 GLN GLN A . n 
A 1 66  LEU 66  142 142 LEU LEU A . n 
A 1 67  SER 67  143 143 SER SER A . n 
A 1 68  MSE 68  144 144 MSE MSE A . n 
A 1 69  ALA 69  145 145 ALA ALA A . n 
A 1 70  LYS 70  146 146 LYS LYS A . n 
A 1 71  GLN 71  147 147 GLN GLN A . n 
A 1 72  GLN 72  148 148 GLN GLN A . n 
A 1 73  LEU 73  149 149 LEU LEU A . n 
A 1 74  GLY 74  150 150 GLY GLY A . n 
A 1 75  LEU 75  151 151 LEU LEU A . n 
A 1 76  SER 76  152 152 SER SER A . n 
A 1 77  PRO 77  153 153 PRO PRO A . n 
A 1 78  GLN 78  154 154 GLN GLN A . n 
A 1 79  ASP 79  155 155 ASP ASP A . n 
A 1 80  SER 80  156 156 SER SER A . n 
A 1 81  LEU 81  157 157 LEU LEU A . n 
A 1 82  GLY 82  158 158 GLY GLY A . n 
A 1 83  THR 83  159 159 THR THR A . n 
A 1 84  ARG 84  160 160 ARG ARG A . n 
A 1 85  SER 85  161 161 SER SER A . n 
A 1 86  LYS 86  162 162 LYS LYS A . n 
A 1 87  ALA 87  163 163 ALA ALA A . n 
A 1 88  ILE 88  164 164 ILE ILE A . n 
A 1 89  GLY 89  165 165 GLY GLY A . n 
A 1 90  ILE 90  166 166 ILE ILE A . n 
A 1 91  ALA 91  167 167 ALA ALA A . n 
A 1 92  ARG 92  168 168 ARG ARG A . n 
A 1 93  ASN 93  169 169 ASN ASN A . n 
A 1 94  VAL 94  170 170 VAL VAL A . n 
A 1 95  GLY 95  171 171 GLY GLY A . n 
A 1 96  ALA 96  172 172 ALA ALA A . n 
A 1 97  GLN 97  173 173 GLN GLN A . n 
A 1 98  TYR 98  174 174 TYR TYR A . n 
A 1 99  VAL 99  175 175 VAL VAL A . n 
A 1 100 LEU 100 176 176 LEU LEU A . n 
A 1 101 TYR 101 177 177 TYR TYR A . n 
A 1 102 SER 102 178 178 SER SER A . n 
A 1 103 SER 103 179 179 SER SER A . n 
A 1 104 ALA 104 180 180 ALA ALA A . n 
A 1 105 SER 105 181 181 SER SER A . n 
A 1 106 GLY 106 182 182 GLY GLY A . n 
A 1 107 ASN 107 183 183 ASN ASN A . n 
A 1 108 VAL 108 184 184 VAL VAL A . n 
A 1 109 ASN 109 185 185 ASN ASN A . n 
A 1 110 ALA 110 186 186 ALA ALA A . n 
A 1 111 PRO 111 187 187 PRO PRO A . n 
A 1 112 ALA 112 188 188 ALA ALA A . n 
A 1 113 LEU 113 189 189 LEU LEU A . n 
A 1 114 GLN 114 190 190 GLN GLN A . n 
A 1 115 MSE 115 191 191 MSE MSE A . n 
A 1 116 GLN 116 192 192 GLN GLN A . n 
A 1 117 LEU 117 193 193 LEU LEU A . n 
A 1 118 MSE 118 194 194 MSE MSE A . n 
A 1 119 LEU 119 195 195 LEU LEU A . n 
A 1 120 VAL 120 196 196 VAL VAL A . n 
A 1 121 GLN 121 197 197 GLN GLN A . n 
A 1 122 THR 122 198 198 THR THR A . n 
A 1 123 GLY 123 199 199 GLY GLY A . n 
A 1 124 GLU 124 200 200 GLU GLU A . n 
A 1 125 ILE 125 201 201 ILE ILE A . n 
A 1 126 ILE 126 202 202 ILE ILE A . n 
A 1 127 TRP 127 203 203 TRP TRP A . n 
A 1 128 SER 128 204 204 SER SER A . n 
A 1 129 GLY 129 205 205 GLY GLY A . n 
A 1 130 LYS 130 206 206 LYS LYS A . n 
A 1 131 GLY 131 207 207 GLY GLY A . n 
A 1 132 ALA 132 208 208 ALA ALA A . n 
A 1 133 VAL 133 209 209 VAL VAL A . n 
A 1 134 GLN 134 210 210 GLN GLN A . n 
A 1 135 GLN 135 211 211 GLN GLN A . n 
A 1 136 GLN 136 212 ?   ?   ?   A . n 
# 
loop_
_pdbx_nonpoly_scheme.asym_id 
_pdbx_nonpoly_scheme.entity_id 
_pdbx_nonpoly_scheme.mon_id 
_pdbx_nonpoly_scheme.ndb_seq_num 
_pdbx_nonpoly_scheme.pdb_seq_num 
_pdbx_nonpoly_scheme.auth_seq_num 
_pdbx_nonpoly_scheme.pdb_mon_id 
_pdbx_nonpoly_scheme.auth_mon_id 
_pdbx_nonpoly_scheme.pdb_strand_id 
_pdbx_nonpoly_scheme.pdb_ins_code 
B 2 HOH 1  301 1  HOH HOH A . 
B 2 HOH 2  302 2  HOH HOH A . 
B 2 HOH 3  303 3  HOH HOH A . 
B 2 HOH 4  304 4  HOH HOH A . 
B 2 HOH 5  305 5  HOH HOH A . 
B 2 HOH 6  306 6  HOH HOH A . 
B 2 HOH 7  307 7  HOH HOH A . 
B 2 HOH 8  308 9  HOH HOH A . 
B 2 HOH 9  309 10 HOH HOH A . 
B 2 HOH 10 310 11 HOH HOH A . 
B 2 HOH 11 311 15 HOH HOH A . 
B 2 HOH 12 312 16 HOH HOH A . 
B 2 HOH 13 313 17 HOH HOH A . 
B 2 HOH 14 314 18 HOH HOH A . 
B 2 HOH 15 315 19 HOH HOH A . 
B 2 HOH 16 316 20 HOH HOH A . 
B 2 HOH 17 317 21 HOH HOH A . 
B 2 HOH 18 318 23 HOH HOH A . 
B 2 HOH 19 319 25 HOH HOH A . 
B 2 HOH 20 320 26 HOH HOH A . 
B 2 HOH 21 321 27 HOH HOH A . 
B 2 HOH 22 322 28 HOH HOH A . 
B 2 HOH 23 323 29 HOH HOH A . 
B 2 HOH 24 324 30 HOH HOH A . 
B 2 HOH 25 325 31 HOH HOH A . 
B 2 HOH 26 326 32 HOH HOH A . 
B 2 HOH 27 327 33 HOH HOH A . 
# 
loop_
_software.name 
_software.classification 
_software.version 
_software.citation_id 
_software.pdbx_ordinal 
MxDC   'data collection' .        ? 1 
PHASER phasing           EP       ? 2 
REFMAC refinement        5.8.0069 ? 3 
MOSFLM 'data reduction'  .        ? 4 
SCALA  'data scaling'    .        ? 5 
# 
_cell.entry_id           4Q6V 
_cell.length_a           29.350 
_cell.length_b           37.930 
_cell.length_c           98.590 
_cell.angle_alpha        90.00 
_cell.angle_beta         90.00 
_cell.angle_gamma        90.00 
_cell.Z_PDB              4 
_cell.pdbx_unique_axis   ? 
_cell.length_a_esd       ? 
_cell.length_b_esd       ? 
_cell.length_c_esd       ? 
_cell.angle_alpha_esd    ? 
_cell.angle_beta_esd     ? 
_cell.angle_gamma_esd    ? 
# 
_symmetry.entry_id                         4Q6V 
_symmetry.space_group_name_H-M             'P 21 21 21' 
_symmetry.pdbx_full_space_group_name_H-M   ? 
_symmetry.cell_setting                     ? 
_symmetry.Int_Tables_number                19 
_symmetry.space_group_name_Hall            ? 
# 
_exptl.entry_id          4Q6V 
_exptl.method            'X-RAY DIFFRACTION' 
_exptl.crystals_number   1 
# 
_exptl_crystal.id                    1 
_exptl_crystal.density_meas          ? 
_exptl_crystal.density_Matthews      1.88 
_exptl_crystal.density_percent_sol   34.58 
_exptl_crystal.description           ? 
_exptl_crystal.F_000                 ? 
_exptl_crystal.preparation           ? 
# 
_exptl_crystal_grow.crystal_id      1 
_exptl_crystal_grow.method          'VAPOR DIFFUSION, SITTING DROP' 
_exptl_crystal_grow.temp            298.15 
_exptl_crystal_grow.temp_details    ? 
_exptl_crystal_grow.pH              4.6 
_exptl_crystal_grow.pdbx_details    '0.1M NaAc pH4.6, 2M ammonium sulfate, VAPOR DIFFUSION, SITTING DROP, temperature 298.15K' 
_exptl_crystal_grow.pdbx_pH_range   ? 
# 
_diffrn.id                     1 
_diffrn.ambient_temp           100 
_diffrn.ambient_temp_details   ? 
_diffrn.crystal_id             1 
# 
_diffrn_detector.diffrn_id              1 
_diffrn_detector.detector               CCD 
_diffrn_detector.type                   'RAYONIX MX300HE' 
_diffrn_detector.pdbx_collection_date   2012-06-01 
_diffrn_detector.details                ? 
# 
_diffrn_radiation.diffrn_id                        1 
_diffrn_radiation.wavelength_id                    1 
_diffrn_radiation.pdbx_monochromatic_or_laue_m_l   M 
_diffrn_radiation.monochromator                    'KOHZU double crystal monochromator (DCM)' 
_diffrn_radiation.pdbx_diffrn_protocol             'SINGLE WAVELENGTH' 
_diffrn_radiation.pdbx_scattering_type             x-ray 
# 
_diffrn_radiation_wavelength.id           1 
_diffrn_radiation_wavelength.wavelength   0.9795 
_diffrn_radiation_wavelength.wt           1.0 
# 
_diffrn_source.diffrn_id                   1 
_diffrn_source.source                      SYNCHROTRON 
_diffrn_source.type                        'CLSI BEAMLINE 08B1-1' 
_diffrn_source.pdbx_synchrotron_site       CLSI 
_diffrn_source.pdbx_synchrotron_beamline   08B1-1 
_diffrn_source.pdbx_wavelength             ? 
_diffrn_source.pdbx_wavelength_list        0.9795 
# 
_reflns.entry_id                     4Q6V 
_reflns.observed_criterion_sigma_I   ? 
_reflns.observed_criterion_sigma_F   ? 
_reflns.d_resolution_low             49.30 
_reflns.d_resolution_high            1.97 
_reflns.number_obs                   8206 
_reflns.number_all                   8231 
_reflns.percent_possible_obs         99.7 
_reflns.pdbx_Rmerge_I_obs            ? 
_reflns.pdbx_Rsym_value              ? 
_reflns.pdbx_netI_over_sigmaI        ? 
_reflns.B_iso_Wilson_estimate        ? 
_reflns.pdbx_redundancy              ? 
_reflns.R_free_details               ? 
_reflns.limit_h_max                  ? 
_reflns.limit_h_min                  ? 
_reflns.limit_k_max                  ? 
_reflns.limit_k_min                  ? 
_reflns.limit_l_max                  ? 
_reflns.limit_l_min                  ? 
_reflns.observed_criterion_F_max     ? 
_reflns.observed_criterion_F_min     ? 
_reflns.pdbx_chi_squared             ? 
_reflns.pdbx_scaling_rejects         ? 
_reflns.pdbx_ordinal                 1 
_reflns.pdbx_diffrn_id               1 
# 
_reflns_shell.d_res_high             1.97 
_reflns_shell.d_res_low              2.04 
_reflns_shell.percent_possible_all   98.2 
_reflns_shell.Rmerge_I_obs           ? 
_reflns_shell.pdbx_Rsym_value        ? 
_reflns_shell.meanI_over_sigI_obs    ? 
_reflns_shell.pdbx_redundancy        ? 
_reflns_shell.percent_possible_obs   ? 
_reflns_shell.number_unique_all      ? 
_reflns_shell.number_measured_all    ? 
_reflns_shell.number_measured_obs    ? 
_reflns_shell.number_unique_obs      ? 
_reflns_shell.pdbx_chi_squared       ? 
_reflns_shell.pdbx_ordinal           1 
_reflns_shell.pdbx_diffrn_id         1 
# 
_refine.entry_id                                 4Q6V 
_refine.ls_number_reflns_obs                     7824 
_refine.ls_number_reflns_all                     ? 
_refine.pdbx_ls_sigma_I                          ? 
_refine.pdbx_ls_sigma_F                          . 
_refine.pdbx_data_cutoff_high_absF               ? 
_refine.pdbx_data_cutoff_low_absF                ? 
_refine.pdbx_data_cutoff_high_rms_absF           ? 
_refine.ls_d_res_low                             49.30 
_refine.ls_d_res_high                            1.97 
_refine.ls_percent_reflns_obs                    99.71 
_refine.ls_R_factor_obs                          0.22328 
_refine.ls_R_factor_all                          ? 
_refine.ls_R_factor_R_work                       0.22024 
_refine.ls_R_factor_R_free                       0.29029 
_refine.ls_R_factor_R_free_error                 ? 
_refine.ls_R_factor_R_free_error_details         ? 
_refine.ls_percent_reflns_R_free                 4.6 
_refine.ls_number_reflns_R_free                  381 
_refine.ls_number_parameters                     ? 
_refine.ls_number_restraints                     ? 
_refine.occupancy_min                            ? 
_refine.occupancy_max                            ? 
_refine.correlation_coeff_Fo_to_Fc               0.939 
_refine.correlation_coeff_Fo_to_Fc_free          0.885 
_refine.B_iso_mean                               28.992 
_refine.aniso_B[1][1]                            1.08 
_refine.aniso_B[2][2]                            -3.08 
_refine.aniso_B[3][3]                            2.00 
_refine.aniso_B[1][2]                            0.00 
_refine.aniso_B[1][3]                            0.00 
_refine.aniso_B[2][3]                            0.00 
_refine.solvent_model_details                    MASK 
_refine.solvent_model_param_ksol                 ? 
_refine.solvent_model_param_bsol                 ? 
_refine.pdbx_solvent_vdw_probe_radii             1.20 
_refine.pdbx_solvent_ion_probe_radii             0.80 
_refine.pdbx_solvent_shrinkage_radii             0.80 
_refine.pdbx_ls_cross_valid_method               THROUGHOUT 
_refine.details                                  'HYDROGENS HAVE BEEN ADDED IN THE RIDING POSITIONS' 
_refine.pdbx_starting_model                      ? 
_refine.pdbx_method_to_determine_struct          SAD 
_refine.pdbx_isotropic_thermal_model             ? 
_refine.pdbx_stereochemistry_target_values       'MAXIMUM LIKELIHOOD' 
_refine.pdbx_stereochem_target_val_spec_case     ? 
_refine.pdbx_R_Free_selection_details            RANDOM 
_refine.pdbx_overall_ESU_R                       0.231 
_refine.pdbx_overall_ESU_R_Free                  0.211 
_refine.overall_SU_ML                            0.183 
_refine.pdbx_overall_phase_error                 ? 
_refine.overall_SU_B                             6.773 
_refine.overall_SU_R_Cruickshank_DPI             ? 
_refine.ls_redundancy_reflns_obs                 ? 
_refine.B_iso_min                                ? 
_refine.B_iso_max                                ? 
_refine.overall_SU_R_free                        ? 
_refine.ls_wR_factor_R_free                      ? 
_refine.ls_wR_factor_R_work                      ? 
_refine.overall_FOM_free_R_set                   ? 
_refine.overall_FOM_work_R_set                   ? 
_refine.pdbx_diffrn_id                           1 
_refine.pdbx_refine_id                           'X-RAY DIFFRACTION' 
_refine.pdbx_TLS_residual_ADP_flag               ? 
_refine.pdbx_overall_SU_R_free_Cruickshank_DPI   ? 
_refine.pdbx_overall_SU_R_Blow_DPI               ? 
_refine.pdbx_overall_SU_R_free_Blow_DPI          ? 
# 
_refine_hist.pdbx_refine_id                   'X-RAY DIFFRACTION' 
_refine_hist.cycle_id                         LAST 
_refine_hist.pdbx_number_atoms_protein        995 
_refine_hist.pdbx_number_atoms_nucleic_acid   0 
_refine_hist.pdbx_number_atoms_ligand         0 
_refine_hist.number_atoms_solvent             27 
_refine_hist.number_atoms_total               1022 
_refine_hist.d_res_high                       1.97 
_refine_hist.d_res_low                        49.30 
# 
loop_
_refine_ls_restr.type 
_refine_ls_restr.dev_ideal 
_refine_ls_restr.dev_ideal_target 
_refine_ls_restr.weight 
_refine_ls_restr.number 
_refine_ls_restr.pdbx_restraint_function 
_refine_ls_restr.pdbx_refine_id 
r_bond_refined_d       0.012 0.019  ? 1005 ? 'X-RAY DIFFRACTION' 
r_bond_other_d         0.007 0.020  ? 984  ? 'X-RAY DIFFRACTION' 
r_angle_refined_deg    1.410 1.968  ? 1362 ? 'X-RAY DIFFRACTION' 
r_angle_other_deg      1.274 3.000  ? 2247 ? 'X-RAY DIFFRACTION' 
r_chiral_restr         0.080 0.200  ? 161  ? 'X-RAY DIFFRACTION' 
r_gen_planes_refined   0.006 0.020  ? 1190 ? 'X-RAY DIFFRACTION' 
r_gen_planes_other     0.002 0.020  ? 226  ? 'X-RAY DIFFRACTION' 
r_mcbond_it            2.556 2.664  ? 539  ? 'X-RAY DIFFRACTION' 
r_mcbond_other         2.545 2.662  ? 538  ? 'X-RAY DIFFRACTION' 
r_mcangle_it           3.779 3.984  ? 672  ? 'X-RAY DIFFRACTION' 
r_mcangle_other        3.777 3.987  ? 673  ? 'X-RAY DIFFRACTION' 
r_scbond_it            3.844 3.144  ? 466  ? 'X-RAY DIFFRACTION' 
r_scbond_other         3.840 3.148  ? 467  ? 'X-RAY DIFFRACTION' 
r_scangle_other        6.068 4.536  ? 691  ? 'X-RAY DIFFRACTION' 
r_long_range_B_refined 7.691 28.349 ? 780  ? 'X-RAY DIFFRACTION' 
r_long_range_B_other   7.691 28.367 ? 780  ? 'X-RAY DIFFRACTION' 
# 
_refine_ls_shell.pdbx_total_number_of_bins_used   20 
_refine_ls_shell.d_res_high                       1.974 
_refine_ls_shell.d_res_low                        2.025 
_refine_ls_shell.number_reflns_R_work             537 
_refine_ls_shell.R_factor_R_work                  0.280 
_refine_ls_shell.percent_reflns_obs               97.77 
_refine_ls_shell.R_factor_R_free                  0.314 
_refine_ls_shell.R_factor_R_free_error            ? 
_refine_ls_shell.percent_reflns_R_free            ? 
_refine_ls_shell.number_reflns_R_free             32 
_refine_ls_shell.number_reflns_all                ? 
_refine_ls_shell.R_factor_all                     ? 
_refine_ls_shell.number_reflns_obs                ? 
_refine_ls_shell.redundancy_reflns_obs            ? 
_refine_ls_shell.pdbx_refine_id                   'X-RAY DIFFRACTION' 
# 
_struct.entry_id                  4Q6V 
_struct.title                     'LpoB C-terminal domain from Salmonella enterica (Sel-Met)' 
_struct.pdbx_model_details        ? 
_struct.pdbx_CASP_flag            ? 
_struct.pdbx_model_type_details   ? 
# 
_struct_keywords.entry_id        4Q6V 
_struct_keywords.pdbx_keywords   'PROTEIN BINDING' 
_struct_keywords.text            
'mixed alpha-beta, Lipoprotein, Activator of PBP1b, PBP1b, lipidation, outer-membrane, PROTEIN BINDING' 
# 
loop_
_struct_asym.id 
_struct_asym.pdbx_blank_PDB_chainid_flag 
_struct_asym.pdbx_modified 
_struct_asym.entity_id 
_struct_asym.details 
A N N 1 ? 
B N N 2 ? 
# 
_struct_ref.id                         1 
_struct_ref.db_name                    UNP 
_struct_ref.db_code                    LPOB_SALTY 
_struct_ref.pdbx_db_accession          Q8ZQ08 
_struct_ref.entity_id                  1 
_struct_ref.pdbx_seq_one_letter_code   
;YDWNGAMQPLVSKMLQADGVTAGSVLLVDSVNNRTNGSLNANEATETLRNALANNGKFTLVSVQQLSMAKQQLGLSPQDS
LGTRSKAIGIARNVGAQYVLYSSASGNVNAPALQMQLMLVQTGEIIWSGKGAVQQQ
;
_struct_ref.pdbx_align_begin           77 
_struct_ref.pdbx_db_isoform            ? 
# 
_struct_ref_seq.align_id                      1 
_struct_ref_seq.ref_id                        1 
_struct_ref_seq.pdbx_PDB_id_code              4Q6V 
_struct_ref_seq.pdbx_strand_id                A 
_struct_ref_seq.seq_align_beg                 1 
_struct_ref_seq.pdbx_seq_align_beg_ins_code   ? 
_struct_ref_seq.seq_align_end                 136 
_struct_ref_seq.pdbx_seq_align_end_ins_code   ? 
_struct_ref_seq.pdbx_db_accession             Q8ZQ08 
_struct_ref_seq.db_align_beg                  77 
_struct_ref_seq.pdbx_db_align_beg_ins_code    ? 
_struct_ref_seq.db_align_end                  212 
_struct_ref_seq.pdbx_db_align_end_ins_code    ? 
_struct_ref_seq.pdbx_auth_seq_align_beg       77 
_struct_ref_seq.pdbx_auth_seq_align_end       212 
# 
_pdbx_struct_assembly.id                   1 
_pdbx_struct_assembly.details              author_and_software_defined_assembly 
_pdbx_struct_assembly.method_details       PISA 
_pdbx_struct_assembly.oligomeric_details   monomeric 
_pdbx_struct_assembly.oligomeric_count     1 
# 
_pdbx_struct_assembly_gen.assembly_id       1 
_pdbx_struct_assembly_gen.oper_expression   1 
_pdbx_struct_assembly_gen.asym_id_list      A,B 
# 
_pdbx_struct_oper_list.id                   1 
_pdbx_struct_oper_list.type                 'identity operation' 
_pdbx_struct_oper_list.name                 1_555 
_pdbx_struct_oper_list.symmetry_operation   x,y,z 
_pdbx_struct_oper_list.matrix[1][1]         1.0000000000 
_pdbx_struct_oper_list.matrix[1][2]         0.0000000000 
_pdbx_struct_oper_list.matrix[1][3]         0.0000000000 
_pdbx_struct_oper_list.vector[1]            0.0000000000 
_pdbx_struct_oper_list.matrix[2][1]         0.0000000000 
_pdbx_struct_oper_list.matrix[2][2]         1.0000000000 
_pdbx_struct_oper_list.matrix[2][3]         0.0000000000 
_pdbx_struct_oper_list.vector[2]            0.0000000000 
_pdbx_struct_oper_list.matrix[3][1]         0.0000000000 
_pdbx_struct_oper_list.matrix[3][2]         0.0000000000 
_pdbx_struct_oper_list.matrix[3][3]         1.0000000000 
_pdbx_struct_oper_list.vector[3]            0.0000000000 
# 
_struct_biol.id        1 
_struct_biol.details   ? 
# 
loop_
_struct_conf.conf_type_id 
_struct_conf.id 
_struct_conf.pdbx_PDB_helix_id 
_struct_conf.beg_label_comp_id 
_struct_conf.beg_label_asym_id 
_struct_conf.beg_label_seq_id 
_struct_conf.pdbx_beg_PDB_ins_code 
_struct_conf.end_label_comp_id 
_struct_conf.end_label_asym_id 
_struct_conf.end_label_seq_id 
_struct_conf.pdbx_end_PDB_ins_code 
_struct_conf.beg_auth_comp_id 
_struct_conf.beg_auth_asym_id 
_struct_conf.beg_auth_seq_id 
_struct_conf.end_auth_comp_id 
_struct_conf.end_auth_asym_id 
_struct_conf.end_auth_seq_id 
_struct_conf.pdbx_PDB_helix_class 
_struct_conf.details 
_struct_conf.pdbx_PDB_helix_length 
HELX_P HELX_P1 1 ASP A 2  ? GLN A 16 ? ASP A 78  GLN A 92  1 ? 15 
HELX_P HELX_P2 2 ASN A 40 ? ASN A 55 ? ASN A 116 ASN A 131 1 ? 16 
HELX_P HELX_P3 3 SER A 62 ? LEU A 73 ? SER A 138 LEU A 149 1 ? 12 
HELX_P HELX_P4 4 THR A 83 ? GLY A 95 ? THR A 159 GLY A 171 1 ? 13 
# 
_struct_conf_type.id          HELX_P 
_struct_conf_type.criteria    ? 
_struct_conf_type.reference   ? 
# 
loop_
_struct_conn.id 
_struct_conn.conn_type_id 
_struct_conn.pdbx_leaving_atom_flag 
_struct_conn.pdbx_PDB_id 
_struct_conn.ptnr1_label_asym_id 
_struct_conn.ptnr1_label_comp_id 
_struct_conn.ptnr1_label_seq_id 
_struct_conn.ptnr1_label_atom_id 
_struct_conn.pdbx_ptnr1_label_alt_id 
_struct_conn.pdbx_ptnr1_PDB_ins_code 
_struct_conn.pdbx_ptnr1_standard_comp_id 
_struct_conn.ptnr1_symmetry 
_struct_conn.ptnr2_label_asym_id 
_struct_conn.ptnr2_label_comp_id 
_struct_conn.ptnr2_label_seq_id 
_struct_conn.ptnr2_label_atom_id 
_struct_conn.pdbx_ptnr2_label_alt_id 
_struct_conn.pdbx_ptnr2_PDB_ins_code 
_struct_conn.ptnr1_auth_asym_id 
_struct_conn.ptnr1_auth_comp_id 
_struct_conn.ptnr1_auth_seq_id 
_struct_conn.ptnr2_auth_asym_id 
_struct_conn.ptnr2_auth_comp_id 
_struct_conn.ptnr2_auth_seq_id 
_struct_conn.ptnr2_symmetry 
_struct_conn.pdbx_ptnr3_label_atom_id 
_struct_conn.pdbx_ptnr3_label_seq_id 
_struct_conn.pdbx_ptnr3_label_comp_id 
_struct_conn.pdbx_ptnr3_label_asym_id 
_struct_conn.pdbx_ptnr3_label_alt_id 
_struct_conn.pdbx_ptnr3_PDB_ins_code 
_struct_conn.details 
_struct_conn.pdbx_dist_value 
_struct_conn.pdbx_value_order 
_struct_conn.pdbx_role 
covale1  covale both ? A ALA 6   C ? ? ? 1_555 A MSE 7   N ? ? A ALA 82  A MSE 83  1_555 ? ? ? ? ? ? ? 1.332 ? ? 
covale2  covale both ? A MSE 7   C ? ? ? 1_555 A GLN 8   N ? ? A MSE 83  A GLN 84  1_555 ? ? ? ? ? ? ? 1.342 ? ? 
covale3  covale both ? A LYS 13  C ? ? ? 1_555 A MSE 14  N ? ? A LYS 89  A MSE 90  1_555 ? ? ? ? ? ? ? 1.334 ? ? 
covale4  covale both ? A MSE 14  C ? ? ? 1_555 A LEU 15  N ? ? A MSE 90  A LEU 91  1_555 ? ? ? ? ? ? ? 1.331 ? ? 
covale5  covale both ? A SER 67  C ? ? ? 1_555 A MSE 68  N ? ? A SER 143 A MSE 144 1_555 ? ? ? ? ? ? ? 1.329 ? ? 
covale6  covale both ? A MSE 68  C ? ? ? 1_555 A ALA 69  N ? ? A MSE 144 A ALA 145 1_555 ? ? ? ? ? ? ? 1.342 ? ? 
covale7  covale both ? A GLN 114 C ? ? ? 1_555 A MSE 115 N ? ? A GLN 190 A MSE 191 1_555 ? ? ? ? ? ? ? 1.325 ? ? 
covale8  covale both ? A MSE 115 C ? ? ? 1_555 A GLN 116 N ? ? A MSE 191 A GLN 192 1_555 ? ? ? ? ? ? ? 1.330 ? ? 
covale9  covale both ? A LEU 117 C ? ? ? 1_555 A MSE 118 N ? ? A LEU 193 A MSE 194 1_555 ? ? ? ? ? ? ? 1.333 ? ? 
covale10 covale both ? A MSE 118 C ? ? ? 1_555 A LEU 119 N ? ? A MSE 194 A LEU 195 1_555 ? ? ? ? ? ? ? 1.324 ? ? 
# 
_struct_conn_type.id          covale 
_struct_conn_type.criteria    ? 
_struct_conn_type.reference   ? 
# 
loop_
_pdbx_modification_feature.ordinal 
_pdbx_modification_feature.label_comp_id 
_pdbx_modification_feature.label_asym_id 
_pdbx_modification_feature.label_seq_id 
_pdbx_modification_feature.label_alt_id 
_pdbx_modification_feature.modified_residue_label_comp_id 
_pdbx_modification_feature.modified_residue_label_asym_id 
_pdbx_modification_feature.modified_residue_label_seq_id 
_pdbx_modification_feature.modified_residue_label_alt_id 
_pdbx_modification_feature.auth_comp_id 
_pdbx_modification_feature.auth_asym_id 
_pdbx_modification_feature.auth_seq_id 
_pdbx_modification_feature.PDB_ins_code 
_pdbx_modification_feature.symmetry 
_pdbx_modification_feature.modified_residue_auth_comp_id 
_pdbx_modification_feature.modified_residue_auth_asym_id 
_pdbx_modification_feature.modified_residue_auth_seq_id 
_pdbx_modification_feature.modified_residue_PDB_ins_code 
_pdbx_modification_feature.modified_residue_symmetry 
_pdbx_modification_feature.comp_id_linking_atom 
_pdbx_modification_feature.modified_residue_id_linking_atom 
_pdbx_modification_feature.modified_residue_id 
_pdbx_modification_feature.ref_pcm_id 
_pdbx_modification_feature.ref_comp_id 
_pdbx_modification_feature.type 
_pdbx_modification_feature.category 
1 MSE A 7   ? . . . . MSE A 83  ? 1_555 . . . . . . . MET 1 MSE Selenomethionine 'Named protein modification' 
2 MSE A 14  ? . . . . MSE A 90  ? 1_555 . . . . . . . MET 1 MSE Selenomethionine 'Named protein modification' 
3 MSE A 68  ? . . . . MSE A 144 ? 1_555 . . . . . . . MET 1 MSE Selenomethionine 'Named protein modification' 
4 MSE A 115 ? . . . . MSE A 191 ? 1_555 . . . . . . . MET 1 MSE Selenomethionine 'Named protein modification' 
5 MSE A 118 ? . . . . MSE A 194 ? 1_555 . . . . . . . MET 1 MSE Selenomethionine 'Named protein modification' 
# 
loop_
_struct_sheet.id 
_struct_sheet.type 
_struct_sheet.number_strands 
_struct_sheet.details 
A ? 4 ? 
B ? 4 ? 
# 
loop_
_struct_sheet_order.sheet_id 
_struct_sheet_order.range_id_1 
_struct_sheet_order.range_id_2 
_struct_sheet_order.offset 
_struct_sheet_order.sense 
A 1 2 ? parallel      
A 2 3 ? parallel      
A 3 4 ? parallel      
B 1 2 ? parallel      
B 2 3 ? anti-parallel 
B 3 4 ? anti-parallel 
# 
loop_
_struct_sheet_range.sheet_id 
_struct_sheet_range.id 
_struct_sheet_range.beg_label_comp_id 
_struct_sheet_range.beg_label_asym_id 
_struct_sheet_range.beg_label_seq_id 
_struct_sheet_range.pdbx_beg_PDB_ins_code 
_struct_sheet_range.end_label_comp_id 
_struct_sheet_range.end_label_asym_id 
_struct_sheet_range.end_label_seq_id 
_struct_sheet_range.pdbx_end_PDB_ins_code 
_struct_sheet_range.beg_auth_comp_id 
_struct_sheet_range.beg_auth_asym_id 
_struct_sheet_range.beg_auth_seq_id 
_struct_sheet_range.end_auth_comp_id 
_struct_sheet_range.end_auth_asym_id 
_struct_sheet_range.end_auth_seq_id 
A 1 ASN A 32  ? THR A 35  ? ASN A 108 THR A 111 
A 2 TYR A 98  ? GLY A 106 ? TYR A 174 GLY A 182 
A 3 VAL A 25  ? VAL A 28  ? VAL A 101 VAL A 104 
A 4 THR A 59  ? LEU A 60  ? THR A 135 LEU A 136 
B 1 ASN A 32  ? THR A 35  ? ASN A 108 THR A 111 
B 2 TYR A 98  ? GLY A 106 ? TYR A 174 GLY A 182 
B 3 ALA A 112 ? LEU A 119 ? ALA A 188 LEU A 195 
B 4 ILE A 125 ? ALA A 132 ? ILE A 201 ALA A 208 
# 
loop_
_pdbx_struct_sheet_hbond.sheet_id 
_pdbx_struct_sheet_hbond.range_id_1 
_pdbx_struct_sheet_hbond.range_id_2 
_pdbx_struct_sheet_hbond.range_1_label_atom_id 
_pdbx_struct_sheet_hbond.range_1_label_comp_id 
_pdbx_struct_sheet_hbond.range_1_label_asym_id 
_pdbx_struct_sheet_hbond.range_1_label_seq_id 
_pdbx_struct_sheet_hbond.range_1_PDB_ins_code 
_pdbx_struct_sheet_hbond.range_1_auth_atom_id 
_pdbx_struct_sheet_hbond.range_1_auth_comp_id 
_pdbx_struct_sheet_hbond.range_1_auth_asym_id 
_pdbx_struct_sheet_hbond.range_1_auth_seq_id 
_pdbx_struct_sheet_hbond.range_2_label_atom_id 
_pdbx_struct_sheet_hbond.range_2_label_comp_id 
_pdbx_struct_sheet_hbond.range_2_label_asym_id 
_pdbx_struct_sheet_hbond.range_2_label_seq_id 
_pdbx_struct_sheet_hbond.range_2_PDB_ins_code 
_pdbx_struct_sheet_hbond.range_2_auth_atom_id 
_pdbx_struct_sheet_hbond.range_2_auth_comp_id 
_pdbx_struct_sheet_hbond.range_2_auth_asym_id 
_pdbx_struct_sheet_hbond.range_2_auth_seq_id 
A 1 2 N ARG A 34  ? N ARG A 110 O ALA A 104 ? O ALA A 180 
A 2 3 O LEU A 100 ? O LEU A 176 N LEU A 27  ? N LEU A 103 
A 3 4 N LEU A 26  ? N LEU A 102 O THR A 59  ? O THR A 135 
B 1 2 N ARG A 34  ? N ARG A 110 O ALA A 104 ? O ALA A 180 
B 2 3 N VAL A 99  ? N VAL A 175 O MSE A 118 ? O MSE A 194 
B 3 4 N MSE A 115 ? N MSE A 191 O GLY A 129 ? O GLY A 205 
# 
_pdbx_entry_details.entry_id                   4Q6V 
_pdbx_entry_details.compound_details           ? 
_pdbx_entry_details.source_details             ? 
_pdbx_entry_details.nonpolymer_details         ? 
_pdbx_entry_details.sequence_details           ? 
_pdbx_entry_details.has_ligand_of_interest     ? 
_pdbx_entry_details.has_protein_modification   Y 
# 
loop_
_pdbx_validate_symm_contact.id 
_pdbx_validate_symm_contact.PDB_model_num 
_pdbx_validate_symm_contact.auth_atom_id_1 
_pdbx_validate_symm_contact.auth_asym_id_1 
_pdbx_validate_symm_contact.auth_comp_id_1 
_pdbx_validate_symm_contact.auth_seq_id_1 
_pdbx_validate_symm_contact.PDB_ins_code_1 
_pdbx_validate_symm_contact.label_alt_id_1 
_pdbx_validate_symm_contact.site_symmetry_1 
_pdbx_validate_symm_contact.auth_atom_id_2 
_pdbx_validate_symm_contact.auth_asym_id_2 
_pdbx_validate_symm_contact.auth_comp_id_2 
_pdbx_validate_symm_contact.auth_seq_id_2 
_pdbx_validate_symm_contact.PDB_ins_code_2 
_pdbx_validate_symm_contact.label_alt_id_2 
_pdbx_validate_symm_contact.site_symmetry_2 
_pdbx_validate_symm_contact.dist 
1 1 O A HOH 305 ? ? 1_555 O A HOH 315 ? ? 1_655 1.33 
2 1 O A HOH 308 ? ? 1_555 O A HOH 311 ? ? 3_647 1.53 
# 
_pdbx_validate_torsion.id              1 
_pdbx_validate_torsion.PDB_model_num   1 
_pdbx_validate_torsion.auth_comp_id    ALA 
_pdbx_validate_torsion.auth_asym_id    A 
_pdbx_validate_torsion.auth_seq_id     186 
_pdbx_validate_torsion.PDB_ins_code    ? 
_pdbx_validate_torsion.label_alt_id    ? 
_pdbx_validate_torsion.phi             -149.99 
_pdbx_validate_torsion.psi             53.46 
# 
loop_
_pdbx_struct_mod_residue.id 
_pdbx_struct_mod_residue.label_asym_id 
_pdbx_struct_mod_residue.label_comp_id 
_pdbx_struct_mod_residue.label_seq_id 
_pdbx_struct_mod_residue.auth_asym_id 
_pdbx_struct_mod_residue.auth_comp_id 
_pdbx_struct_mod_residue.auth_seq_id 
_pdbx_struct_mod_residue.PDB_ins_code 
_pdbx_struct_mod_residue.parent_comp_id 
_pdbx_struct_mod_residue.details 
1 A MSE 7   A MSE 83  ? MET SELENOMETHIONINE 
2 A MSE 14  A MSE 90  ? MET SELENOMETHIONINE 
3 A MSE 68  A MSE 144 ? MET SELENOMETHIONINE 
4 A MSE 115 A MSE 191 ? MET SELENOMETHIONINE 
5 A MSE 118 A MSE 194 ? MET SELENOMETHIONINE 
# 
_pdbx_unobs_or_zero_occ_residues.id               1 
_pdbx_unobs_or_zero_occ_residues.PDB_model_num    1 
_pdbx_unobs_or_zero_occ_residues.polymer_flag     Y 
_pdbx_unobs_or_zero_occ_residues.occupancy_flag   1 
_pdbx_unobs_or_zero_occ_residues.auth_asym_id     A 
_pdbx_unobs_or_zero_occ_residues.auth_comp_id     GLN 
_pdbx_unobs_or_zero_occ_residues.auth_seq_id      212 
_pdbx_unobs_or_zero_occ_residues.PDB_ins_code     ? 
_pdbx_unobs_or_zero_occ_residues.label_asym_id    A 
_pdbx_unobs_or_zero_occ_residues.label_comp_id    GLN 
_pdbx_unobs_or_zero_occ_residues.label_seq_id     136 
# 
loop_
_chem_comp_atom.comp_id 
_chem_comp_atom.atom_id 
_chem_comp_atom.type_symbol 
_chem_comp_atom.pdbx_aromatic_flag 
_chem_comp_atom.pdbx_stereo_config 
_chem_comp_atom.pdbx_ordinal 
ALA N    N  N N 1   
ALA CA   C  N S 2   
ALA C    C  N N 3   
ALA O    O  N N 4   
ALA CB   C  N N 5   
ALA OXT  O  N N 6   
ALA H    H  N N 7   
ALA H2   H  N N 8   
ALA HA   H  N N 9   
ALA HB1  H  N N 10  
ALA HB2  H  N N 11  
ALA HB3  H  N N 12  
ALA HXT  H  N N 13  
ARG N    N  N N 14  
ARG CA   C  N S 15  
ARG C    C  N N 16  
ARG O    O  N N 17  
ARG CB   C  N N 18  
ARG CG   C  N N 19  
ARG CD   C  N N 20  
ARG NE   N  N N 21  
ARG CZ   C  N N 22  
ARG NH1  N  N N 23  
ARG NH2  N  N N 24  
ARG OXT  O  N N 25  
ARG H    H  N N 26  
ARG H2   H  N N 27  
ARG HA   H  N N 28  
ARG HB2  H  N N 29  
ARG HB3  H  N N 30  
ARG HG2  H  N N 31  
ARG HG3  H  N N 32  
ARG HD2  H  N N 33  
ARG HD3  H  N N 34  
ARG HE   H  N N 35  
ARG HH11 H  N N 36  
ARG HH12 H  N N 37  
ARG HH21 H  N N 38  
ARG HH22 H  N N 39  
ARG HXT  H  N N 40  
ASN N    N  N N 41  
ASN CA   C  N S 42  
ASN C    C  N N 43  
ASN O    O  N N 44  
ASN CB   C  N N 45  
ASN CG   C  N N 46  
ASN OD1  O  N N 47  
ASN ND2  N  N N 48  
ASN OXT  O  N N 49  
ASN H    H  N N 50  
ASN H2   H  N N 51  
ASN HA   H  N N 52  
ASN HB2  H  N N 53  
ASN HB3  H  N N 54  
ASN HD21 H  N N 55  
ASN HD22 H  N N 56  
ASN HXT  H  N N 57  
ASP N    N  N N 58  
ASP CA   C  N S 59  
ASP C    C  N N 60  
ASP O    O  N N 61  
ASP CB   C  N N 62  
ASP CG   C  N N 63  
ASP OD1  O  N N 64  
ASP OD2  O  N N 65  
ASP OXT  O  N N 66  
ASP H    H  N N 67  
ASP H2   H  N N 68  
ASP HA   H  N N 69  
ASP HB2  H  N N 70  
ASP HB3  H  N N 71  
ASP HD2  H  N N 72  
ASP HXT  H  N N 73  
GLN N    N  N N 74  
GLN CA   C  N S 75  
GLN C    C  N N 76  
GLN O    O  N N 77  
GLN CB   C  N N 78  
GLN CG   C  N N 79  
GLN CD   C  N N 80  
GLN OE1  O  N N 81  
GLN NE2  N  N N 82  
GLN OXT  O  N N 83  
GLN H    H  N N 84  
GLN H2   H  N N 85  
GLN HA   H  N N 86  
GLN HB2  H  N N 87  
GLN HB3  H  N N 88  
GLN HG2  H  N N 89  
GLN HG3  H  N N 90  
GLN HE21 H  N N 91  
GLN HE22 H  N N 92  
GLN HXT  H  N N 93  
GLU N    N  N N 94  
GLU CA   C  N S 95  
GLU C    C  N N 96  
GLU O    O  N N 97  
GLU CB   C  N N 98  
GLU CG   C  N N 99  
GLU CD   C  N N 100 
GLU OE1  O  N N 101 
GLU OE2  O  N N 102 
GLU OXT  O  N N 103 
GLU H    H  N N 104 
GLU H2   H  N N 105 
GLU HA   H  N N 106 
GLU HB2  H  N N 107 
GLU HB3  H  N N 108 
GLU HG2  H  N N 109 
GLU HG3  H  N N 110 
GLU HE2  H  N N 111 
GLU HXT  H  N N 112 
GLY N    N  N N 113 
GLY CA   C  N N 114 
GLY C    C  N N 115 
GLY O    O  N N 116 
GLY OXT  O  N N 117 
GLY H    H  N N 118 
GLY H2   H  N N 119 
GLY HA2  H  N N 120 
GLY HA3  H  N N 121 
GLY HXT  H  N N 122 
HOH O    O  N N 123 
HOH H1   H  N N 124 
HOH H2   H  N N 125 
ILE N    N  N N 126 
ILE CA   C  N S 127 
ILE C    C  N N 128 
ILE O    O  N N 129 
ILE CB   C  N S 130 
ILE CG1  C  N N 131 
ILE CG2  C  N N 132 
ILE CD1  C  N N 133 
ILE OXT  O  N N 134 
ILE H    H  N N 135 
ILE H2   H  N N 136 
ILE HA   H  N N 137 
ILE HB   H  N N 138 
ILE HG12 H  N N 139 
ILE HG13 H  N N 140 
ILE HG21 H  N N 141 
ILE HG22 H  N N 142 
ILE HG23 H  N N 143 
ILE HD11 H  N N 144 
ILE HD12 H  N N 145 
ILE HD13 H  N N 146 
ILE HXT  H  N N 147 
LEU N    N  N N 148 
LEU CA   C  N S 149 
LEU C    C  N N 150 
LEU O    O  N N 151 
LEU CB   C  N N 152 
LEU CG   C  N N 153 
LEU CD1  C  N N 154 
LEU CD2  C  N N 155 
LEU OXT  O  N N 156 
LEU H    H  N N 157 
LEU H2   H  N N 158 
LEU HA   H  N N 159 
LEU HB2  H  N N 160 
LEU HB3  H  N N 161 
LEU HG   H  N N 162 
LEU HD11 H  N N 163 
LEU HD12 H  N N 164 
LEU HD13 H  N N 165 
LEU HD21 H  N N 166 
LEU HD22 H  N N 167 
LEU HD23 H  N N 168 
LEU HXT  H  N N 169 
LYS N    N  N N 170 
LYS CA   C  N S 171 
LYS C    C  N N 172 
LYS O    O  N N 173 
LYS CB   C  N N 174 
LYS CG   C  N N 175 
LYS CD   C  N N 176 
LYS CE   C  N N 177 
LYS NZ   N  N N 178 
LYS OXT  O  N N 179 
LYS H    H  N N 180 
LYS H2   H  N N 181 
LYS HA   H  N N 182 
LYS HB2  H  N N 183 
LYS HB3  H  N N 184 
LYS HG2  H  N N 185 
LYS HG3  H  N N 186 
LYS HD2  H  N N 187 
LYS HD3  H  N N 188 
LYS HE2  H  N N 189 
LYS HE3  H  N N 190 
LYS HZ1  H  N N 191 
LYS HZ2  H  N N 192 
LYS HZ3  H  N N 193 
LYS HXT  H  N N 194 
MSE N    N  N N 195 
MSE CA   C  N S 196 
MSE C    C  N N 197 
MSE O    O  N N 198 
MSE OXT  O  N N 199 
MSE CB   C  N N 200 
MSE CG   C  N N 201 
MSE SE   SE N N 202 
MSE CE   C  N N 203 
MSE H    H  N N 204 
MSE H2   H  N N 205 
MSE HA   H  N N 206 
MSE HXT  H  N N 207 
MSE HB2  H  N N 208 
MSE HB3  H  N N 209 
MSE HG2  H  N N 210 
MSE HG3  H  N N 211 
MSE HE1  H  N N 212 
MSE HE2  H  N N 213 
MSE HE3  H  N N 214 
PHE N    N  N N 215 
PHE CA   C  N S 216 
PHE C    C  N N 217 
PHE O    O  N N 218 
PHE CB   C  N N 219 
PHE CG   C  Y N 220 
PHE CD1  C  Y N 221 
PHE CD2  C  Y N 222 
PHE CE1  C  Y N 223 
PHE CE2  C  Y N 224 
PHE CZ   C  Y N 225 
PHE OXT  O  N N 226 
PHE H    H  N N 227 
PHE H2   H  N N 228 
PHE HA   H  N N 229 
PHE HB2  H  N N 230 
PHE HB3  H  N N 231 
PHE HD1  H  N N 232 
PHE HD2  H  N N 233 
PHE HE1  H  N N 234 
PHE HE2  H  N N 235 
PHE HZ   H  N N 236 
PHE HXT  H  N N 237 
PRO N    N  N N 238 
PRO CA   C  N S 239 
PRO C    C  N N 240 
PRO O    O  N N 241 
PRO CB   C  N N 242 
PRO CG   C  N N 243 
PRO CD   C  N N 244 
PRO OXT  O  N N 245 
PRO H    H  N N 246 
PRO HA   H  N N 247 
PRO HB2  H  N N 248 
PRO HB3  H  N N 249 
PRO HG2  H  N N 250 
PRO HG3  H  N N 251 
PRO HD2  H  N N 252 
PRO HD3  H  N N 253 
PRO HXT  H  N N 254 
SER N    N  N N 255 
SER CA   C  N S 256 
SER C    C  N N 257 
SER O    O  N N 258 
SER CB   C  N N 259 
SER OG   O  N N 260 
SER OXT  O  N N 261 
SER H    H  N N 262 
SER H2   H  N N 263 
SER HA   H  N N 264 
SER HB2  H  N N 265 
SER HB3  H  N N 266 
SER HG   H  N N 267 
SER HXT  H  N N 268 
THR N    N  N N 269 
THR CA   C  N S 270 
THR C    C  N N 271 
THR O    O  N N 272 
THR CB   C  N R 273 
THR OG1  O  N N 274 
THR CG2  C  N N 275 
THR OXT  O  N N 276 
THR H    H  N N 277 
THR H2   H  N N 278 
THR HA   H  N N 279 
THR HB   H  N N 280 
THR HG1  H  N N 281 
THR HG21 H  N N 282 
THR HG22 H  N N 283 
THR HG23 H  N N 284 
THR HXT  H  N N 285 
TRP N    N  N N 286 
TRP CA   C  N S 287 
TRP C    C  N N 288 
TRP O    O  N N 289 
TRP CB   C  N N 290 
TRP CG   C  Y N 291 
TRP CD1  C  Y N 292 
TRP CD2  C  Y N 293 
TRP NE1  N  Y N 294 
TRP CE2  C  Y N 295 
TRP CE3  C  Y N 296 
TRP CZ2  C  Y N 297 
TRP CZ3  C  Y N 298 
TRP CH2  C  Y N 299 
TRP OXT  O  N N 300 
TRP H    H  N N 301 
TRP H2   H  N N 302 
TRP HA   H  N N 303 
TRP HB2  H  N N 304 
TRP HB3  H  N N 305 
TRP HD1  H  N N 306 
TRP HE1  H  N N 307 
TRP HE3  H  N N 308 
TRP HZ2  H  N N 309 
TRP HZ3  H  N N 310 
TRP HH2  H  N N 311 
TRP HXT  H  N N 312 
TYR N    N  N N 313 
TYR CA   C  N S 314 
TYR C    C  N N 315 
TYR O    O  N N 316 
TYR CB   C  N N 317 
TYR CG   C  Y N 318 
TYR CD1  C  Y N 319 
TYR CD2  C  Y N 320 
TYR CE1  C  Y N 321 
TYR CE2  C  Y N 322 
TYR CZ   C  Y N 323 
TYR OH   O  N N 324 
TYR OXT  O  N N 325 
TYR H    H  N N 326 
TYR H2   H  N N 327 
TYR HA   H  N N 328 
TYR HB2  H  N N 329 
TYR HB3  H  N N 330 
TYR HD1  H  N N 331 
TYR HD2  H  N N 332 
TYR HE1  H  N N 333 
TYR HE2  H  N N 334 
TYR HH   H  N N 335 
TYR HXT  H  N N 336 
VAL N    N  N N 337 
VAL CA   C  N S 338 
VAL C    C  N N 339 
VAL O    O  N N 340 
VAL CB   C  N N 341 
VAL CG1  C  N N 342 
VAL CG2  C  N N 343 
VAL OXT  O  N N 344 
VAL H    H  N N 345 
VAL H2   H  N N 346 
VAL HA   H  N N 347 
VAL HB   H  N N 348 
VAL HG11 H  N N 349 
VAL HG12 H  N N 350 
VAL HG13 H  N N 351 
VAL HG21 H  N N 352 
VAL HG22 H  N N 353 
VAL HG23 H  N N 354 
VAL HXT  H  N N 355 
# 
loop_
_chem_comp_bond.comp_id 
_chem_comp_bond.atom_id_1 
_chem_comp_bond.atom_id_2 
_chem_comp_bond.value_order 
_chem_comp_bond.pdbx_aromatic_flag 
_chem_comp_bond.pdbx_stereo_config 
_chem_comp_bond.pdbx_ordinal 
ALA N   CA   sing N N 1   
ALA N   H    sing N N 2   
ALA N   H2   sing N N 3   
ALA CA  C    sing N N 4   
ALA CA  CB   sing N N 5   
ALA CA  HA   sing N N 6   
ALA C   O    doub N N 7   
ALA C   OXT  sing N N 8   
ALA CB  HB1  sing N N 9   
ALA CB  HB2  sing N N 10  
ALA CB  HB3  sing N N 11  
ALA OXT HXT  sing N N 12  
ARG N   CA   sing N N 13  
ARG N   H    sing N N 14  
ARG N   H2   sing N N 15  
ARG CA  C    sing N N 16  
ARG CA  CB   sing N N 17  
ARG CA  HA   sing N N 18  
ARG C   O    doub N N 19  
ARG C   OXT  sing N N 20  
ARG CB  CG   sing N N 21  
ARG CB  HB2  sing N N 22  
ARG CB  HB3  sing N N 23  
ARG CG  CD   sing N N 24  
ARG CG  HG2  sing N N 25  
ARG CG  HG3  sing N N 26  
ARG CD  NE   sing N N 27  
ARG CD  HD2  sing N N 28  
ARG CD  HD3  sing N N 29  
ARG NE  CZ   sing N N 30  
ARG NE  HE   sing N N 31  
ARG CZ  NH1  sing N N 32  
ARG CZ  NH2  doub N N 33  
ARG NH1 HH11 sing N N 34  
ARG NH1 HH12 sing N N 35  
ARG NH2 HH21 sing N N 36  
ARG NH2 HH22 sing N N 37  
ARG OXT HXT  sing N N 38  
ASN N   CA   sing N N 39  
ASN N   H    sing N N 40  
ASN N   H2   sing N N 41  
ASN CA  C    sing N N 42  
ASN CA  CB   sing N N 43  
ASN CA  HA   sing N N 44  
ASN C   O    doub N N 45  
ASN C   OXT  sing N N 46  
ASN CB  CG   sing N N 47  
ASN CB  HB2  sing N N 48  
ASN CB  HB3  sing N N 49  
ASN CG  OD1  doub N N 50  
ASN CG  ND2  sing N N 51  
ASN ND2 HD21 sing N N 52  
ASN ND2 HD22 sing N N 53  
ASN OXT HXT  sing N N 54  
ASP N   CA   sing N N 55  
ASP N   H    sing N N 56  
ASP N   H2   sing N N 57  
ASP CA  C    sing N N 58  
ASP CA  CB   sing N N 59  
ASP CA  HA   sing N N 60  
ASP C   O    doub N N 61  
ASP C   OXT  sing N N 62  
ASP CB  CG   sing N N 63  
ASP CB  HB2  sing N N 64  
ASP CB  HB3  sing N N 65  
ASP CG  OD1  doub N N 66  
ASP CG  OD2  sing N N 67  
ASP OD2 HD2  sing N N 68  
ASP OXT HXT  sing N N 69  
GLN N   CA   sing N N 70  
GLN N   H    sing N N 71  
GLN N   H2   sing N N 72  
GLN CA  C    sing N N 73  
GLN CA  CB   sing N N 74  
GLN CA  HA   sing N N 75  
GLN C   O    doub N N 76  
GLN C   OXT  sing N N 77  
GLN CB  CG   sing N N 78  
GLN CB  HB2  sing N N 79  
GLN CB  HB3  sing N N 80  
GLN CG  CD   sing N N 81  
GLN CG  HG2  sing N N 82  
GLN CG  HG3  sing N N 83  
GLN CD  OE1  doub N N 84  
GLN CD  NE2  sing N N 85  
GLN NE2 HE21 sing N N 86  
GLN NE2 HE22 sing N N 87  
GLN OXT HXT  sing N N 88  
GLU N   CA   sing N N 89  
GLU N   H    sing N N 90  
GLU N   H2   sing N N 91  
GLU CA  C    sing N N 92  
GLU CA  CB   sing N N 93  
GLU CA  HA   sing N N 94  
GLU C   O    doub N N 95  
GLU C   OXT  sing N N 96  
GLU CB  CG   sing N N 97  
GLU CB  HB2  sing N N 98  
GLU CB  HB3  sing N N 99  
GLU CG  CD   sing N N 100 
GLU CG  HG2  sing N N 101 
GLU CG  HG3  sing N N 102 
GLU CD  OE1  doub N N 103 
GLU CD  OE2  sing N N 104 
GLU OE2 HE2  sing N N 105 
GLU OXT HXT  sing N N 106 
GLY N   CA   sing N N 107 
GLY N   H    sing N N 108 
GLY N   H2   sing N N 109 
GLY CA  C    sing N N 110 
GLY CA  HA2  sing N N 111 
GLY CA  HA3  sing N N 112 
GLY C   O    doub N N 113 
GLY C   OXT  sing N N 114 
GLY OXT HXT  sing N N 115 
HOH O   H1   sing N N 116 
HOH O   H2   sing N N 117 
ILE N   CA   sing N N 118 
ILE N   H    sing N N 119 
ILE N   H2   sing N N 120 
ILE CA  C    sing N N 121 
ILE CA  CB   sing N N 122 
ILE CA  HA   sing N N 123 
ILE C   O    doub N N 124 
ILE C   OXT  sing N N 125 
ILE CB  CG1  sing N N 126 
ILE CB  CG2  sing N N 127 
ILE CB  HB   sing N N 128 
ILE CG1 CD1  sing N N 129 
ILE CG1 HG12 sing N N 130 
ILE CG1 HG13 sing N N 131 
ILE CG2 HG21 sing N N 132 
ILE CG2 HG22 sing N N 133 
ILE CG2 HG23 sing N N 134 
ILE CD1 HD11 sing N N 135 
ILE CD1 HD12 sing N N 136 
ILE CD1 HD13 sing N N 137 
ILE OXT HXT  sing N N 138 
LEU N   CA   sing N N 139 
LEU N   H    sing N N 140 
LEU N   H2   sing N N 141 
LEU CA  C    sing N N 142 
LEU CA  CB   sing N N 143 
LEU CA  HA   sing N N 144 
LEU C   O    doub N N 145 
LEU C   OXT  sing N N 146 
LEU CB  CG   sing N N 147 
LEU CB  HB2  sing N N 148 
LEU CB  HB3  sing N N 149 
LEU CG  CD1  sing N N 150 
LEU CG  CD2  sing N N 151 
LEU CG  HG   sing N N 152 
LEU CD1 HD11 sing N N 153 
LEU CD1 HD12 sing N N 154 
LEU CD1 HD13 sing N N 155 
LEU CD2 HD21 sing N N 156 
LEU CD2 HD22 sing N N 157 
LEU CD2 HD23 sing N N 158 
LEU OXT HXT  sing N N 159 
LYS N   CA   sing N N 160 
LYS N   H    sing N N 161 
LYS N   H2   sing N N 162 
LYS CA  C    sing N N 163 
LYS CA  CB   sing N N 164 
LYS CA  HA   sing N N 165 
LYS C   O    doub N N 166 
LYS C   OXT  sing N N 167 
LYS CB  CG   sing N N 168 
LYS CB  HB2  sing N N 169 
LYS CB  HB3  sing N N 170 
LYS CG  CD   sing N N 171 
LYS CG  HG2  sing N N 172 
LYS CG  HG3  sing N N 173 
LYS CD  CE   sing N N 174 
LYS CD  HD2  sing N N 175 
LYS CD  HD3  sing N N 176 
LYS CE  NZ   sing N N 177 
LYS CE  HE2  sing N N 178 
LYS CE  HE3  sing N N 179 
LYS NZ  HZ1  sing N N 180 
LYS NZ  HZ2  sing N N 181 
LYS NZ  HZ3  sing N N 182 
LYS OXT HXT  sing N N 183 
MSE N   CA   sing N N 184 
MSE N   H    sing N N 185 
MSE N   H2   sing N N 186 
MSE CA  C    sing N N 187 
MSE CA  CB   sing N N 188 
MSE CA  HA   sing N N 189 
MSE C   O    doub N N 190 
MSE C   OXT  sing N N 191 
MSE OXT HXT  sing N N 192 
MSE CB  CG   sing N N 193 
MSE CB  HB2  sing N N 194 
MSE CB  HB3  sing N N 195 
MSE CG  SE   sing N N 196 
MSE CG  HG2  sing N N 197 
MSE CG  HG3  sing N N 198 
MSE SE  CE   sing N N 199 
MSE CE  HE1  sing N N 200 
MSE CE  HE2  sing N N 201 
MSE CE  HE3  sing N N 202 
PHE N   CA   sing N N 203 
PHE N   H    sing N N 204 
PHE N   H2   sing N N 205 
PHE CA  C    sing N N 206 
PHE CA  CB   sing N N 207 
PHE CA  HA   sing N N 208 
PHE C   O    doub N N 209 
PHE C   OXT  sing N N 210 
PHE CB  CG   sing N N 211 
PHE CB  HB2  sing N N 212 
PHE CB  HB3  sing N N 213 
PHE CG  CD1  doub Y N 214 
PHE CG  CD2  sing Y N 215 
PHE CD1 CE1  sing Y N 216 
PHE CD1 HD1  sing N N 217 
PHE CD2 CE2  doub Y N 218 
PHE CD2 HD2  sing N N 219 
PHE CE1 CZ   doub Y N 220 
PHE CE1 HE1  sing N N 221 
PHE CE2 CZ   sing Y N 222 
PHE CE2 HE2  sing N N 223 
PHE CZ  HZ   sing N N 224 
PHE OXT HXT  sing N N 225 
PRO N   CA   sing N N 226 
PRO N   CD   sing N N 227 
PRO N   H    sing N N 228 
PRO CA  C    sing N N 229 
PRO CA  CB   sing N N 230 
PRO CA  HA   sing N N 231 
PRO C   O    doub N N 232 
PRO C   OXT  sing N N 233 
PRO CB  CG   sing N N 234 
PRO CB  HB2  sing N N 235 
PRO CB  HB3  sing N N 236 
PRO CG  CD   sing N N 237 
PRO CG  HG2  sing N N 238 
PRO CG  HG3  sing N N 239 
PRO CD  HD2  sing N N 240 
PRO CD  HD3  sing N N 241 
PRO OXT HXT  sing N N 242 
SER N   CA   sing N N 243 
SER N   H    sing N N 244 
SER N   H2   sing N N 245 
SER CA  C    sing N N 246 
SER CA  CB   sing N N 247 
SER CA  HA   sing N N 248 
SER C   O    doub N N 249 
SER C   OXT  sing N N 250 
SER CB  OG   sing N N 251 
SER CB  HB2  sing N N 252 
SER CB  HB3  sing N N 253 
SER OG  HG   sing N N 254 
SER OXT HXT  sing N N 255 
THR N   CA   sing N N 256 
THR N   H    sing N N 257 
THR N   H2   sing N N 258 
THR CA  C    sing N N 259 
THR CA  CB   sing N N 260 
THR CA  HA   sing N N 261 
THR C   O    doub N N 262 
THR C   OXT  sing N N 263 
THR CB  OG1  sing N N 264 
THR CB  CG2  sing N N 265 
THR CB  HB   sing N N 266 
THR OG1 HG1  sing N N 267 
THR CG2 HG21 sing N N 268 
THR CG2 HG22 sing N N 269 
THR CG2 HG23 sing N N 270 
THR OXT HXT  sing N N 271 
TRP N   CA   sing N N 272 
TRP N   H    sing N N 273 
TRP N   H2   sing N N 274 
TRP CA  C    sing N N 275 
TRP CA  CB   sing N N 276 
TRP CA  HA   sing N N 277 
TRP C   O    doub N N 278 
TRP C   OXT  sing N N 279 
TRP CB  CG   sing N N 280 
TRP CB  HB2  sing N N 281 
TRP CB  HB3  sing N N 282 
TRP CG  CD1  doub Y N 283 
TRP CG  CD2  sing Y N 284 
TRP CD1 NE1  sing Y N 285 
TRP CD1 HD1  sing N N 286 
TRP CD2 CE2  doub Y N 287 
TRP CD2 CE3  sing Y N 288 
TRP NE1 CE2  sing Y N 289 
TRP NE1 HE1  sing N N 290 
TRP CE2 CZ2  sing Y N 291 
TRP CE3 CZ3  doub Y N 292 
TRP CE3 HE3  sing N N 293 
TRP CZ2 CH2  doub Y N 294 
TRP CZ2 HZ2  sing N N 295 
TRP CZ3 CH2  sing Y N 296 
TRP CZ3 HZ3  sing N N 297 
TRP CH2 HH2  sing N N 298 
TRP OXT HXT  sing N N 299 
TYR N   CA   sing N N 300 
TYR N   H    sing N N 301 
TYR N   H2   sing N N 302 
TYR CA  C    sing N N 303 
TYR CA  CB   sing N N 304 
TYR CA  HA   sing N N 305 
TYR C   O    doub N N 306 
TYR C   OXT  sing N N 307 
TYR CB  CG   sing N N 308 
TYR CB  HB2  sing N N 309 
TYR CB  HB3  sing N N 310 
TYR CG  CD1  doub Y N 311 
TYR CG  CD2  sing Y N 312 
TYR CD1 CE1  sing Y N 313 
TYR CD1 HD1  sing N N 314 
TYR CD2 CE2  doub Y N 315 
TYR CD2 HD2  sing N N 316 
TYR CE1 CZ   doub Y N 317 
TYR CE1 HE1  sing N N 318 
TYR CE2 CZ   sing Y N 319 
TYR CE2 HE2  sing N N 320 
TYR CZ  OH   sing N N 321 
TYR OH  HH   sing N N 322 
TYR OXT HXT  sing N N 323 
VAL N   CA   sing N N 324 
VAL N   H    sing N N 325 
VAL N   H2   sing N N 326 
VAL CA  C    sing N N 327 
VAL CA  CB   sing N N 328 
VAL CA  HA   sing N N 329 
VAL C   O    doub N N 330 
VAL C   OXT  sing N N 331 
VAL CB  CG1  sing N N 332 
VAL CB  CG2  sing N N 333 
VAL CB  HB   sing N N 334 
VAL CG1 HG11 sing N N 335 
VAL CG1 HG12 sing N N 336 
VAL CG1 HG13 sing N N 337 
VAL CG2 HG21 sing N N 338 
VAL CG2 HG22 sing N N 339 
VAL CG2 HG23 sing N N 340 
VAL OXT HXT  sing N N 341 
# 
_atom_sites.entry_id                    4Q6V 
_atom_sites.fract_transf_matrix[1][1]   -0.02062436 
_atom_sites.fract_transf_matrix[1][2]   -0.01407238 
_atom_sites.fract_transf_matrix[1][3]   0.02318415 
_atom_sites.fract_transf_matrix[2][1]   0.02098279 
_atom_sites.fract_transf_matrix[2][2]   -0.00863020 
_atom_sites.fract_transf_matrix[2][3]   0.01342767 
_atom_sites.fract_transf_matrix[3][1]   0.00012562 
_atom_sites.fract_transf_matrix[3][2]   0.00862011 
_atom_sites.fract_transf_matrix[3][3]   0.00534400 
_atom_sites.fract_transf_vector[1]      0.145168 
_atom_sites.fract_transf_vector[2]      0.255981 
_atom_sites.fract_transf_vector[3]      1.141084 
# 
loop_
_atom_type.symbol 
C  
N  
O  
SE 
# 
loop_
_atom_site.group_PDB 
_atom_site.id 
_atom_site.type_symbol 
_atom_site.label_atom_id 
_atom_site.label_alt_id 
_atom_site.label_comp_id 
_atom_site.label_asym_id 
_atom_site.label_entity_id 
_atom_site.label_seq_id 
_atom_site.pdbx_PDB_ins_code 
_atom_site.Cartn_x 
_atom_site.Cartn_y 
_atom_site.Cartn_z 
_atom_site.occupancy 
_atom_site.B_iso_or_equiv 
_atom_site.pdbx_formal_charge 
_atom_site.auth_seq_id 
_atom_site.auth_comp_id 
_atom_site.auth_asym_id 
_atom_site.auth_atom_id 
_atom_site.pdbx_PDB_model_num 
ATOM   1    N  N   . TYR A 1 1   ? -16.045 -6.667  -7.766  1.00 42.69  ? 77  TYR A N   1 
ATOM   2    C  CA  . TYR A 1 1   ? -14.758 -5.992  -8.137  1.00 40.57  ? 77  TYR A CA  1 
ATOM   3    C  C   . TYR A 1 1   ? -13.699 -7.026  -8.429  1.00 36.19  ? 77  TYR A C   1 
ATOM   4    O  O   . TYR A 1 1   ? -13.481 -7.896  -7.619  1.00 36.06  ? 77  TYR A O   1 
ATOM   5    C  CB  . TYR A 1 1   ? -14.188 -5.125  -7.013  1.00 39.45  ? 77  TYR A CB  1 
ATOM   6    C  CG  . TYR A 1 1   ? -14.968 -3.890  -6.654  1.00 39.91  ? 77  TYR A CG  1 
ATOM   7    C  CD1 . TYR A 1 1   ? -15.350 -2.985  -7.629  1.00 40.82  ? 77  TYR A CD1 1 
ATOM   8    C  CD2 . TYR A 1 1   ? -15.286 -3.601  -5.333  1.00 40.75  ? 77  TYR A CD2 1 
ATOM   9    C  CE1 . TYR A 1 1   ? -16.063 -1.845  -7.307  1.00 41.25  ? 77  TYR A CE1 1 
ATOM   10   C  CE2 . TYR A 1 1   ? -15.987 -2.459  -5.007  1.00 43.70  ? 77  TYR A CE2 1 
ATOM   11   C  CZ  . TYR A 1 1   ? -16.388 -1.587  -5.999  1.00 40.55  ? 77  TYR A CZ  1 
ATOM   12   O  OH  . TYR A 1 1   ? -17.083 -0.451  -5.650  1.00 39.14  ? 77  TYR A OH  1 
ATOM   13   N  N   . ASP A 1 2   ? -13.051 -6.885  -9.578  1.00 34.41  ? 78  ASP A N   1 
ATOM   14   C  CA  . ASP A 1 2   ? -11.881 -7.676  -9.928  1.00 35.44  ? 78  ASP A CA  1 
ATOM   15   C  C   . ASP A 1 2   ? -10.602 -6.945  -9.534  1.00 29.12  ? 78  ASP A C   1 
ATOM   16   O  O   . ASP A 1 2   ? -9.982  -6.287  -10.378 1.00 27.86  ? 78  ASP A O   1 
ATOM   17   C  CB  . ASP A 1 2   ? -11.844 -7.960  -11.434 1.00 35.17  ? 78  ASP A CB  1 
ATOM   18   C  CG  . ASP A 1 2   ? -10.757 -8.955  -11.811 1.00 39.07  ? 78  ASP A CG  1 
ATOM   19   O  OD1 . ASP A 1 2   ? -10.183 -9.592  -10.891 1.00 39.41  ? 78  ASP A OD1 1 
ATOM   20   O  OD2 . ASP A 1 2   ? -10.493 -9.094  -13.028 1.00 40.94  ? 78  ASP A OD2 1 
ATOM   21   N  N   . TRP A 1 3   ? -10.244 -7.066  -8.259  1.00 32.28  ? 79  TRP A N   1 
ATOM   22   C  CA  . TRP A 1 3   ? -9.070  -6.380  -7.709  1.00 30.47  ? 79  TRP A CA  1 
ATOM   23   C  C   . TRP A 1 3   ? -7.737  -6.872  -8.286  1.00 31.77  ? 79  TRP A C   1 
ATOM   24   O  O   . TRP A 1 3   ? -6.897  -6.042  -8.681  1.00 27.10  ? 79  TRP A O   1 
ATOM   25   C  CB  . TRP A 1 3   ? -9.077  -6.516  -6.204  1.00 33.08  ? 79  TRP A CB  1 
ATOM   26   C  CG  . TRP A 1 3   ? -10.100 -5.719  -5.448  1.00 31.24  ? 79  TRP A CG  1 
ATOM   27   C  CD1 . TRP A 1 3   ? -11.092 -6.243  -4.678  1.00 33.33  ? 79  TRP A CD1 1 
ATOM   28   C  CD2 . TRP A 1 3   ? -10.208 -4.290  -5.318  1.00 28.91  ? 79  TRP A CD2 1 
ATOM   29   N  NE1 . TRP A 1 3   ? -11.820 -5.235  -4.080  1.00 33.78  ? 79  TRP A NE1 1 
ATOM   30   C  CE2 . TRP A 1 3   ? -11.302 -4.028  -4.461  1.00 30.84  ? 79  TRP A CE2 1 
ATOM   31   C  CE3 . TRP A 1 3   ? -9.508  -3.209  -5.853  1.00 28.41  ? 79  TRP A CE3 1 
ATOM   32   C  CZ2 . TRP A 1 3   ? -11.713 -2.722  -4.121  1.00 29.51  ? 79  TRP A CZ2 1 
ATOM   33   C  CZ3 . TRP A 1 3   ? -9.892  -1.915  -5.495  1.00 26.51  ? 79  TRP A CZ3 1 
ATOM   34   C  CH2 . TRP A 1 3   ? -10.990 -1.683  -4.662  1.00 28.56  ? 79  TRP A CH2 1 
ATOM   35   N  N   . ASN A 1 4   ? -7.580  -8.192  -8.416  1.00 30.14  ? 80  ASN A N   1 
ATOM   36   C  CA  . ASN A 1 4   ? -6.409  -8.770  -9.114  1.00 28.00  ? 80  ASN A CA  1 
ATOM   37   C  C   . ASN A 1 4   ? -6.200  -8.231  -10.521 1.00 29.46  ? 80  ASN A C   1 
ATOM   38   O  O   . ASN A 1 4   ? -5.095  -7.894  -10.939 1.00 25.96  ? 80  ASN A O   1 
ATOM   39   C  CB  . ASN A 1 4   ? -6.473  -10.311 -9.138  1.00 36.48  ? 80  ASN A CB  1 
ATOM   40   C  CG  . ASN A 1 4   ? -5.921  -10.990 -7.871  1.00 38.98  ? 80  ASN A CG  1 
ATOM   41   O  OD1 . ASN A 1 4   ? -4.980  -10.518 -7.230  1.00 45.51  ? 80  ASN A OD1 1 
ATOM   42   N  ND2 . ASN A 1 4   ? -6.487  -12.123 -7.513  1.00 38.14  ? 80  ASN A ND2 1 
ATOM   43   N  N   . GLY A 1 5   ? -7.278  -8.131  -11.290 1.00 27.27  ? 81  GLY A N   1 
ATOM   44   C  CA  . GLY A 1 5   ? -7.193  -7.631  -12.636 1.00 23.97  ? 81  GLY A CA  1 
ATOM   45   C  C   . GLY A 1 5   ? -6.623  -6.255  -12.696 1.00 25.26  ? 81  GLY A C   1 
ATOM   46   O  O   . GLY A 1 5   ? -5.828  -5.940  -13.603 1.00 25.63  ? 81  GLY A O   1 
ATOM   47   N  N   . ALA A 1 6   ? -7.004  -5.433  -11.714 1.00 27.04  ? 82  ALA A N   1 
ATOM   48   C  CA  . ALA A 1 6   ? -6.430  -4.111  -11.546 1.00 26.14  ? 82  ALA A CA  1 
ATOM   49   C  C   . ALA A 1 6   ? -5.027  -4.112  -10.913 1.00 27.89  ? 82  ALA A C   1 
ATOM   50   O  O   . ALA A 1 6   ? -4.117  -3.391  -11.389 1.00 29.40  ? 82  ALA A O   1 
ATOM   51   C  CB  . ALA A 1 6   ? -7.379  -3.264  -10.742 1.00 25.93  ? 82  ALA A CB  1 
HETATM 52   N  N   . MSE A 1 7   ? -4.856  -4.949  -9.891  1.00 26.55  ? 83  MSE A N   1 
HETATM 53   C  CA  . MSE A 1 7   ? -3.660  -4.874  -9.043  1.00 27.81  ? 83  MSE A CA  1 
HETATM 54   C  C   . MSE A 1 7   ? -2.464  -5.581  -9.662  1.00 31.18  ? 83  MSE A C   1 
HETATM 55   O  O   . MSE A 1 7   ? -1.338  -5.119  -9.554  1.00 30.69  ? 83  MSE A O   1 
HETATM 56   C  CB  . MSE A 1 7   ? -3.976  -5.440  -7.689  1.00 26.57  ? 83  MSE A CB  1 
HETATM 57   C  CG  . MSE A 1 7   ? -4.483  -4.371  -6.725  1.00 25.43  ? 83  MSE A CG  1 
HETATM 58   SE SE  . MSE A 1 7   ? -5.397  -5.167  -5.176  1.00 27.89  ? 83  MSE A SE  1 
HETATM 59   C  CE  . MSE A 1 7   ? -5.774  -3.479  -4.269  1.00 22.70  ? 83  MSE A CE  1 
ATOM   60   N  N   . GLN A 1 8   ? -2.693  -6.702  -10.364 1.00 33.47  ? 84  GLN A N   1 
ATOM   61   C  CA  . GLN A 1 8   ? -1.612  -7.542  -10.892 1.00 32.16  ? 84  GLN A CA  1 
ATOM   62   C  C   . GLN A 1 8   ? -0.735  -6.811  -11.892 1.00 30.78  ? 84  GLN A C   1 
ATOM   63   O  O   . GLN A 1 8   ? 0.496   -6.865  -11.815 1.00 31.83  ? 84  GLN A O   1 
ATOM   64   C  CB  . GLN A 1 8   ? -2.152  -8.833  -11.542 1.00 39.06  ? 84  GLN A CB  1 
ATOM   65   C  CG  . GLN A 1 8   ? -2.887  -9.786  -10.622 1.00 46.62  ? 84  GLN A CG  1 
ATOM   66   C  CD  . GLN A 1 8   ? -2.017  -10.346 -9.525  1.00 51.66  ? 84  GLN A CD  1 
ATOM   67   O  OE1 . GLN A 1 8   ? -0.801  -10.475 -9.680  1.00 56.38  ? 84  GLN A OE1 1 
ATOM   68   N  NE2 . GLN A 1 8   ? -2.643  -10.673 -8.385  1.00 54.80  ? 84  GLN A NE2 1 
ATOM   69   N  N   . PRO A 1 9   ? -1.343  -6.124  -12.858 1.00 27.37  ? 85  PRO A N   1 
ATOM   70   C  CA  . PRO A 1 9   ? -0.530  -5.400  -13.807 1.00 27.68  ? 85  PRO A CA  1 
ATOM   71   C  C   . PRO A 1 9   ? 0.266   -4.258  -13.171 1.00 27.49  ? 85  PRO A C   1 
ATOM   72   O  O   . PRO A 1 9   ? 1.341   -3.948  -13.654 1.00 27.23  ? 85  PRO A O   1 
ATOM   73   C  CB  . PRO A 1 9   ? -1.548  -4.849  -14.809 1.00 28.17  ? 85  PRO A CB  1 
ATOM   74   C  CG  . PRO A 1 9   ? -2.900  -5.142  -14.289 1.00 28.41  ? 85  PRO A CG  1 
ATOM   75   C  CD  . PRO A 1 9   ? -2.739  -6.262  -13.317 1.00 29.93  ? 85  PRO A CD  1 
ATOM   76   N  N   . LEU A 1 10  ? -0.294  -3.630  -12.127 1.00 28.50  ? 86  LEU A N   1 
ATOM   77   C  CA  . LEU A 1 10  ? 0.345   -2.465  -11.486 1.00 26.02  ? 86  LEU A CA  1 
ATOM   78   C  C   . LEU A 1 10  ? 1.508   -2.975  -10.635 1.00 23.85  ? 86  LEU A C   1 
ATOM   79   O  O   . LEU A 1 10  ? 2.597   -2.409  -10.638 1.00 27.06  ? 86  LEU A O   1 
ATOM   80   C  CB  . LEU A 1 10  ? -0.653  -1.730  -10.628 1.00 26.71  ? 86  LEU A CB  1 
ATOM   81   C  CG  . LEU A 1 10  ? -1.750  -0.918  -11.319 1.00 26.12  ? 86  LEU A CG  1 
ATOM   82   C  CD1 . LEU A 1 10  ? -2.716  -0.288  -10.338 1.00 25.18  ? 86  LEU A CD1 1 
ATOM   83   C  CD2 . LEU A 1 10  ? -1.098  0.165   -12.152 1.00 27.90  ? 86  LEU A CD2 1 
ATOM   84   N  N   . VAL A 1 11  ? 1.293   -4.072  -9.924  1.00 24.23  ? 87  VAL A N   1 
ATOM   85   C  CA  . VAL A 1 11  ? 2.399   -4.685  -9.156  1.00 25.08  ? 87  VAL A CA  1 
ATOM   86   C  C   . VAL A 1 11  ? 3.540   -5.127  -10.060 1.00 27.25  ? 87  VAL A C   1 
ATOM   87   O  O   . VAL A 1 11  ? 4.712   -4.990  -9.749  1.00 25.06  ? 87  VAL A O   1 
ATOM   88   C  CB  . VAL A 1 11  ? 1.918   -5.853  -8.306  1.00 24.18  ? 87  VAL A CB  1 
ATOM   89   C  CG1 . VAL A 1 11  ? 3.099   -6.672  -7.816  1.00 26.55  ? 87  VAL A CG1 1 
ATOM   90   C  CG2 . VAL A 1 11  ? 1.091   -5.322  -7.145  1.00 25.28  ? 87  VAL A CG2 1 
ATOM   91   N  N   . SER A 1 12  ? 3.182   -5.673  -11.208 1.00 28.64  ? 88  SER A N   1 
ATOM   92   C  CA  . SER A 1 12  ? 4.144   -6.130  -12.192 1.00 27.53  ? 88  SER A CA  1 
ATOM   93   C  C   . SER A 1 12  ? 4.954   -4.980  -12.738 1.00 26.22  ? 88  SER A C   1 
ATOM   94   O  O   . SER A 1 12  ? 6.160   -5.135  -12.828 1.00 25.06  ? 88  SER A O   1 
ATOM   95   C  CB  . SER A 1 12  ? 3.392   -6.851  -13.333 1.00 28.44  ? 88  SER A CB  1 
ATOM   96   O  OG  . SER A 1 12  ? 4.307   -7.281  -14.301 1.00 32.78  ? 88  SER A OG  1 
ATOM   97   N  N   . LYS A 1 13  ? 4.316   -3.846  -13.026 1.00 26.58  ? 89  LYS A N   1 
ATOM   98   C  CA  . LYS A 1 13  ? 4.983   -2.659  -13.489 1.00 26.94  ? 89  LYS A CA  1 
ATOM   99   C  C   . LYS A 1 13  ? 5.818   -1.981  -12.395 1.00 29.26  ? 89  LYS A C   1 
ATOM   100  O  O   . LYS A 1 13  ? 6.835   -1.330  -12.672 1.00 23.38  ? 89  LYS A O   1 
ATOM   101  C  CB  . LYS A 1 13  ? 3.990   -1.628  -13.963 1.00 31.69  ? 89  LYS A CB  1 
ATOM   102  C  CG  . LYS A 1 13  ? 3.171   -2.041  -15.173 1.00 36.32  ? 89  LYS A CG  1 
ATOM   103  C  CD  . LYS A 1 13  ? 1.945   -1.155  -15.435 1.00 40.89  ? 89  LYS A CD  1 
ATOM   104  C  CE  . LYS A 1 13  ? 2.305   0.324   -15.344 1.00 47.02  ? 89  LYS A CE  1 
ATOM   105  N  NZ  . LYS A 1 13  ? 1.120   1.221   -15.471 1.00 53.11  ? 89  LYS A NZ  1 
HETATM 106  N  N   . MSE A 1 14  ? 5.383   -2.127  -11.142 1.00 25.49  ? 90  MSE A N   1 
HETATM 107  C  CA  . MSE A 1 14  ? 6.150   -1.544  -10.024 1.00 26.54  ? 90  MSE A CA  1 
HETATM 108  C  C   . MSE A 1 14  ? 7.425   -2.334  -9.820  1.00 26.30  ? 90  MSE A C   1 
HETATM 109  O  O   . MSE A 1 14  ? 8.454   -1.778  -9.493  1.00 25.15  ? 90  MSE A O   1 
HETATM 110  C  CB  . MSE A 1 14  ? 5.327   -1.590  -8.752  1.00 26.98  ? 90  MSE A CB  1 
HETATM 111  C  CG  . MSE A 1 14  ? 6.027   -0.913  -7.577  1.00 25.19  ? 90  MSE A CG  1 
HETATM 112  SE SE  . MSE A 1 14  ? 5.028   -1.410  -5.969  1.00 29.41  ? 90  MSE A SE  1 
HETATM 113  C  CE  . MSE A 1 14  ? 5.873   -3.133  -5.629  1.00 27.02  ? 90  MSE A CE  1 
ATOM   114  N  N   . LEU A 1 15  ? 7.369   -3.641  -10.067 1.00 29.31  ? 91  LEU A N   1 
ATOM   115  C  CA  . LEU A 1 15  ? 8.502   -4.525  -9.889  1.00 29.99  ? 91  LEU A CA  1 
ATOM   116  C  C   . LEU A 1 15  ? 9.545   -4.371  -10.983 1.00 30.73  ? 91  LEU A C   1 
ATOM   117  O  O   . LEU A 1 15  ? 10.692  -4.768  -10.784 1.00 33.73  ? 91  LEU A O   1 
ATOM   118  C  CB  . LEU A 1 15  ? 8.046   -5.967  -9.824  1.00 32.25  ? 91  LEU A CB  1 
ATOM   119  C  CG  . LEU A 1 15  ? 7.355   -6.364  -8.520  1.00 33.11  ? 91  LEU A CG  1 
ATOM   120  C  CD1 . LEU A 1 15  ? 6.846   -7.802  -8.594  1.00 33.15  ? 91  LEU A CD1 1 
ATOM   121  C  CD2 . LEU A 1 15  ? 8.321   -6.227  -7.367  1.00 34.61  ? 91  LEU A CD2 1 
ATOM   122  N  N   . GLN A 1 16  ? 9.162   -3.759  -12.096 1.00 31.61  ? 92  GLN A N   1 
ATOM   123  C  CA  . GLN A 1 16  ? 10.068  -3.527  -13.235 1.00 34.42  ? 92  GLN A CA  1 
ATOM   124  C  C   . GLN A 1 16  ? 10.756  -2.178  -13.160 1.00 34.95  ? 92  GLN A C   1 
ATOM   125  O  O   . GLN A 1 16  ? 11.701  -1.893  -13.915 1.00 42.41  ? 92  GLN A O   1 
ATOM   126  C  CB  . GLN A 1 16  ? 9.283   -3.646  -14.534 1.00 37.31  ? 92  GLN A CB  1 
ATOM   127  C  CG  . GLN A 1 16  ? 8.588   -4.987  -14.767 1.00 39.49  ? 92  GLN A CG  1 
ATOM   128  C  CD  . GLN A 1 16  ? 7.687   -4.983  -16.023 1.00 44.63  ? 92  GLN A CD  1 
ATOM   129  O  OE1 . GLN A 1 16  ? 7.799   -4.106  -16.892 1.00 48.84  ? 92  GLN A OE1 1 
ATOM   130  N  NE2 . GLN A 1 16  ? 6.774   -5.952  -16.130 1.00 41.43  ? 92  GLN A NE2 1 
ATOM   131  N  N   . ALA A 1 17  ? 10.286  -1.322  -12.254 1.00 34.24  ? 93  ALA A N   1 
ATOM   132  C  CA  . ALA A 1 17  ? 10.816  0.028   -12.142 1.00 30.60  ? 93  ALA A CA  1 
ATOM   133  C  C   . ALA A 1 17  ? 12.145  0.033   -11.414 1.00 30.04  ? 93  ALA A C   1 
ATOM   134  O  O   . ALA A 1 17  ? 12.313  -0.680  -10.415 1.00 22.74  ? 93  ALA A O   1 
ATOM   135  C  CB  . ALA A 1 17  ? 9.824   0.913   -11.422 1.00 30.72  ? 93  ALA A CB  1 
ATOM   136  N  N   . ASP A 1 18  ? 13.082  0.835   -11.928 1.00 26.29  ? 94  ASP A N   1 
ATOM   137  C  CA  . ASP A 1 18  ? 14.374  0.976   -11.267 1.00 30.30  ? 94  ASP A CA  1 
ATOM   138  C  C   . ASP A 1 18  ? 14.247  1.518   -9.839  1.00 27.09  ? 94  ASP A C   1 
ATOM   139  O  O   . ASP A 1 18  ? 13.421  2.380   -9.586  1.00 27.96  ? 94  ASP A O   1 
ATOM   140  C  CB  . ASP A 1 18  ? 15.343  1.850   -12.077 1.00 34.26  ? 94  ASP A CB  1 
ATOM   141  C  CG  . ASP A 1 18  ? 16.716  1.975   -11.392 1.00 40.56  ? 94  ASP A CG  1 
ATOM   142  O  OD1 . ASP A 1 18  ? 17.469  0.986   -11.245 1.00 48.14  ? 94  ASP A OD1 1 
ATOM   143  O  OD2 . ASP A 1 18  ? 17.090  3.068   -10.950 1.00 40.90  ? 94  ASP A OD2 1 
ATOM   144  N  N   . GLY A 1 19  ? 15.031  0.983   -8.908  1.00 24.77  ? 95  GLY A N   1 
ATOM   145  C  CA  . GLY A 1 19  ? 15.011  1.435   -7.529  1.00 27.02  ? 95  GLY A CA  1 
ATOM   146  C  C   . GLY A 1 19  ? 14.129  0.570   -6.629  1.00 26.91  ? 95  GLY A C   1 
ATOM   147  O  O   . GLY A 1 19  ? 14.181  0.720   -5.391  1.00 24.45  ? 95  GLY A O   1 
ATOM   148  N  N   . VAL A 1 20  ? 13.348  -0.309  -7.261  1.00 25.33  ? 96  VAL A N   1 
ATOM   149  C  CA  . VAL A 1 20  ? 12.523  -1.268  -6.538  1.00 25.52  ? 96  VAL A CA  1 
ATOM   150  C  C   . VAL A 1 20  ? 13.270  -2.609  -6.493  1.00 26.95  ? 96  VAL A C   1 
ATOM   151  O  O   . VAL A 1 20  ? 13.470  -3.258  -7.505  1.00 26.81  ? 96  VAL A O   1 
ATOM   152  C  CB  . VAL A 1 20  ? 11.133  -1.429  -7.176  1.00 24.66  ? 96  VAL A CB  1 
ATOM   153  C  CG1 . VAL A 1 20  ? 10.253  -2.294  -6.278  1.00 26.24  ? 96  VAL A CG1 1 
ATOM   154  C  CG2 . VAL A 1 20  ? 10.460  -0.079  -7.437  1.00 24.84  ? 96  VAL A CG2 1 
ATOM   155  N  N   . THR A 1 21  ? 13.699  -3.008  -5.303  1.00 27.92  ? 97  THR A N   1 
ATOM   156  C  CA  . THR A 1 21  ? 14.389  -4.266  -5.122  1.00 26.91  ? 97  THR A CA  1 
ATOM   157  C  C   . THR A 1 21  ? 13.440  -5.306  -4.523  1.00 27.76  ? 97  THR A C   1 
ATOM   158  O  O   . THR A 1 21  ? 12.882  -5.124  -3.441  1.00 25.17  ? 97  THR A O   1 
ATOM   159  C  CB  . THR A 1 21  ? 15.637  -4.093  -4.268  1.00 29.93  ? 97  THR A CB  1 
ATOM   160  O  OG1 . THR A 1 21  ? 15.264  -3.953  -2.900  1.00 35.75  ? 97  THR A OG1 1 
ATOM   161  C  CG2 . THR A 1 21  ? 16.421  -2.826  -4.653  1.00 25.31  ? 97  THR A CG2 1 
ATOM   162  N  N   . ALA A 1 22  ? 13.257  -6.416  -5.239  1.00 26.07  ? 98  ALA A N   1 
ATOM   163  C  CA  . ALA A 1 22  ? 12.481  -7.531  -4.737  1.00 22.73  ? 98  ALA A CA  1 
ATOM   164  C  C   . ALA A 1 22  ? 13.156  -8.175  -3.521  1.00 22.36  ? 98  ALA A C   1 
ATOM   165  O  O   . ALA A 1 22  ? 14.381  -8.215  -3.406  1.00 22.90  ? 98  ALA A O   1 
ATOM   166  C  CB  . ALA A 1 22  ? 12.241  -8.570  -5.842  1.00 23.14  ? 98  ALA A CB  1 
ATOM   167  N  N   . GLY A 1 23  ? 12.335  -8.660  -2.581  1.00 20.30  ? 99  GLY A N   1 
ATOM   168  C  CA  . GLY A 1 23  ? 12.790  -9.360  -1.422  1.00 20.26  ? 99  GLY A CA  1 
ATOM   169  C  C   . GLY A 1 23  ? 13.043  -8.415  -0.260  1.00 22.60  ? 99  GLY A C   1 
ATOM   170  O  O   . GLY A 1 23  ? 13.541  -8.836  0.786   1.00 22.85  ? 99  GLY A O   1 
ATOM   171  N  N   . SER A 1 24  ? 12.744  -7.129  -0.448  1.00 23.92  ? 100 SER A N   1 
ATOM   172  C  CA  . SER A 1 24  ? 12.972  -6.119  0.599   1.00 23.79  ? 100 SER A CA  1 
ATOM   173  C  C   . SER A 1 24  ? 11.727  -5.995  1.476   1.00 23.38  ? 100 SER A C   1 
ATOM   174  O  O   . SER A 1 24  ? 10.708  -6.659  1.240   1.00 20.47  ? 100 SER A O   1 
ATOM   175  C  CB  . SER A 1 24  ? 13.389  -4.785  -0.022  1.00 27.12  ? 100 SER A CB  1 
ATOM   176  O  OG  . SER A 1 24  ? 12.479  -4.464  -1.028  1.00 35.01  ? 100 SER A OG  1 
ATOM   177  N  N   . VAL A 1 25  ? 11.845  -5.216  2.542   1.00 20.41  ? 101 VAL A N   1 
ATOM   178  C  CA  . VAL A 1 25  ? 10.781  -5.118  3.514   1.00 19.50  ? 101 VAL A CA  1 
ATOM   179  C  C   . VAL A 1 25  ? 9.895   -3.958  3.051   1.00 21.00  ? 101 VAL A C   1 
ATOM   180  O  O   . VAL A 1 25  ? 10.339  -2.803  2.830   1.00 18.14  ? 101 VAL A O   1 
ATOM   181  C  CB  . VAL A 1 25  ? 11.332  -4.888  4.911   1.00 19.30  ? 101 VAL A CB  1 
ATOM   182  C  CG1 . VAL A 1 25  ? 10.195  -4.831  5.933   1.00 19.85  ? 101 VAL A CG1 1 
ATOM   183  C  CG2 . VAL A 1 25  ? 12.366  -5.967  5.284   1.00 19.51  ? 101 VAL A CG2 1 
ATOM   184  N  N   . LEU A 1 26  ? 8.619   -4.262  2.911   1.00 22.29  ? 102 LEU A N   1 
ATOM   185  C  CA  . LEU A 1 26  ? 7.653   -3.308  2.329   1.00 20.64  ? 102 LEU A CA  1 
ATOM   186  C  C   . LEU A 1 26  ? 6.523   -3.127  3.316   1.00 20.21  ? 102 LEU A C   1 
ATOM   187  O  O   . LEU A 1 26  ? 5.923   -4.086  3.743   1.00 20.18  ? 102 LEU A O   1 
ATOM   188  C  CB  . LEU A 1 26  ? 7.211   -3.779  0.959   1.00 21.38  ? 102 LEU A CB  1 
ATOM   189  C  CG  . LEU A 1 26  ? 5.997   -3.039  0.380   1.00 22.65  ? 102 LEU A CG  1 
ATOM   190  C  CD1 . LEU A 1 26  ? 6.349   -1.637  -0.114  1.00 22.08  ? 102 LEU A CD1 1 
ATOM   191  C  CD2 . LEU A 1 26  ? 5.441   -3.885  -0.748  1.00 22.48  ? 102 LEU A CD2 1 
ATOM   192  N  N   . LEU A 1 27  ? 6.236   -1.885  3.686   1.00 21.91  ? 103 LEU A N   1 
ATOM   193  C  CA  . LEU A 1 27  ? 5.040   -1.528  4.385   1.00 22.22  ? 103 LEU A CA  1 
ATOM   194  C  C   . LEU A 1 27  ? 3.870   -1.186  3.461   1.00 20.54  ? 103 LEU A C   1 
ATOM   195  O  O   . LEU A 1 27  ? 3.894   -0.207  2.738   1.00 19.55  ? 103 LEU A O   1 
ATOM   196  C  CB  . LEU A 1 27  ? 5.336   -0.360  5.342   1.00 24.15  ? 103 LEU A CB  1 
ATOM   197  C  CG  . LEU A 1 27  ? 4.171   0.193   6.147   1.00 26.73  ? 103 LEU A CG  1 
ATOM   198  C  CD1 . LEU A 1 27  ? 3.363   -0.917  6.767   1.00 32.84  ? 103 LEU A CD1 1 
ATOM   199  C  CD2 . LEU A 1 27  ? 4.596   1.224   7.189   1.00 26.70  ? 103 LEU A CD2 1 
ATOM   200  N  N   . VAL A 1 28  ? 2.833   -2.002  3.513   1.00 20.53  ? 104 VAL A N   1 
ATOM   201  C  CA  . VAL A 1 28  ? 1.676   -1.847  2.613   1.00 21.01  ? 104 VAL A CA  1 
ATOM   202  C  C   . VAL A 1 28  ? 0.553   -1.105  3.336   1.00 22.47  ? 104 VAL A C   1 
ATOM   203  O  O   . VAL A 1 28  ? -0.116  -1.655  4.218   1.00 22.05  ? 104 VAL A O   1 
ATOM   204  C  CB  . VAL A 1 28  ? 1.123   -3.227  2.155   1.00 20.98  ? 104 VAL A CB  1 
ATOM   205  C  CG1 . VAL A 1 28  ? -0.129  -3.058  1.296   1.00 20.61  ? 104 VAL A CG1 1 
ATOM   206  C  CG2 . VAL A 1 28  ? 2.184   -3.963  1.406   1.00 21.50  ? 104 VAL A CG2 1 
ATOM   207  N  N   . ASP A 1 29  ? 0.371   0.164   2.976   1.00 25.89  ? 105 ASP A N   1 
ATOM   208  C  CA  . ASP A 1 29  ? -0.669  0.964   3.606   1.00 29.87  ? 105 ASP A CA  1 
ATOM   209  C  C   . ASP A 1 29  ? -2.022  0.422   3.109   1.00 30.11  ? 105 ASP A C   1 
ATOM   210  O  O   . ASP A 1 29  ? -2.108  -0.110  1.995   1.00 29.05  ? 105 ASP A O   1 
ATOM   211  C  CB  . ASP A 1 29  ? -0.449  2.449   3.311   1.00 32.66  ? 105 ASP A CB  1 
ATOM   212  C  CG  . ASP A 1 29  ? -0.956  3.369   4.393   1.00 37.14  ? 105 ASP A CG  1 
ATOM   213  O  OD1 . ASP A 1 29  ? -1.449  2.873   5.437   1.00 40.35  ? 105 ASP A OD1 1 
ATOM   214  O  OD2 . ASP A 1 29  ? -0.855  4.603   4.159   1.00 41.82  ? 105 ASP A OD2 1 
ATOM   215  N  N   . SER A 1 30  ? -3.034  0.492   3.974   1.00 28.53  ? 106 SER A N   1 
ATOM   216  C  CA  . SER A 1 30  ? -4.350  -0.047  3.641   1.00 29.39  ? 106 SER A CA  1 
ATOM   217  C  C   . SER A 1 30  ? -4.966  0.824   2.536   1.00 25.72  ? 106 SER A C   1 
ATOM   218  O  O   . SER A 1 30  ? -4.789  2.045   2.510   1.00 23.63  ? 106 SER A O   1 
ATOM   219  C  CB  . SER A 1 30  ? -5.233  -0.182  4.893   1.00 30.29  ? 106 SER A CB  1 
ATOM   220  O  OG  . SER A 1 30  ? -5.599  1.086   5.384   1.00 35.31  ? 106 SER A OG  1 
ATOM   221  N  N   . VAL A 1 31  ? -5.629  0.168   1.592   1.00 24.78  ? 107 VAL A N   1 
ATOM   222  C  CA  . VAL A 1 31  ? -6.264  0.843   0.475   1.00 22.05  ? 107 VAL A CA  1 
ATOM   223  C  C   . VAL A 1 31  ? -7.297  1.843   1.027   1.00 24.44  ? 107 VAL A C   1 
ATOM   224  O  O   . VAL A 1 31  ? -8.149  1.505   1.881   1.00 24.34  ? 107 VAL A O   1 
ATOM   225  C  CB  . VAL A 1 31  ? -6.927  -0.140  -0.503  1.00 21.41  ? 107 VAL A CB  1 
ATOM   226  C  CG1 . VAL A 1 31  ? -7.563  0.564   -1.690  1.00 20.99  ? 107 VAL A CG1 1 
ATOM   227  C  CG2 . VAL A 1 31  ? -5.981  -1.252  -0.942  1.00 21.78  ? 107 VAL A CG2 1 
ATOM   228  N  N   . ASN A 1 32  ? -7.183  3.083   0.594   1.00 22.37  ? 108 ASN A N   1 
ATOM   229  C  CA  . ASN A 1 32  ? -8.044  4.158   1.010   1.00 24.17  ? 108 ASN A CA  1 
ATOM   230  C  C   . ASN A 1 32  ? -9.208  4.408   0.034   1.00 24.07  ? 108 ASN A C   1 
ATOM   231  O  O   . ASN A 1 32  ? -9.016  4.700   -1.135  1.00 25.74  ? 108 ASN A O   1 
ATOM   232  C  CB  . ASN A 1 32  ? -7.217  5.426   1.161   1.00 28.07  ? 108 ASN A CB  1 
ATOM   233  C  CG  . ASN A 1 32  ? -8.028  6.668   1.455   1.00 32.10  ? 108 ASN A CG  1 
ATOM   234  O  OD1 . ASN A 1 32  ? -8.931  6.637   2.276   1.00 37.57  ? 108 ASN A OD1 1 
ATOM   235  N  ND2 . ASN A 1 32  ? -7.697  7.796   0.811   1.00 33.56  ? 108 ASN A ND2 1 
ATOM   236  N  N   . ASN A 1 33  ? -10.415 4.335   0.562   1.00 23.82  ? 109 ASN A N   1 
ATOM   237  C  CA  . ASN A 1 33  ? -11.640 4.523   -0.227  1.00 24.16  ? 109 ASN A CA  1 
ATOM   238  C  C   . ASN A 1 33  ? -12.028 5.984   -0.294  1.00 25.10  ? 109 ASN A C   1 
ATOM   239  O  O   . ASN A 1 33  ? -12.428 6.568   0.717   1.00 25.24  ? 109 ASN A O   1 
ATOM   240  C  CB  . ASN A 1 33  ? -12.780 3.721   0.381   1.00 21.28  ? 109 ASN A CB  1 
ATOM   241  C  CG  . ASN A 1 33  ? -14.141 3.990   -0.286  1.00 20.55  ? 109 ASN A CG  1 
ATOM   242  O  OD1 . ASN A 1 33  ? -14.199 4.308   -1.463  1.00 18.00  ? 109 ASN A OD1 1 
ATOM   243  N  ND2 . ASN A 1 33  ? -15.239 3.757   0.451   1.00 18.10  ? 109 ASN A ND2 1 
ATOM   244  N  N   . ARG A 1 34  ? -11.898 6.554   -1.492  1.00 23.29  ? 110 ARG A N   1 
ATOM   245  C  CA  . ARG A 1 34  ? -12.321 7.914   -1.758  1.00 23.73  ? 110 ARG A CA  1 
ATOM   246  C  C   . ARG A 1 34  ? -13.489 7.958   -2.758  1.00 20.99  ? 110 ARG A C   1 
ATOM   247  O  O   . ARG A 1 34  ? -13.750 8.989   -3.325  1.00 23.94  ? 110 ARG A O   1 
ATOM   248  C  CB  . ARG A 1 34  ? -11.140 8.717   -2.310  1.00 29.68  ? 110 ARG A CB  1 
ATOM   249  C  CG  . ARG A 1 34  ? -9.907  8.752   -1.412  1.00 37.15  ? 110 ARG A CG  1 
ATOM   250  C  CD  . ARG A 1 34  ? -9.070  10.009  -1.607  1.00 47.46  ? 110 ARG A CD  1 
ATOM   251  N  NE  . ARG A 1 34  ? -8.601  10.112  -3.006  1.00 61.00  ? 110 ARG A NE  1 
ATOM   252  C  CZ  . ARG A 1 34  ? -9.058  10.963  -3.948  1.00 66.83  ? 110 ARG A CZ  1 
ATOM   253  N  NH1 . ARG A 1 34  ? -10.022 11.858  -3.675  1.00 66.61  ? 110 ARG A NH1 1 
ATOM   254  N  NH2 . ARG A 1 34  ? -8.552  10.934  -5.193  1.00 61.48  ? 110 ARG A NH2 1 
ATOM   255  N  N   . THR A 1 35  ? -14.165 6.849   -3.000  1.00 18.95  ? 111 THR A N   1 
ATOM   256  C  CA  . THR A 1 35  ? -15.320 6.802   -3.906  1.00 18.41  ? 111 THR A CA  1 
ATOM   257  C  C   . THR A 1 35  ? -16.549 7.460   -3.233  1.00 20.87  ? 111 THR A C   1 
ATOM   258  O  O   . THR A 1 35  ? -16.521 7.811   -2.026  1.00 20.15  ? 111 THR A O   1 
ATOM   259  C  CB  . THR A 1 35  ? -15.677 5.376   -4.348  1.00 16.36  ? 111 THR A CB  1 
ATOM   260  O  OG1 . THR A 1 35  ? -16.320 4.679   -3.247  1.00 17.36  ? 111 THR A OG1 1 
ATOM   261  C  CG2 . THR A 1 35  ? -14.439 4.590   -4.741  1.00 14.88  ? 111 THR A CG2 1 
ATOM   262  N  N   . ASN A 1 36  ? -17.644 7.548   -4.017  1.00 21.11  ? 112 ASN A N   1 
ATOM   263  C  CA  . ASN A 1 36  ? -18.904 8.003   -3.454  1.00 19.97  ? 112 ASN A CA  1 
ATOM   264  C  C   . ASN A 1 36  ? -19.716 6.973   -2.660  1.00 21.85  ? 112 ASN A C   1 
ATOM   265  O  O   . ASN A 1 36  ? -20.834 7.231   -2.237  1.00 23.26  ? 112 ASN A O   1 
ATOM   266  C  CB  . ASN A 1 36  ? -19.754 8.635   -4.533  1.00 18.92  ? 112 ASN A CB  1 
ATOM   267  C  CG  . ASN A 1 36  ? -20.245 7.609   -5.528  1.00 18.85  ? 112 ASN A CG  1 
ATOM   268  O  OD1 . ASN A 1 36  ? -19.466 6.777   -5.967  1.00 18.51  ? 112 ASN A OD1 1 
ATOM   269  N  ND2 . ASN A 1 36  ? -21.559 7.616   -5.796  1.00 18.88  ? 112 ASN A ND2 1 
ATOM   270  N  N   . GLY A 1 37  ? -19.179 5.777   -2.490  1.00 23.62  ? 113 GLY A N   1 
ATOM   271  C  CA  . GLY A 1 37  ? -19.876 4.692   -1.827  1.00 24.10  ? 113 GLY A CA  1 
ATOM   272  C  C   . GLY A 1 37  ? -18.975 3.937   -0.866  1.00 27.84  ? 113 GLY A C   1 
ATOM   273  O  O   . GLY A 1 37  ? -17.769 4.194   -0.821  1.00 26.65  ? 113 GLY A O   1 
ATOM   274  N  N   . SER A 1 38  ? -19.562 3.014   -0.101  1.00 28.45  ? 114 SER A N   1 
ATOM   275  C  CA  . SER A 1 38  ? -18.818 2.118   0.785   1.00 34.66  ? 114 SER A CA  1 
ATOM   276  C  C   . SER A 1 38  ? -18.109 0.977   0.050   1.00 39.57  ? 114 SER A C   1 
ATOM   277  O  O   . SER A 1 38  ? -18.679 0.345   -0.844  1.00 42.44  ? 114 SER A O   1 
ATOM   278  C  CB  . SER A 1 38  ? -19.735 1.459   1.837   1.00 34.38  ? 114 SER A CB  1 
ATOM   279  O  OG  . SER A 1 38  ? -20.259 2.428   2.722   1.00 31.39  ? 114 SER A OG  1 
ATOM   280  N  N   . LEU A 1 39  ? -16.862 0.725   0.453   1.00 44.04  ? 115 LEU A N   1 
ATOM   281  C  CA  . LEU A 1 39  ? -16.051 -0.339  -0.137  1.00 44.39  ? 115 LEU A CA  1 
ATOM   282  C  C   . LEU A 1 39  ? -15.380 -1.081  1.007   1.00 47.39  ? 115 LEU A C   1 
ATOM   283  O  O   . LEU A 1 39  ? -15.056 -0.469  2.051   1.00 42.84  ? 115 LEU A O   1 
ATOM   284  C  CB  . LEU A 1 39  ? -14.976 0.217   -1.100  1.00 45.16  ? 115 LEU A CB  1 
ATOM   285  C  CG  . LEU A 1 39  ? -15.300 0.192   -2.592  1.00 45.42  ? 115 LEU A CG  1 
ATOM   286  C  CD1 . LEU A 1 39  ? -16.617 0.912   -2.828  1.00 52.07  ? 115 LEU A CD1 1 
ATOM   287  C  CD2 . LEU A 1 39  ? -14.188 0.825   -3.443  1.00 43.39  ? 115 LEU A CD2 1 
ATOM   288  N  N   . ASN A 1 40  ? -15.188 -2.385  0.777   1.00 50.88  ? 116 ASN A N   1 
ATOM   289  C  CA  . ASN A 1 40  ? -14.508 -3.260  1.738   1.00 52.73  ? 116 ASN A CA  1 
ATOM   290  C  C   . ASN A 1 40  ? -13.020 -3.012  1.692   1.00 52.02  ? 116 ASN A C   1 
ATOM   291  O  O   . ASN A 1 40  ? -12.375 -3.562  0.812   1.00 47.56  ? 116 ASN A O   1 
ATOM   292  C  CB  . ASN A 1 40  ? -14.780 -4.747  1.485   1.00 51.48  ? 116 ASN A CB  1 
ATOM   293  C  CG  . ASN A 1 40  ? -14.371 -5.633  2.651   1.00 49.72  ? 116 ASN A CG  1 
ATOM   294  O  OD1 . ASN A 1 40  ? -13.709 -5.210  3.591   1.00 48.89  ? 116 ASN A OD1 1 
ATOM   295  N  ND2 . ASN A 1 40  ? -14.767 -6.893  2.584   1.00 55.52  ? 116 ASN A ND2 1 
ATOM   296  N  N   . ALA A 1 41  ? -12.535 -2.220  2.648   1.00 58.99  ? 117 ALA A N   1 
ATOM   297  C  CA  . ALA A 1 41  ? -11.153 -1.730  2.674   1.00 58.76  ? 117 ALA A CA  1 
ATOM   298  C  C   . ALA A 1 41  ? -10.120 -2.866  2.786   1.00 54.68  ? 117 ALA A C   1 
ATOM   299  O  O   . ALA A 1 41  ? -9.159  -2.916  2.018   1.00 40.45  ? 117 ALA A O   1 
ATOM   300  C  CB  . ALA A 1 41  ? -10.962 -0.736  3.821   1.00 64.21  ? 117 ALA A CB  1 
ATOM   301  N  N   . ASN A 1 42  ? -10.324 -3.752  3.756   1.00 54.79  ? 118 ASN A N   1 
ATOM   302  C  CA  . ASN A 1 42  ? -9.341  -4.764  4.106   1.00 56.25  ? 118 ASN A CA  1 
ATOM   303  C  C   . ASN A 1 42  ? -9.401  -5.948  3.149   1.00 49.57  ? 118 ASN A C   1 
ATOM   304  O  O   . ASN A 1 42  ? -8.438  -6.707  3.071   1.00 49.53  ? 118 ASN A O   1 
ATOM   305  C  CB  . ASN A 1 42  ? -9.484  -5.213  5.569   1.00 65.52  ? 118 ASN A CB  1 
ATOM   306  C  CG  . ASN A 1 42  ? -10.741 -6.028  5.825   1.00 73.38  ? 118 ASN A CG  1 
ATOM   307  O  OD1 . ASN A 1 42  ? -11.643 -6.095  4.983   1.00 81.33  ? 118 ASN A OD1 1 
ATOM   308  N  ND2 . ASN A 1 42  ? -10.807 -6.653  6.997   1.00 76.56  ? 118 ASN A ND2 1 
ATOM   309  N  N   . GLU A 1 43  ? -10.508 -6.113  2.429   1.00 45.22  ? 119 GLU A N   1 
ATOM   310  C  CA  . GLU A 1 43  ? -10.564 -7.112  1.358   1.00 48.61  ? 119 GLU A CA  1 
ATOM   311  C  C   . GLU A 1 43  ? -9.739  -6.745  0.127   1.00 43.04  ? 119 GLU A C   1 
ATOM   312  O  O   . GLU A 1 43  ? -9.167  -7.587  -0.556  1.00 43.93  ? 119 GLU A O   1 
ATOM   313  C  CB  . GLU A 1 43  ? -12.009 -7.369  0.947   1.00 58.17  ? 119 GLU A CB  1 
ATOM   314  C  CG  . GLU A 1 43  ? -12.209 -8.562  0.020   1.00 66.88  ? 119 GLU A CG  1 
ATOM   315  C  CD  . GLU A 1 43  ? -13.638 -8.688  -0.481  1.00 87.86  ? 119 GLU A CD  1 
ATOM   316  O  OE1 . GLU A 1 43  ? -14.289 -7.638  -0.780  1.00 108.70 ? 119 GLU A OE1 1 
ATOM   317  O  OE2 . GLU A 1 43  ? -14.095 -9.864  -0.593  1.00 92.73  ? 119 GLU A OE2 1 
ATOM   318  N  N   . ALA A 1 44  ? -9.702  -5.455  -0.172  1.00 38.80  ? 120 ALA A N   1 
ATOM   319  C  CA  . ALA A 1 44  ? -8.857  -4.925  -1.239  1.00 34.99  ? 120 ALA A CA  1 
ATOM   320  C  C   . ALA A 1 44  ? -7.396  -4.957  -0.811  1.00 33.05  ? 120 ALA A C   1 
ATOM   321  O  O   . ALA A 1 44  ? -6.538  -5.238  -1.633  1.00 28.17  ? 120 ALA A O   1 
ATOM   322  C  CB  . ALA A 1 44  ? -9.259  -3.487  -1.548  1.00 32.88  ? 120 ALA A CB  1 
ATOM   323  N  N   . THR A 1 45  ? -7.146  -4.703  0.478   1.00 31.86  ? 121 THR A N   1 
ATOM   324  C  CA  . THR A 1 45  ? -5.800  -4.631  1.048   1.00 31.36  ? 121 THR A CA  1 
ATOM   325  C  C   . THR A 1 45  ? -5.179  -6.017  1.126   1.00 30.42  ? 121 THR A C   1 
ATOM   326  O  O   . THR A 1 45  ? -4.005  -6.147  0.816   1.00 27.99  ? 121 THR A O   1 
ATOM   327  C  CB  . THR A 1 45  ? -5.836  -3.996  2.446   1.00 30.60  ? 121 THR A CB  1 
ATOM   328  O  OG1 . THR A 1 45  ? -6.475  -2.713  2.402   1.00 29.62  ? 121 THR A OG1 1 
ATOM   329  C  CG2 . THR A 1 45  ? -4.416  -3.827  2.990   1.00 30.50  ? 121 THR A CG2 1 
ATOM   330  N  N   . GLU A 1 46  ? -5.965  -7.021  1.512   1.00 33.99  ? 122 GLU A N   1 
ATOM   331  C  CA  . GLU A 1 46  ? -5.538  -8.436  1.483   1.00 36.64  ? 122 GLU A CA  1 
ATOM   332  C  C   . GLU A 1 46  ? -5.138  -8.896  0.101   1.00 34.84  ? 122 GLU A C   1 
ATOM   333  O  O   . GLU A 1 46  ? -4.093  -9.524  -0.097  1.00 33.01  ? 122 GLU A O   1 
ATOM   334  C  CB  . GLU A 1 46  ? -6.584  -9.381  2.057   1.00 44.80  ? 122 GLU A CB  1 
ATOM   335  C  CG  . GLU A 1 46  ? -6.565  -9.458  3.582   1.00 53.68  ? 122 GLU A CG  1 
ATOM   336  C  CD  . GLU A 1 46  ? -5.304  -10.130 4.139   1.00 62.27  ? 122 GLU A CD  1 
ATOM   337  O  OE1 . GLU A 1 46  ? -4.887  -11.170 3.581   1.00 66.48  ? 122 GLU A OE1 1 
ATOM   338  O  OE2 . GLU A 1 46  ? -4.689  -9.650  5.130   1.00 64.05  ? 122 GLU A OE2 1 
ATOM   339  N  N   . THR A 1 47  ? -5.956  -8.551  -0.887  1.00 33.39  ? 123 THR A N   1 
ATOM   340  C  CA  . THR A 1 47  ? -5.611  -8.872  -2.267  1.00 32.10  ? 123 THR A CA  1 
ATOM   341  C  C   . THR A 1 47  ? -4.239  -8.306  -2.638  1.00 31.97  ? 123 THR A C   1 
ATOM   342  O  O   . THR A 1 47  ? -3.431  -8.951  -3.286  1.00 31.78  ? 123 THR A O   1 
ATOM   343  C  CB  . THR A 1 47  ? -6.711  -8.365  -3.236  1.00 32.51  ? 123 THR A CB  1 
ATOM   344  O  OG1 . THR A 1 47  ? -7.926  -9.072  -2.966  1.00 28.97  ? 123 THR A OG1 1 
ATOM   345  C  CG2 . THR A 1 47  ? -6.350  -8.583  -4.693  1.00 32.57  ? 123 THR A CG2 1 
ATOM   346  N  N   . LEU A 1 48  ? -4.019  -7.055  -2.258  1.00 30.63  ? 124 LEU A N   1 
ATOM   347  C  CA  . LEU A 1 48  ? -2.848  -6.321  -2.606  1.00 28.07  ? 124 LEU A CA  1 
ATOM   348  C  C   . LEU A 1 48  ? -1.636  -6.994  -1.960  1.00 26.24  ? 124 LEU A C   1 
ATOM   349  O  O   . LEU A 1 48  ? -0.598  -7.185  -2.612  1.00 25.80  ? 124 LEU A O   1 
ATOM   350  C  CB  . LEU A 1 48  ? -2.951  -4.849  -2.109  1.00 28.00  ? 124 LEU A CB  1 
ATOM   351  C  CG  . LEU A 1 48  ? -1.772  -3.956  -2.557  1.00 25.34  ? 124 LEU A CG  1 
ATOM   352  C  CD1 . LEU A 1 48  ? -1.487  -4.060  -4.025  1.00 27.99  ? 124 LEU A CD1 1 
ATOM   353  C  CD2 . LEU A 1 48  ? -2.007  -2.509  -2.125  1.00 26.20  ? 124 LEU A CD2 1 
ATOM   354  N  N   . ARG A 1 49  ? -1.757  -7.303  -0.680  1.00 28.18  ? 125 ARG A N   1 
ATOM   355  C  CA  . ARG A 1 49  ? -0.671  -7.896  0.109   1.00 28.18  ? 125 ARG A CA  1 
ATOM   356  C  C   . ARG A 1 49  ? -0.285  -9.231  -0.545  1.00 31.03  ? 125 ARG A C   1 
ATOM   357  O  O   . ARG A 1 49  ? 0.906   -9.596  -0.651  1.00 29.16  ? 125 ARG A O   1 
ATOM   358  C  CB  . ARG A 1 49  ? -1.083  -8.052  1.556   1.00 29.64  ? 125 ARG A CB  1 
ATOM   359  C  CG  . ARG A 1 49  ? -1.123  -6.767  2.378   1.00 30.13  ? 125 ARG A CG  1 
ATOM   360  C  CD  . ARG A 1 49  ? -1.685  -7.025  3.770   1.00 27.22  ? 125 ARG A CD  1 
ATOM   361  N  NE  . ARG A 1 49  ? -0.888  -8.017  4.458   1.00 30.93  ? 125 ARG A NE  1 
ATOM   362  C  CZ  . ARG A 1 49  ? 0.118   -7.788  5.303   1.00 28.99  ? 125 ARG A CZ  1 
ATOM   363  N  NH1 . ARG A 1 49  ? 0.452   -6.563  5.640   1.00 28.66  ? 125 ARG A NH1 1 
ATOM   364  N  NH2 . ARG A 1 49  ? 0.791   -8.798  5.843   1.00 27.57  ? 125 ARG A NH2 1 
ATOM   365  N  N   . ASN A 1 50  ? -1.299  -9.944  -1.048  1.00 31.19  ? 126 ASN A N   1 
ATOM   366  C  CA  . ASN A 1 50  ? -1.039  -11.219 -1.734  1.00 29.67  ? 126 ASN A CA  1 
ATOM   367  C  C   . ASN A 1 50  ? -0.281  -11.064 -3.021  1.00 28.74  ? 126 ASN A C   1 
ATOM   368  O  O   . ASN A 1 50  ? 0.740   -11.713 -3.221  1.00 29.31  ? 126 ASN A O   1 
ATOM   369  C  CB  . ASN A 1 50  ? -2.341  -11.984 -1.909  1.00 33.24  ? 126 ASN A CB  1 
ATOM   370  C  CG  . ASN A 1 50  ? -2.871  -12.520 -0.593  1.00 33.80  ? 126 ASN A CG  1 
ATOM   371  O  OD1 . ASN A 1 50  ? -4.053  -12.396 -0.280  1.00 37.81  ? 126 ASN A OD1 1 
ATOM   372  N  ND2 . ASN A 1 50  ? -1.998  -13.121 0.195   1.00 34.11  ? 126 ASN A ND2 1 
ATOM   373  N  N   . ALA A 1 51  ? -0.752  -10.149 -3.862  1.00 26.71  ? 127 ALA A N   1 
ATOM   374  C  CA  . ALA A 1 51  ? -0.064  -9.821  -5.099  1.00 30.10  ? 127 ALA A CA  1 
ATOM   375  C  C   . ALA A 1 51  ? 1.409   -9.433  -4.852  1.00 29.89  ? 127 ALA A C   1 
ATOM   376  O  O   . ALA A 1 51  ? 2.284   -9.773  -5.650  1.00 32.50  ? 127 ALA A O   1 
ATOM   377  C  CB  . ALA A 1 51  ? -0.756  -8.708  -5.871  1.00 29.48  ? 127 ALA A CB  1 
ATOM   378  N  N   . LEU A 1 52  ? 1.659   -8.748  -3.736  1.00 28.74  ? 128 LEU A N   1 
ATOM   379  C  CA  . LEU A 1 52  ? 3.000   -8.293  -3.412  1.00 25.70  ? 128 LEU A CA  1 
ATOM   380  C  C   . LEU A 1 52  ? 3.888   -9.371  -2.819  1.00 28.34  ? 128 LEU A C   1 
ATOM   381  O  O   . LEU A 1 52  ? 5.097   -9.399  -3.120  1.00 30.14  ? 128 LEU A O   1 
ATOM   382  C  CB  . LEU A 1 52  ? 2.899   -7.129  -2.444  1.00 23.89  ? 128 LEU A CB  1 
ATOM   383  C  CG  . LEU A 1 52  ? 2.329   -5.856  -3.046  1.00 22.18  ? 128 LEU A CG  1 
ATOM   384  C  CD1 . LEU A 1 52  ? 1.894   -4.906  -1.957  1.00 20.93  ? 128 LEU A CD1 1 
ATOM   385  C  CD2 . LEU A 1 52  ? 3.318   -5.194  -3.985  1.00 22.19  ? 128 LEU A CD2 1 
ATOM   386  N  N   . ALA A 1 53  ? 3.307   -10.219 -1.959  1.00 28.18  ? 129 ALA A N   1 
ATOM   387  C  CA  . ALA A 1 53  ? 3.999   -11.357 -1.372  1.00 29.61  ? 129 ALA A CA  1 
ATOM   388  C  C   . ALA A 1 53  ? 4.322   -12.452 -2.375  1.00 37.01  ? 129 ALA A C   1 
ATOM   389  O  O   . ALA A 1 53  ? 5.272   -13.191 -2.155  1.00 45.96  ? 129 ALA A O   1 
ATOM   390  C  CB  . ALA A 1 53  ? 3.186   -11.963 -0.238  1.00 30.03  ? 129 ALA A CB  1 
ATOM   391  N  N   . ASN A 1 54  ? 3.559   -12.539 -3.461  1.00 39.25  ? 130 ASN A N   1 
ATOM   392  C  CA  . ASN A 1 54  ? 3.700   -13.603 -4.451  1.00 47.66  ? 130 ASN A CA  1 
ATOM   393  C  C   . ASN A 1 54  ? 4.585   -13.159 -5.600  1.00 51.06  ? 130 ASN A C   1 
ATOM   394  O  O   . ASN A 1 54  ? 5.458   -13.915 -6.025  1.00 52.89  ? 130 ASN A O   1 
ATOM   395  C  CB  . ASN A 1 54  ? 2.319   -14.051 -4.987  1.00 50.41  ? 130 ASN A CB  1 
ATOM   396  C  CG  . ASN A 1 54  ? 1.464   -14.740 -3.925  1.00 53.97  ? 130 ASN A CG  1 
ATOM   397  O  OD1 . ASN A 1 54  ? 1.923   -15.092 -2.830  1.00 57.97  ? 130 ASN A OD1 1 
ATOM   398  N  ND2 . ASN A 1 54  ? 0.190   -14.944 -4.235  1.00 59.35  ? 130 ASN A ND2 1 
ATOM   399  N  N   . ASN A 1 55  ? 4.342   -11.951 -6.109  1.00 48.47  ? 131 ASN A N   1 
ATOM   400  C  CA  . ASN A 1 55  ? 5.232   -11.346 -7.104  1.00 57.52  ? 131 ASN A CA  1 
ATOM   401  C  C   . ASN A 1 55  ? 6.257   -10.417 -6.463  1.00 53.80  ? 131 ASN A C   1 
ATOM   402  O  O   . ASN A 1 55  ? 5.911   -9.425  -5.833  1.00 63.85  ? 131 ASN A O   1 
ATOM   403  C  CB  . ASN A 1 55  ? 4.465   -10.582 -8.186  1.00 64.42  ? 131 ASN A CB  1 
ATOM   404  C  CG  . ASN A 1 55  ? 3.353   -11.397 -8.824  1.00 68.90  ? 131 ASN A CG  1 
ATOM   405  O  OD1 . ASN A 1 55  ? 2.271   -10.862 -9.075  1.00 66.20  ? 131 ASN A OD1 1 
ATOM   406  N  ND2 . ASN A 1 55  ? 3.603   -12.685 -9.094  1.00 72.93  ? 131 ASN A ND2 1 
ATOM   407  N  N   . GLY A 1 56  ? 7.529   -10.754 -6.616  1.00 46.37  ? 132 GLY A N   1 
ATOM   408  C  CA  . GLY A 1 56  ? 8.592   -9.901  -6.094  1.00 47.22  ? 132 GLY A CA  1 
ATOM   409  C  C   . GLY A 1 56  ? 8.925   -10.101 -4.627  1.00 43.37  ? 132 GLY A C   1 
ATOM   410  O  O   . GLY A 1 56  ? 9.779   -9.372  -4.106  1.00 42.67  ? 132 GLY A O   1 
ATOM   411  N  N   . LYS A 1 57  ? 8.264   -11.064 -3.967  1.00 38.31  ? 133 LYS A N   1 
ATOM   412  C  CA  . LYS A 1 57  ? 8.792   -11.800 -2.815  1.00 35.35  ? 133 LYS A CA  1 
ATOM   413  C  C   . LYS A 1 57  ? 9.193   -10.820 -1.681  1.00 35.25  ? 133 LYS A C   1 
ATOM   414  O  O   . LYS A 1 57  ? 10.046  -11.151 -0.844  1.00 37.34  ? 133 LYS A O   1 
ATOM   415  C  CB  . LYS A 1 57  ? 9.974   -12.695 -3.217  1.00 39.24  ? 133 LYS A CB  1 
ATOM   416  C  CG  . LYS A 1 57  ? 11.386  -12.100 -3.003  1.00 47.75  ? 133 LYS A CG  1 
ATOM   417  C  CD  . LYS A 1 57  ? 12.578  -12.959 -3.473  1.00 48.40  ? 133 LYS A CD  1 
ATOM   418  C  CE  . LYS A 1 57  ? 13.542  -12.227 -4.388  1.00 45.69  ? 133 LYS A CE  1 
ATOM   419  N  NZ  . LYS A 1 57  ? 13.337  -12.605 -5.820  1.00 47.59  ? 133 LYS A NZ  1 
ATOM   420  N  N   . PHE A 1 58  ? 8.558   -9.639  -1.624  1.00 27.96  ? 134 PHE A N   1 
ATOM   421  C  CA  . PHE A 1 58  ? 8.739   -8.738  -0.501  1.00 25.79  ? 134 PHE A CA  1 
ATOM   422  C  C   . PHE A 1 58  ? 8.443   -9.450  0.805   1.00 24.03  ? 134 PHE A C   1 
ATOM   423  O  O   . PHE A 1 58  ? 7.605   -10.334 0.842   1.00 26.24  ? 134 PHE A O   1 
ATOM   424  C  CB  . PHE A 1 58  ? 7.810   -7.530  -0.596  1.00 25.80  ? 134 PHE A CB  1 
ATOM   425  C  CG  . PHE A 1 58  ? 8.004   -6.694  -1.818  1.00 24.89  ? 134 PHE A CG  1 
ATOM   426  C  CD1 . PHE A 1 58  ? 9.060   -5.797  -1.900  1.00 24.97  ? 134 PHE A CD1 1 
ATOM   427  C  CD2 . PHE A 1 58  ? 7.123   -6.819  -2.896  1.00 24.78  ? 134 PHE A CD2 1 
ATOM   428  C  CE1 . PHE A 1 58  ? 9.245   -5.031  -3.034  1.00 23.84  ? 134 PHE A CE1 1 
ATOM   429  C  CE2 . PHE A 1 58  ? 7.288   -6.047  -4.014  1.00 26.93  ? 134 PHE A CE2 1 
ATOM   430  C  CZ  . PHE A 1 58  ? 8.361   -5.153  -4.094  1.00 26.98  ? 134 PHE A CZ  1 
ATOM   431  N  N   . THR A 1 59  ? 9.135   -9.071  1.857   1.00 22.73  ? 135 THR A N   1 
ATOM   432  C  CA  . THR A 1 59  ? 8.696   -9.304  3.221   1.00 22.48  ? 135 THR A CA  1 
ATOM   433  C  C   . THR A 1 59  ? 7.813   -8.162  3.599   1.00 21.10  ? 135 THR A C   1 
ATOM   434  O  O   . THR A 1 59  ? 8.260   -7.020  3.616   1.00 20.31  ? 135 THR A O   1 
ATOM   435  C  CB  . THR A 1 59  ? 9.893   -9.312  4.189   1.00 23.60  ? 135 THR A CB  1 
ATOM   436  O  OG1 . THR A 1 59  ? 10.707  -10.412 3.843   1.00 27.68  ? 135 THR A OG1 1 
ATOM   437  C  CG2 . THR A 1 59  ? 9.427   -9.498  5.627   1.00 23.19  ? 135 THR A CG2 1 
ATOM   438  N  N   . LEU A 1 60  ? 6.556   -8.476  3.882   1.00 21.17  ? 136 LEU A N   1 
ATOM   439  C  CA  . LEU A 1 60  ? 5.570   -7.510  4.318   1.00 22.42  ? 136 LEU A CA  1 
ATOM   440  C  C   . LEU A 1 60  ? 5.585   -7.280  5.826   1.00 21.79  ? 136 LEU A C   1 
ATOM   441  O  O   . LEU A 1 60  ? 5.700   -8.222  6.632   1.00 21.75  ? 136 LEU A O   1 
ATOM   442  C  CB  . LEU A 1 60  ? 4.167   -7.886  3.831   1.00 23.89  ? 136 LEU A CB  1 
ATOM   443  C  CG  . LEU A 1 60  ? 3.963   -8.155  2.344   1.00 24.86  ? 136 LEU A CG  1 
ATOM   444  C  CD1 . LEU A 1 60  ? 2.501   -8.452  2.081   1.00 25.28  ? 136 LEU A CD1 1 
ATOM   445  C  CD2 . LEU A 1 60  ? 4.448   -7.002  1.487   1.00 23.50  ? 136 LEU A CD2 1 
ATOM   446  N  N   . VAL A 1 61  ? 5.461   -6.012  6.214   1.00 22.14  ? 137 VAL A N   1 
ATOM   447  C  CA  . VAL A 1 61  ? 5.236   -5.694  7.632   1.00 19.87  ? 137 VAL A CA  1 
ATOM   448  C  C   . VAL A 1 61  ? 3.871   -6.226  7.954   1.00 21.41  ? 137 VAL A C   1 
ATOM   449  O  O   . VAL A 1 61  ? 2.949   -6.037  7.157   1.00 21.37  ? 137 VAL A O   1 
ATOM   450  C  CB  . VAL A 1 61  ? 5.363   -4.198  7.897   1.00 20.02  ? 137 VAL A CB  1 
ATOM   451  C  CG1 . VAL A 1 61  ? 5.253   -3.908  9.368   1.00 21.11  ? 137 VAL A CG1 1 
ATOM   452  C  CG2 . VAL A 1 61  ? 6.706   -3.671  7.358   1.00 19.28  ? 137 VAL A CG2 1 
ATOM   453  N  N   . SER A 1 62  ? 3.766   -6.900  9.101   1.00 20.71  ? 138 SER A N   1 
ATOM   454  C  CA  . SER A 1 62  ? 2.520   -7.555  9.508   1.00 20.37  ? 138 SER A CA  1 
ATOM   455  C  C   . SER A 1 62  ? 1.585   -6.607  10.273  1.00 19.39  ? 138 SER A C   1 
ATOM   456  O  O   . SER A 1 62  ? 2.001   -5.635  10.884  1.00 18.70  ? 138 SER A O   1 
ATOM   457  C  CB  . SER A 1 62  ? 2.848   -8.765  10.378  1.00 20.17  ? 138 SER A CB  1 
ATOM   458  O  OG  . SER A 1 62  ? 3.108   -8.333  11.706  1.00 22.56  ? 138 SER A OG  1 
ATOM   459  N  N   . VAL A 1 63  ? 0.306   -6.965  10.329  1.00 20.02  ? 139 VAL A N   1 
ATOM   460  C  CA  . VAL A 1 63  ? -0.713  -6.184  10.997  1.00 22.09  ? 139 VAL A CA  1 
ATOM   461  C  C   . VAL A 1 63  ? -0.301  -5.896  12.454  1.00 20.30  ? 139 VAL A C   1 
ATOM   462  O  O   . VAL A 1 63  ? -0.442  -4.767  12.927  1.00 16.84  ? 139 VAL A O   1 
ATOM   463  C  CB  . VAL A 1 63  ? -2.098  -6.893  10.936  1.00 25.89  ? 139 VAL A CB  1 
ATOM   464  C  CG1 . VAL A 1 63  ? -3.146  -6.152  11.721  1.00 27.20  ? 139 VAL A CG1 1 
ATOM   465  C  CG2 . VAL A 1 63  ? -2.562  -7.087  9.484   1.00 28.76  ? 139 VAL A CG2 1 
ATOM   466  N  N   . GLN A 1 64  ? 0.224   -6.906  13.145  1.00 20.65  ? 140 GLN A N   1 
ATOM   467  C  CA  . GLN A 1 64  ? 0.497   -6.836  14.563  1.00 23.48  ? 140 GLN A CA  1 
ATOM   468  C  C   . GLN A 1 64  ? 1.687   -5.949  14.817  1.00 22.20  ? 140 GLN A C   1 
ATOM   469  O  O   . GLN A 1 64  ? 1.645   -5.072  15.675  1.00 21.55  ? 140 GLN A O   1 
ATOM   470  C  CB  . GLN A 1 64  ? 0.667   -8.214  15.200  1.00 28.62  ? 140 GLN A CB  1 
ATOM   471  C  CG  . GLN A 1 64  ? -0.676  -8.931  15.464  1.00 32.75  ? 140 GLN A CG  1 
ATOM   472  C  CD  . GLN A 1 64  ? -0.540  -9.985  16.556  1.00 41.74  ? 140 GLN A CD  1 
ATOM   473  O  OE1 . GLN A 1 64  ? 0.164   -9.760  17.553  1.00 50.01  ? 140 GLN A OE1 1 
ATOM   474  N  NE2 . GLN A 1 64  ? -1.198  -11.138 16.380  1.00 44.70  ? 140 GLN A NE2 1 
ATOM   475  N  N   . GLN A 1 65  ? 2.730   -6.124  14.002  1.00 24.06  ? 141 GLN A N   1 
ATOM   476  C  CA  . GLN A 1 65  ? 3.846   -5.189  13.978  1.00 20.55  ? 141 GLN A CA  1 
ATOM   477  C  C   . GLN A 1 65  ? 3.442   -3.734  13.847  1.00 18.22  ? 141 GLN A C   1 
ATOM   478  O  O   . GLN A 1 65  ? 3.969   -2.850  14.549  1.00 18.86  ? 141 GLN A O   1 
ATOM   479  C  CB  . GLN A 1 65  ? 4.870   -5.558  12.917  1.00 21.14  ? 141 GLN A CB  1 
ATOM   480  C  CG  . GLN A 1 65  ? 5.580   -6.879  13.165  1.00 20.55  ? 141 GLN A CG  1 
ATOM   481  C  CD  . GLN A 1 65  ? 6.469   -7.234  12.034  1.00 21.78  ? 141 GLN A CD  1 
ATOM   482  O  OE1 . GLN A 1 65  ? 7.225   -6.384  11.566  1.00 21.50  ? 141 GLN A OE1 1 
ATOM   483  N  NE2 . GLN A 1 65  ? 6.372   -8.466  11.534  1.00 25.47  ? 141 GLN A NE2 1 
ATOM   484  N  N   . LEU A 1 66  ? 2.509   -3.469  12.953  1.00 17.58  ? 142 LEU A N   1 
ATOM   485  C  CA  . LEU A 1 66  ? 2.044   -2.109  12.750  1.00 18.64  ? 142 LEU A CA  1 
ATOM   486  C  C   . LEU A 1 66  ? 1.317   -1.584  13.944  1.00 19.15  ? 142 LEU A C   1 
ATOM   487  O  O   . LEU A 1 66  ? 1.612   -0.442  14.374  1.00 19.94  ? 142 LEU A O   1 
ATOM   488  C  CB  . LEU A 1 66  ? 1.134   -1.975  11.518  1.00 22.21  ? 142 LEU A CB  1 
ATOM   489  C  CG  . LEU A 1 66  ? 1.844   -2.185  10.182  1.00 24.93  ? 142 LEU A CG  1 
ATOM   490  C  CD1 . LEU A 1 66  ? 0.850   -2.355  9.038   1.00 26.06  ? 142 LEU A CD1 1 
ATOM   491  C  CD2 . LEU A 1 66  ? 2.837   -1.056  9.933   1.00 28.65  ? 142 LEU A CD2 1 
ATOM   492  N  N   . SER A 1 67  ? 0.386   -2.397  14.470  1.00 20.74  ? 143 SER A N   1 
ATOM   493  C  CA  . SER A 1 67  ? -0.312  -2.060  15.699  1.00 20.12  ? 143 SER A CA  1 
ATOM   494  C  C   . SER A 1 67  ? 0.688   -1.666  16.804  1.00 18.96  ? 143 SER A C   1 
ATOM   495  O  O   . SER A 1 67  ? 0.624   -0.573  17.379  1.00 19.02  ? 143 SER A O   1 
ATOM   496  C  CB  . SER A 1 67  ? -1.233  -3.219  16.127  1.00 22.58  ? 143 SER A CB  1 
ATOM   497  O  OG  . SER A 1 67  ? -2.256  -2.773  16.962  1.00 22.63  ? 143 SER A OG  1 
HETATM 498  N  N   . MSE A 1 68  ? 1.646   -2.551  17.058  1.00 17.72  ? 144 MSE A N   1 
HETATM 499  C  CA  . MSE A 1 68  ? 2.691   -2.274  18.048  1.00 18.66  ? 144 MSE A CA  1 
HETATM 500  C  C   . MSE A 1 68  ? 3.448   -0.999  17.781  1.00 17.73  ? 144 MSE A C   1 
HETATM 501  O  O   . MSE A 1 68  ? 3.698   -0.219  18.712  1.00 19.55  ? 144 MSE A O   1 
HETATM 502  C  CB  . MSE A 1 68  ? 3.729   -3.387  18.045  1.00 23.79  ? 144 MSE A CB  1 
HETATM 503  C  CG  . MSE A 1 68  ? 3.165   -4.782  18.209  1.00 30.90  ? 144 MSE A CG  1 
HETATM 504  SE SE  . MSE A 1 68  ? 2.332   -4.913  19.978  1.00 46.76  ? 144 MSE A SE  1 
HETATM 505  C  CE  . MSE A 1 68  ? 0.824   -6.061  19.387  1.00 45.96  ? 144 MSE A CE  1 
ATOM   506  N  N   . ALA A 1 69  ? 3.883   -0.791  16.529  1.00 15.04  ? 145 ALA A N   1 
ATOM   507  C  CA  . ALA A 1 69  ? 4.602   0.403   16.160  1.00 15.98  ? 145 ALA A CA  1 
ATOM   508  C  C   . ALA A 1 69  ? 3.795   1.680   16.394  1.00 16.88  ? 145 ALA A C   1 
ATOM   509  O  O   . ALA A 1 69  ? 4.316   2.648   16.999  1.00 17.02  ? 145 ALA A O   1 
ATOM   510  C  CB  . ALA A 1 69  ? 5.078   0.342   14.724  1.00 16.23  ? 145 ALA A CB  1 
ATOM   511  N  N   . LYS A 1 70  ? 2.509   1.647   16.005  1.00 16.77  ? 146 LYS A N   1 
ATOM   512  C  CA  . LYS A 1 70  ? 1.605   2.760   16.326  1.00 19.54  ? 146 LYS A CA  1 
ATOM   513  C  C   . LYS A 1 70  ? 1.566   3.100   17.789  1.00 19.39  ? 146 LYS A C   1 
ATOM   514  O  O   . LYS A 1 70  ? 1.572   4.238   18.210  1.00 19.81  ? 146 LYS A O   1 
ATOM   515  C  CB  . LYS A 1 70  ? 0.209   2.496   15.784  1.00 20.17  ? 146 LYS A CB  1 
ATOM   516  C  CG  . LYS A 1 70  ? 0.087   2.579   14.255  1.00 21.43  ? 146 LYS A CG  1 
ATOM   517  C  CD  . LYS A 1 70  ? -1.341  2.580   13.754  1.00 23.57  ? 146 LYS A CD  1 
ATOM   518  C  CE  . LYS A 1 70  ? -1.903  1.169   13.745  1.00 25.47  ? 146 LYS A CE  1 
ATOM   519  N  NZ  . LYS A 1 70  ? -3.237  1.142   13.088  1.00 27.50  ? 146 LYS A NZ  1 
ATOM   520  N  N   . GLN A 1 71  ? 1.518   2.071   18.613  1.00 22.46  ? 147 GLN A N   1 
ATOM   521  C  CA  . GLN A 1 71  ? 1.403   2.251   20.039  1.00 24.78  ? 147 GLN A CA  1 
ATOM   522  C  C   . GLN A 1 71  ? 2.733   2.834   20.602  1.00 24.25  ? 147 GLN A C   1 
ATOM   523  O  O   . GLN A 1 71  ? 2.717   3.738   21.438  1.00 23.69  ? 147 GLN A O   1 
ATOM   524  C  CB  . GLN A 1 71  ? 1.092   0.908   20.680  1.00 25.12  ? 147 GLN A CB  1 
ATOM   525  C  CG  . GLN A 1 71  ? 1.123   0.964   22.192  1.00 29.21  ? 147 GLN A CG  1 
ATOM   526  C  CD  . GLN A 1 71  ? 0.807   -0.364  22.819  1.00 30.35  ? 147 GLN A CD  1 
ATOM   527  O  OE1 . GLN A 1 71  ? 1.519   -1.362  22.579  1.00 31.44  ? 147 GLN A OE1 1 
ATOM   528  N  NE2 . GLN A 1 71  ? -0.257  -0.385  23.633  1.00 29.61  ? 147 GLN A NE2 1 
ATOM   529  N  N   . GLN A 1 72  ? 3.873   2.350   20.114  1.00 22.40  ? 148 GLN A N   1 
ATOM   530  C  CA  . GLN A 1 72  ? 5.165   2.919   20.508  1.00 22.30  ? 148 GLN A CA  1 
ATOM   531  C  C   . GLN A 1 72  ? 5.370   4.384   20.113  1.00 26.33  ? 148 GLN A C   1 
ATOM   532  O  O   . GLN A 1 72  ? 6.190   5.082   20.743  1.00 26.88  ? 148 GLN A O   1 
ATOM   533  C  CB  . GLN A 1 72  ? 6.303   2.074   19.985  1.00 21.20  ? 148 GLN A CB  1 
ATOM   534  C  CG  . GLN A 1 72  ? 6.261   0.634   20.413  1.00 23.04  ? 148 GLN A CG  1 
ATOM   535  C  CD  . GLN A 1 72  ? 7.116   -0.246  19.525  1.00 23.39  ? 148 GLN A CD  1 
ATOM   536  O  OE1 . GLN A 1 72  ? 7.702   0.217   18.546  1.00 24.85  ? 148 GLN A OE1 1 
ATOM   537  N  NE2 . GLN A 1 72  ? 7.149   -1.525  19.863  1.00 23.02  ? 148 GLN A NE2 1 
ATOM   538  N  N   . LEU A 1 73  ? 4.625   4.871   19.110  1.00 26.32  ? 149 LEU A N   1 
ATOM   539  C  CA  . LEU A 1 73  ? 4.735   6.234   18.636  1.00 27.88  ? 149 LEU A CA  1 
ATOM   540  C  C   . LEU A 1 73  ? 3.619   7.152   19.165  1.00 28.62  ? 149 LEU A C   1 
ATOM   541  O  O   . LEU A 1 73  ? 3.598   8.340   18.830  1.00 30.89  ? 149 LEU A O   1 
ATOM   542  C  CB  . LEU A 1 73  ? 4.760   6.252   17.099  1.00 29.73  ? 149 LEU A CB  1 
ATOM   543  C  CG  . LEU A 1 73  ? 6.176   6.170   16.509  1.00 33.90  ? 149 LEU A CG  1 
ATOM   544  C  CD1 . LEU A 1 73  ? 6.888   4.874   16.868  1.00 37.11  ? 149 LEU A CD1 1 
ATOM   545  C  CD2 . LEU A 1 73  ? 6.093   6.337   15.000  1.00 34.69  ? 149 LEU A CD2 1 
ATOM   546  N  N   . GLY A 1 74  ? 2.709   6.622   19.972  1.00 24.71  ? 150 GLY A N   1 
ATOM   547  C  CA  . GLY A 1 74  ? 1.635   7.366   20.632  1.00 23.85  ? 150 GLY A CA  1 
ATOM   548  C  C   . GLY A 1 74  ? 0.473   7.687   19.706  1.00 23.31  ? 150 GLY A C   1 
ATOM   549  O  O   . GLY A 1 74  ? -0.310  8.613   19.944  1.00 26.03  ? 150 GLY A O   1 
ATOM   550  N  N   . LEU A 1 75  ? 0.386   6.971   18.591  1.00 21.82  ? 151 LEU A N   1 
ATOM   551  C  CA  . LEU A 1 75  ? -0.689  7.173   17.617  1.00 22.06  ? 151 LEU A CA  1 
ATOM   552  C  C   . LEU A 1 75  ? -1.913  6.411   18.132  1.00 21.32  ? 151 LEU A C   1 
ATOM   553  O  O   . LEU A 1 75  ? -1.809  5.475   18.889  1.00 23.50  ? 151 LEU A O   1 
ATOM   554  C  CB  . LEU A 1 75  ? -0.306  6.728   16.210  1.00 21.93  ? 151 LEU A CB  1 
ATOM   555  C  CG  . LEU A 1 75  ? 0.905   7.434   15.601  1.00 23.17  ? 151 LEU A CG  1 
ATOM   556  C  CD1 . LEU A 1 75  ? 1.173   6.912   14.204  1.00 23.10  ? 151 LEU A CD1 1 
ATOM   557  C  CD2 . LEU A 1 75  ? 0.662   8.942   15.618  1.00 23.79  ? 151 LEU A CD2 1 
ATOM   558  N  N   . SER A 1 76  ? -3.095  6.855   17.739  1.00 19.29  ? 152 SER A N   1 
ATOM   559  C  CA  . SER A 1 76  ? -4.325  6.140   18.015  1.00 18.17  ? 152 SER A CA  1 
ATOM   560  C  C   . SER A 1 76  ? -4.239  4.750   17.365  1.00 18.02  ? 152 SER A C   1 
ATOM   561  O  O   . SER A 1 76  ? -3.664  4.570   16.304  1.00 18.99  ? 152 SER A O   1 
ATOM   562  C  CB  . SER A 1 76  ? -5.500  6.924   17.468  1.00 19.91  ? 152 SER A CB  1 
ATOM   563  O  OG  . SER A 1 76  ? -6.614  6.105   17.350  1.00 21.07  ? 152 SER A OG  1 
ATOM   564  N  N   . PRO A 1 77  ? -4.742  3.747   18.051  1.00 20.84  ? 153 PRO A N   1 
ATOM   565  C  CA  . PRO A 1 77  ? -4.691  2.350   17.614  1.00 21.74  ? 153 PRO A CA  1 
ATOM   566  C  C   . PRO A 1 77  ? -5.294  2.112   16.224  1.00 22.73  ? 153 PRO A C   1 
ATOM   567  O  O   . PRO A 1 77  ? -4.874  1.194   15.555  1.00 24.34  ? 153 PRO A O   1 
ATOM   568  C  CB  . PRO A 1 77  ? -5.626  1.671   18.650  1.00 21.20  ? 153 PRO A CB  1 
ATOM   569  C  CG  . PRO A 1 77  ? -5.474  2.470   19.860  1.00 22.31  ? 153 PRO A CG  1 
ATOM   570  C  CD  . PRO A 1 77  ? -5.380  3.872   19.393  1.00 21.07  ? 153 PRO A CD  1 
ATOM   571  N  N   . GLN A 1 78  ? -6.293  2.900   15.825  1.00 23.27  ? 154 GLN A N   1 
ATOM   572  C  CA  . GLN A 1 78  ? -6.956  2.743   14.533  1.00 25.92  ? 154 GLN A CA  1 
ATOM   573  C  C   . GLN A 1 78  ? -6.367  3.652   13.468  1.00 27.82  ? 154 GLN A C   1 
ATOM   574  O  O   . GLN A 1 78  ? -6.785  3.620   12.320  1.00 27.43  ? 154 GLN A O   1 
ATOM   575  C  CB  . GLN A 1 78  ? -8.460  3.013   14.650  1.00 27.19  ? 154 GLN A CB  1 
ATOM   576  C  CG  . GLN A 1 78  ? -9.249  2.102   13.698  1.00 31.58  ? 154 GLN A CG  1 
ATOM   577  C  CD  . GLN A 1 78  ? -9.148  0.639   14.090  1.00 27.38  ? 154 GLN A CD  1 
ATOM   578  O  OE1 . GLN A 1 78  ? -9.144  0.316   15.290  1.00 25.40  ? 154 GLN A OE1 1 
ATOM   579  N  NE2 . GLN A 1 78  ? -9.072  -0.241  13.096  1.00 27.30  ? 154 GLN A NE2 1 
ATOM   580  N  N   . ASP A 1 79  ? -5.369  4.439   13.837  1.00 29.82  ? 155 ASP A N   1 
ATOM   581  C  CA  . ASP A 1 79  ? -4.752  5.376   12.905  1.00 30.80  ? 155 ASP A CA  1 
ATOM   582  C  C   . ASP A 1 79  ? -4.467  4.767   11.535  1.00 31.75  ? 155 ASP A C   1 
ATOM   583  O  O   . ASP A 1 79  ? -3.836  3.726   11.394  1.00 27.97  ? 155 ASP A O   1 
ATOM   584  C  CB  . ASP A 1 79  ? -3.450  5.927   13.474  1.00 33.35  ? 155 ASP A CB  1 
ATOM   585  C  CG  . ASP A 1 79  ? -3.033  7.188   12.786  1.00 37.01  ? 155 ASP A CG  1 
ATOM   586  O  OD1 . ASP A 1 79  ? -3.068  8.227   13.494  1.00 41.12  ? 155 ASP A OD1 1 
ATOM   587  O  OD2 . ASP A 1 79  ? -2.683  7.151   11.572  1.00 44.52  ? 155 ASP A OD2 1 
ATOM   588  N  N   . SER A 1 80  ? -4.906  5.458   10.487  1.00 35.54  ? 156 SER A N   1 
ATOM   589  C  CA  . SER A 1 80  ? -4.910  4.876   9.152   1.00 36.30  ? 156 SER A CA  1 
ATOM   590  C  C   . SER A 1 80  ? -3.545  5.046   8.499   1.00 36.42  ? 156 SER A C   1 
ATOM   591  O  O   . SER A 1 80  ? -3.339  4.477   7.418   1.00 38.83  ? 156 SER A O   1 
ATOM   592  C  CB  . SER A 1 80  ? -5.957  5.563   8.281   1.00 39.12  ? 156 SER A CB  1 
ATOM   593  O  OG  . SER A 1 80  ? -7.174  4.874   8.362   1.00 40.38  ? 156 SER A OG  1 
ATOM   594  N  N   . LEU A 1 81  ? -2.640  5.805   9.123   1.00 34.02  ? 157 LEU A N   1 
ATOM   595  C  CA  . LEU A 1 81  ? -1.355  6.149   8.497   1.00 38.57  ? 157 LEU A CA  1 
ATOM   596  C  C   . LEU A 1 81  ? -1.597  6.901   7.197   1.00 42.00  ? 157 LEU A C   1 
ATOM   597  O  O   . LEU A 1 81  ? -0.889  6.702   6.204   1.00 38.55  ? 157 LEU A O   1 
ATOM   598  C  CB  . LEU A 1 81  ? -0.470  4.922   8.209   1.00 39.68  ? 157 LEU A CB  1 
ATOM   599  C  CG  . LEU A 1 81  ? 0.302   4.267   9.351   1.00 41.07  ? 157 LEU A CG  1 
ATOM   600  C  CD1 . LEU A 1 81  ? -0.557  4.077   10.590  1.00 40.58  ? 157 LEU A CD1 1 
ATOM   601  C  CD2 . LEU A 1 81  ? 0.886   2.940   8.868   1.00 41.35  ? 157 LEU A CD2 1 
ATOM   602  N  N   . GLY A 1 82  ? -2.614  7.763   7.215   1.00 47.01  ? 158 GLY A N   1 
ATOM   603  C  CA  . GLY A 1 82  ? -2.878  8.667   6.083   1.00 50.60  ? 158 GLY A CA  1 
ATOM   604  C  C   . GLY A 1 82  ? -1.617  9.398   5.640   1.00 51.68  ? 158 GLY A C   1 
ATOM   605  O  O   . GLY A 1 82  ? -1.169  9.209   4.493   1.00 62.37  ? 158 GLY A O   1 
ATOM   606  N  N   . THR A 1 83  ? -1.036  10.188  6.550   1.00 41.77  ? 159 THR A N   1 
ATOM   607  C  CA  . THR A 1 83  ? -0.069  11.212  6.161   1.00 41.25  ? 159 THR A CA  1 
ATOM   608  C  C   . THR A 1 83  ? 1.286   10.558  5.930   1.00 35.40  ? 159 THR A C   1 
ATOM   609  O  O   . THR A 1 83  ? 1.490   9.432   6.321   1.00 33.95  ? 159 THR A O   1 
ATOM   610  C  CB  . THR A 1 83  ? 0.013   12.414  7.139   1.00 41.59  ? 159 THR A CB  1 
ATOM   611  O  OG1 . THR A 1 83  ? 0.848   12.097  8.246   1.00 46.50  ? 159 THR A OG1 1 
ATOM   612  C  CG2 . THR A 1 83  ? -1.365  12.838  7.619   1.00 39.51  ? 159 THR A CG2 1 
ATOM   613  N  N   . ARG A 1 84  ? 2.181   11.272  5.260   1.00 35.04  ? 160 ARG A N   1 
ATOM   614  C  CA  . ARG A 1 84  ? 3.486   10.735  4.935   1.00 31.33  ? 160 ARG A CA  1 
ATOM   615  C  C   . ARG A 1 84  ? 4.391   10.679  6.182   1.00 30.68  ? 160 ARG A C   1 
ATOM   616  O  O   . ARG A 1 84  ? 5.215   9.771   6.351   1.00 25.14  ? 160 ARG A O   1 
ATOM   617  C  CB  . ARG A 1 84  ? 4.103   11.549  3.790   1.00 30.40  ? 160 ARG A CB  1 
ATOM   618  C  CG  . ARG A 1 84  ? 3.372   11.463  2.469   1.00 29.73  ? 160 ARG A CG  1 
ATOM   619  C  CD  . ARG A 1 84  ? 4.169   12.112  1.336   1.00 29.65  ? 160 ARG A CD  1 
ATOM   620  N  NE  . ARG A 1 84  ? 3.423   12.022  0.082   1.00 32.01  ? 160 ARG A NE  1 
ATOM   621  C  CZ  . ARG A 1 84  ? 3.777   12.627  -1.062  1.00 34.95  ? 160 ARG A CZ  1 
ATOM   622  N  NH1 . ARG A 1 84  ? 4.882   13.376  -1.134  1.00 30.16  ? 160 ARG A NH1 1 
ATOM   623  N  NH2 . ARG A 1 84  ? 3.026   12.465  -2.147  1.00 33.18  ? 160 ARG A NH2 1 
ATOM   624  N  N   . SER A 1 85  ? 4.269   11.653  7.074   1.00 30.43  ? 161 SER A N   1 
ATOM   625  C  CA  . SER A 1 85  ? 5.169   11.707  8.222   1.00 35.01  ? 161 SER A CA  1 
ATOM   626  C  C   . SER A 1 85  ? 4.849   10.601  9.211   1.00 31.68  ? 161 SER A C   1 
ATOM   627  O  O   . SER A 1 85  ? 5.740   10.086  9.861   1.00 33.50  ? 161 SER A O   1 
ATOM   628  C  CB  . SER A 1 85  ? 5.083   13.089  8.901   1.00 42.19  ? 161 SER A CB  1 
ATOM   629  O  OG  . SER A 1 85  ? 3.791   13.339  9.445   1.00 49.19  ? 161 SER A OG  1 
ATOM   630  N  N   . LYS A 1 86  ? 3.579   10.234  9.326   1.00 31.37  ? 162 LYS A N   1 
ATOM   631  C  CA  . LYS A 1 86  ? 3.198   9.086   10.161  1.00 32.67  ? 162 LYS A CA  1 
ATOM   632  C  C   . LYS A 1 86  ? 3.666   7.771   9.530   1.00 31.44  ? 162 LYS A C   1 
ATOM   633  O  O   . LYS A 1 86  ? 4.120   6.879   10.208  1.00 28.54  ? 162 LYS A O   1 
ATOM   634  C  CB  . LYS A 1 86  ? 1.691   9.036   10.364  1.00 32.79  ? 162 LYS A CB  1 
ATOM   635  C  CG  . LYS A 1 86  ? 1.159   10.062  11.356  1.00 34.70  ? 162 LYS A CG  1 
ATOM   636  C  CD  . LYS A 1 86  ? -0.351  9.941   11.477  1.00 33.33  ? 162 LYS A CD  1 
ATOM   637  C  CE  . LYS A 1 86  ? -0.953  11.136  12.211  1.00 34.27  ? 162 LYS A CE  1 
ATOM   638  N  NZ  . LYS A 1 86  ? -2.407  10.917  12.436  1.00 30.96  ? 162 LYS A NZ  1 
ATOM   639  N  N   . ALA A 1 87  ? 3.582   7.668   8.214   1.00 30.69  ? 163 ALA A N   1 
ATOM   640  C  CA  . ALA A 1 87  ? 3.965   6.450   7.508   1.00 28.84  ? 163 ALA A CA  1 
ATOM   641  C  C   . ALA A 1 87  ? 5.466   6.221   7.591   1.00 27.87  ? 163 ALA A C   1 
ATOM   642  O  O   . ALA A 1 87  ? 5.928   5.111   7.831   1.00 27.87  ? 163 ALA A O   1 
ATOM   643  C  CB  . ALA A 1 87  ? 3.479   6.490   6.073   1.00 26.30  ? 163 ALA A CB  1 
ATOM   644  N  N   . ILE A 1 88  ? 6.242   7.273   7.459   1.00 28.92  ? 164 ILE A N   1 
ATOM   645  C  CA  . ILE A 1 88  ? 7.689   7.179   7.558   1.00 32.84  ? 164 ILE A CA  1 
ATOM   646  C  C   . ILE A 1 88  ? 8.135   6.937   9.007   1.00 31.87  ? 164 ILE A C   1 
ATOM   647  O  O   . ILE A 1 88  ? 9.103   6.186   9.261   1.00 26.98  ? 164 ILE A O   1 
ATOM   648  C  CB  . ILE A 1 88  ? 8.383   8.446   7.031   1.00 34.53  ? 164 ILE A CB  1 
ATOM   649  C  CG1 . ILE A 1 88  ? 8.098   8.587   5.553   1.00 42.98  ? 164 ILE A CG1 1 
ATOM   650  C  CG2 . ILE A 1 88  ? 9.888   8.355   7.182   1.00 37.62  ? 164 ILE A CG2 1 
ATOM   651  C  CD1 . ILE A 1 88  ? 8.448   9.933   4.982   1.00 49.41  ? 164 ILE A CD1 1 
ATOM   652  N  N   . GLY A 1 89  ? 7.474   7.630   9.939   1.00 29.44  ? 165 GLY A N   1 
ATOM   653  C  CA  . GLY A 1 89  ? 7.703   7.394   11.366  1.00 28.85  ? 165 GLY A CA  1 
ATOM   654  C  C   . GLY A 1 89  ? 7.529   5.924   11.693  1.00 26.24  ? 165 GLY A C   1 
ATOM   655  O  O   . GLY A 1 89  ? 8.363   5.350   12.385  1.00 26.53  ? 165 GLY A O   1 
ATOM   656  N  N   . ILE A 1 90  ? 6.486   5.296   11.157  1.00 23.16  ? 166 ILE A N   1 
ATOM   657  C  CA  . ILE A 1 90  ? 6.198   3.905   11.401  1.00 22.95  ? 166 ILE A CA  1 
ATOM   658  C  C   . ILE A 1 90  ? 7.177   3.011   10.649  1.00 19.76  ? 166 ILE A C   1 
ATOM   659  O  O   . ILE A 1 90  ? 7.713   2.059   11.195  1.00 17.78  ? 166 ILE A O   1 
ATOM   660  C  CB  . ILE A 1 90  ? 4.727   3.542   11.048  1.00 26.26  ? 166 ILE A CB  1 
ATOM   661  C  CG1 . ILE A 1 90  ? 3.721   4.263   11.943  1.00 25.81  ? 166 ILE A CG1 1 
ATOM   662  C  CG2 . ILE A 1 90  ? 4.478   2.042   11.184  1.00 27.86  ? 166 ILE A CG2 1 
ATOM   663  C  CD1 . ILE A 1 90  ? 3.796   3.873   13.388  1.00 29.33  ? 166 ILE A CD1 1 
ATOM   664  N  N   . ALA A 1 91  ? 7.452   3.332   9.386   1.00 18.71  ? 167 ALA A N   1 
ATOM   665  C  CA  . ALA A 1 91  ? 8.336   2.552   8.535   1.00 16.85  ? 167 ALA A CA  1 
ATOM   666  C  C   . ALA A 1 91  ? 9.676   2.420   9.192   1.00 18.83  ? 167 ALA A C   1 
ATOM   667  O  O   . ALA A 1 91  ? 10.290  1.336   9.183   1.00 20.25  ? 167 ALA A O   1 
ATOM   668  C  CB  . ALA A 1 91  ? 8.453   3.225   7.187   1.00 17.71  ? 167 ALA A CB  1 
ATOM   669  N  N   . ARG A 1 92  ? 10.160  3.493   9.821   1.00 19.12  ? 168 ARG A N   1 
ATOM   670  C  CA  . ARG A 1 92  ? 11.507  3.467   10.442  1.00 23.18  ? 168 ARG A CA  1 
ATOM   671  C  C   . ARG A 1 92  ? 11.596  2.565   11.665  1.00 23.40  ? 168 ARG A C   1 
ATOM   672  O  O   . ARG A 1 92  ? 12.589  1.835   11.833  1.00 21.58  ? 168 ARG A O   1 
ATOM   673  C  CB  . ARG A 1 92  ? 11.961  4.882   10.781  1.00 27.33  ? 168 ARG A CB  1 
ATOM   674  C  CG  . ARG A 1 92  ? 12.168  5.761   9.550   1.00 34.16  ? 168 ARG A CG  1 
ATOM   675  C  CD  . ARG A 1 92  ? 13.184  6.876   9.812   1.00 42.20  ? 168 ARG A CD  1 
ATOM   676  N  NE  . ARG A 1 92  ? 13.632  7.534   8.574   1.00 48.36  ? 168 ARG A NE  1 
ATOM   677  C  CZ  . ARG A 1 92  ? 13.212  8.728   8.157   1.00 56.45  ? 168 ARG A CZ  1 
ATOM   678  N  NH1 . ARG A 1 92  ? 12.333  9.454   8.854   1.00 57.67  ? 168 ARG A NH1 1 
ATOM   679  N  NH2 . ARG A 1 92  ? 13.682  9.218   7.015   1.00 59.82  ? 168 ARG A NH2 1 
ATOM   680  N  N   . ASN A 1 93  ? 10.538  2.579   12.481  1.00 22.46  ? 169 ASN A N   1 
ATOM   681  C  CA  . ASN A 1 93  ? 10.459  1.681   13.620  1.00 24.24  ? 169 ASN A CA  1 
ATOM   682  C  C   . ASN A 1 93  ? 10.461  0.226   13.242  1.00 24.21  ? 169 ASN A C   1 
ATOM   683  O  O   . ASN A 1 93  ? 11.070  -0.544  13.967  1.00 29.24  ? 169 ASN A O   1 
ATOM   684  C  CB  . ASN A 1 93  ? 9.236   1.990   14.498  1.00 27.84  ? 169 ASN A CB  1 
ATOM   685  C  CG  . ASN A 1 93  ? 9.597   2.677   15.807  1.00 33.87  ? 169 ASN A CG  1 
ATOM   686  O  OD1 . ASN A 1 93  ? 8.933   2.488   16.836  1.00 32.92  ? 169 ASN A OD1 1 
ATOM   687  N  ND2 . ASN A 1 93  ? 10.666  3.478   15.787  1.00 33.33  ? 169 ASN A ND2 1 
ATOM   688  N  N   . VAL A 1 94  ? 9.800   -0.143  12.142  1.00 22.72  ? 170 VAL A N   1 
ATOM   689  C  CA  . VAL A 1 94  ? 9.601   -1.550  11.756  1.00 21.58  ? 170 VAL A CA  1 
ATOM   690  C  C   . VAL A 1 94  ? 10.632  -2.095  10.777  1.00 22.06  ? 170 VAL A C   1 
ATOM   691  O  O   . VAL A 1 94  ? 10.586  -3.280  10.404  1.00 21.95  ? 170 VAL A O   1 
ATOM   692  C  CB  . VAL A 1 94  ? 8.191   -1.787  11.164  1.00 21.82  ? 170 VAL A CB  1 
ATOM   693  C  CG1 . VAL A 1 94  ? 7.152   -1.465  12.228  1.00 21.95  ? 170 VAL A CG1 1 
ATOM   694  C  CG2 . VAL A 1 94  ? 7.930   -0.977  9.872   1.00 19.59  ? 170 VAL A CG2 1 
ATOM   695  N  N   . GLY A 1 95  ? 11.519  -1.218  10.317  1.00 22.12  ? 171 GLY A N   1 
ATOM   696  C  CA  . GLY A 1 95  ? 12.570  -1.603  9.403   1.00 23.40  ? 171 GLY A CA  1 
ATOM   697  C  C   . GLY A 1 95  ? 12.200  -1.710  7.920   1.00 22.28  ? 171 GLY A C   1 
ATOM   698  O  O   . GLY A 1 95  ? 12.802  -2.458  7.143   1.00 22.32  ? 171 GLY A O   1 
ATOM   699  N  N   . ALA A 1 96  ? 11.216  -0.927  7.482   1.00 19.57  ? 172 ALA A N   1 
ATOM   700  C  CA  . ALA A 1 96  ? 10.736  -1.026  6.091   1.00 16.51  ? 172 ALA A CA  1 
ATOM   701  C  C   . ALA A 1 96  ? 11.572  -0.128  5.204   1.00 17.40  ? 172 ALA A C   1 
ATOM   702  O  O   . ALA A 1 96  ? 11.918  0.999   5.616   1.00 19.32  ? 172 ALA A O   1 
ATOM   703  C  CB  . ALA A 1 96  ? 9.280   -0.631  6.043   1.00 15.24  ? 172 ALA A CB  1 
ATOM   704  N  N   . GLN A 1 97  ? 11.932  -0.620  4.030   1.00 15.50  ? 173 GLN A N   1 
ATOM   705  C  CA  . GLN A 1 97  ? 12.655  0.173   3.023   1.00 18.30  ? 173 GLN A CA  1 
ATOM   706  C  C   . GLN A 1 97  ? 11.701  1.008   2.158   1.00 18.17  ? 173 GLN A C   1 
ATOM   707  O  O   . GLN A 1 97  ? 12.062  2.104   1.691   1.00 17.14  ? 173 GLN A O   1 
ATOM   708  C  CB  . GLN A 1 97  ? 13.496  -0.773  2.166   1.00 22.99  ? 173 GLN A CB  1 
ATOM   709  C  CG  . GLN A 1 97  ? 14.403  -0.074  1.143   1.00 31.03  ? 173 GLN A CG  1 
ATOM   710  C  CD  . GLN A 1 97  ? 15.262  -1.060  0.339   1.00 34.93  ? 173 GLN A CD  1 
ATOM   711  O  OE1 . GLN A 1 97  ? 15.298  -2.271  0.621   1.00 41.12  ? 173 GLN A OE1 1 
ATOM   712  N  NE2 . GLN A 1 97  ? 15.975  -0.543  -0.643  1.00 32.72  ? 173 GLN A NE2 1 
ATOM   713  N  N   . TYR A 1 98  ? 10.487  0.506   1.942   1.00 16.20  ? 174 TYR A N   1 
ATOM   714  C  CA  . TYR A 1 98  ? 9.478   1.148   1.155   1.00 15.92  ? 174 TYR A CA  1 
ATOM   715  C  C   . TYR A 1 98  ? 8.147   1.261   1.865   1.00 17.52  ? 174 TYR A C   1 
ATOM   716  O  O   . TYR A 1 98  ? 7.800   0.444   2.728   1.00 15.31  ? 174 TYR A O   1 
ATOM   717  C  CB  . TYR A 1 98  ? 9.263   0.385   -0.159  1.00 17.21  ? 174 TYR A CB  1 
ATOM   718  C  CG  . TYR A 1 98  ? 10.489  0.108   -0.996  1.00 17.96  ? 174 TYR A CG  1 
ATOM   719  C  CD1 . TYR A 1 98  ? 11.030  1.082   -1.833  1.00 19.33  ? 174 TYR A CD1 1 
ATOM   720  C  CD2 . TYR A 1 98  ? 11.095  -1.126  -0.969  1.00 19.00  ? 174 TYR A CD2 1 
ATOM   721  C  CE1 . TYR A 1 98  ? 12.147  0.815   -2.612  1.00 19.23  ? 174 TYR A CE1 1 
ATOM   722  C  CE2 . TYR A 1 98  ? 12.210  -1.398  -1.727  1.00 18.69  ? 174 TYR A CE2 1 
ATOM   723  C  CZ  . TYR A 1 98  ? 12.729  -0.437  -2.554  1.00 19.72  ? 174 TYR A CZ  1 
ATOM   724  O  OH  . TYR A 1 98  ? 13.847  -0.743  -3.302  1.00 19.70  ? 174 TYR A OH  1 
ATOM   725  N  N   . VAL A 1 99  ? 7.402   2.310   1.491   1.00 17.06  ? 175 VAL A N   1 
ATOM   726  C  CA  . VAL A 1 99  ? 5.994   2.398   1.832   1.00 15.18  ? 175 VAL A CA  1 
ATOM   727  C  C   . VAL A 1 99  ? 5.144   2.450   0.584   1.00 14.20  ? 175 VAL A C   1 
ATOM   728  O  O   . VAL A 1 99  ? 5.414   3.248   -0.354  1.00 12.95  ? 175 VAL A O   1 
ATOM   729  C  CB  . VAL A 1 99  ? 5.694   3.616   2.742   1.00 14.84  ? 175 VAL A CB  1 
ATOM   730  C  CG1 . VAL A 1 99  ? 4.222   3.858   2.838   1.00 14.92  ? 175 VAL A CG1 1 
ATOM   731  C  CG2 . VAL A 1 99  ? 6.248   3.409   4.123   1.00 15.13  ? 175 VAL A CG2 1 
ATOM   732  N  N   . LEU A 1 100 ? 4.103   1.628   0.556   1.00 13.96  ? 176 LEU A N   1 
ATOM   733  C  CA  . LEU A 1 100 ? 3.160   1.645   -0.563  1.00 14.66  ? 176 LEU A CA  1 
ATOM   734  C  C   . LEU A 1 100 ? 1.824   2.267   -0.184  1.00 14.73  ? 176 LEU A C   1 
ATOM   735  O  O   . LEU A 1 100 ? 1.120   1.739   0.706   1.00 13.20  ? 176 LEU A O   1 
ATOM   736  C  CB  . LEU A 1 100 ? 3.003   0.245   -1.166  1.00 15.19  ? 176 LEU A CB  1 
ATOM   737  C  CG  . LEU A 1 100 ? 2.073   0.143   -2.379  1.00 14.92  ? 176 LEU A CG  1 
ATOM   738  C  CD1 . LEU A 1 100 ? 2.580   0.932   -3.544  1.00 16.12  ? 176 LEU A CD1 1 
ATOM   739  C  CD2 . LEU A 1 100 ? 1.989   -1.322  -2.777  1.00 16.17  ? 176 LEU A CD2 1 
ATOM   740  N  N   . TYR A 1 101 ? 1.510   3.385   -0.833  1.00 15.39  ? 177 TYR A N   1 
ATOM   741  C  CA  . TYR A 1 101 ? 0.189   3.950   -0.708  1.00 17.29  ? 177 TYR A CA  1 
ATOM   742  C  C   . TYR A 1 101 ? -0.706  3.527   -1.856  1.00 18.52  ? 177 TYR A C   1 
ATOM   743  O  O   . TYR A 1 101 ? -0.222  3.447   -2.976  1.00 20.78  ? 177 TYR A O   1 
ATOM   744  C  CB  . TYR A 1 101 ? 0.267   5.458   -0.617  1.00 18.44  ? 177 TYR A CB  1 
ATOM   745  C  CG  . TYR A 1 101 ? 1.227   6.016   0.413   1.00 19.47  ? 177 TYR A CG  1 
ATOM   746  C  CD1 . TYR A 1 101 ? 0.830   6.229   1.729   1.00 22.37  ? 177 TYR A CD1 1 
ATOM   747  C  CD2 . TYR A 1 101 ? 2.510   6.417   0.029   1.00 21.63  ? 177 TYR A CD2 1 
ATOM   748  C  CE1 . TYR A 1 101 ? 1.691   6.782   2.668   1.00 21.55  ? 177 TYR A CE1 1 
ATOM   749  C  CE2 . TYR A 1 101 ? 3.379   6.996   0.955   1.00 22.69  ? 177 TYR A CE2 1 
ATOM   750  C  CZ  . TYR A 1 101 ? 2.957   7.174   2.255   1.00 23.20  ? 177 TYR A CZ  1 
ATOM   751  O  OH  . TYR A 1 101 ? 3.840   7.703   3.179   1.00 27.49  ? 177 TYR A OH  1 
ATOM   752  N  N   . SER A 1 102 ? -1.984  3.296   -1.582  1.00 20.20  ? 178 SER A N   1 
ATOM   753  C  CA  . SER A 1 102 ? -2.996  3.058   -2.604  1.00 21.42  ? 178 SER A CA  1 
ATOM   754  C  C   . SER A 1 102 ? -4.388  3.571   -2.202  1.00 20.96  ? 178 SER A C   1 
ATOM   755  O  O   . SER A 1 102 ? -4.732  3.676   -1.001  1.00 19.95  ? 178 SER A O   1 
ATOM   756  C  CB  . SER A 1 102 ? -2.994  1.560   -2.977  1.00 21.29  ? 178 SER A CB  1 
ATOM   757  O  OG  . SER A 1 102 ? -3.347  0.787   -1.879  1.00 26.52  ? 178 SER A OG  1 
ATOM   758  N  N   . SER A 1 103 ? -5.189  3.909   -3.206  1.00 20.35  ? 179 SER A N   1 
ATOM   759  C  CA  . SER A 1 103 ? -6.535  4.401   -2.958  1.00 21.80  ? 179 SER A CA  1 
ATOM   760  C  C   . SER A 1 103 ? -7.396  4.190   -4.162  1.00 20.01  ? 179 SER A C   1 
ATOM   761  O  O   . SER A 1 103 ? -6.858  4.187   -5.256  1.00 20.93  ? 179 SER A O   1 
ATOM   762  C  CB  . SER A 1 103 ? -6.537  5.900   -2.620  1.00 24.46  ? 179 SER A CB  1 
ATOM   763  O  OG  . SER A 1 103 ? -6.272  6.634   -3.799  1.00 25.98  ? 179 SER A OG  1 
ATOM   764  N  N   . ALA A 1 104 ? -8.701  4.003   -3.924  1.00 19.84  ? 180 ALA A N   1 
ATOM   765  C  CA  . ALA A 1 104 ? -9.718  3.879   -4.957  1.00 19.41  ? 180 ALA A CA  1 
ATOM   766  C  C   . ALA A 1 104 ? -10.592 5.130   -4.928  1.00 20.15  ? 180 ALA A C   1 
ATOM   767  O  O   . ALA A 1 104 ? -11.015 5.555   -3.861  1.00 20.45  ? 180 ALA A O   1 
ATOM   768  C  CB  . ALA A 1 104 ? -10.556 2.623   -4.780  1.00 20.15  ? 180 ALA A CB  1 
ATOM   769  N  N   . SER A 1 105 ? -10.775 5.757   -6.080  1.00 19.77  ? 181 SER A N   1 
ATOM   770  C  CA  . SER A 1 105 ? -11.534 6.976   -6.197  1.00 19.97  ? 181 SER A CA  1 
ATOM   771  C  C   . SER A 1 105 ? -12.505 7.002   -7.367  1.00 20.79  ? 181 SER A C   1 
ATOM   772  O  O   . SER A 1 105 ? -12.582 6.056   -8.189  1.00 21.97  ? 181 SER A O   1 
ATOM   773  C  CB  . SER A 1 105 ? -10.560 8.154   -6.245  1.00 22.05  ? 181 SER A CB  1 
ATOM   774  O  OG  . SER A 1 105 ? -9.714  8.181   -7.406  1.00 22.00  ? 181 SER A OG  1 
ATOM   775  N  N   . GLY A 1 106 ? -13.286 8.076   -7.434  1.00 18.74  ? 182 GLY A N   1 
ATOM   776  C  CA  . GLY A 1 106 ? -14.336 8.211   -8.468  1.00 18.70  ? 182 GLY A CA  1 
ATOM   777  C  C   . GLY A 1 106 ? -15.649 7.498   -8.114  1.00 17.48  ? 182 GLY A C   1 
ATOM   778  O  O   . GLY A 1 106 ? -16.005 7.428   -6.952  1.00 18.05  ? 182 GLY A O   1 
ATOM   779  N  N   . ASN A 1 107 ? -16.337 6.955   -9.115  1.00 17.52  ? 183 ASN A N   1 
ATOM   780  C  CA  . ASN A 1 107 ? -17.620 6.297   -8.852  1.00 17.66  ? 183 ASN A CA  1 
ATOM   781  C  C   . ASN A 1 107 ? -17.507 4.936   -8.191  1.00 17.42  ? 183 ASN A C   1 
ATOM   782  O  O   . ASN A 1 107 ? -16.636 4.124   -8.535  1.00 19.83  ? 183 ASN A O   1 
ATOM   783  C  CB  . ASN A 1 107 ? -18.393 6.196   -10.160 1.00 17.95  ? 183 ASN A CB  1 
ATOM   784  C  CG  . ASN A 1 107 ? -19.813 5.743   -9.949  1.00 19.41  ? 183 ASN A CG  1 
ATOM   785  O  OD1 . ASN A 1 107 ? -20.646 6.517   -9.464  1.00 19.89  ? 183 ASN A OD1 1 
ATOM   786  N  ND2 . ASN A 1 107 ? -20.117 4.506   -10.323 1.00 18.31  ? 183 ASN A ND2 1 
ATOM   787  N  N   . VAL A 1 108 ? -18.422 4.633   -7.267  1.00 17.83  ? 184 VAL A N   1 
ATOM   788  C  CA  . VAL A 1 108 ? -18.357 3.415   -6.500  1.00 18.56  ? 184 VAL A CA  1 
ATOM   789  C  C   . VAL A 1 108 ? -18.368 2.153   -7.389  1.00 22.84  ? 184 VAL A C   1 
ATOM   790  O  O   . VAL A 1 108 ? -17.702 1.153   -7.122  1.00 23.76  ? 184 VAL A O   1 
ATOM   791  C  CB  . VAL A 1 108 ? -19.477 3.389   -5.428  1.00 19.11  ? 184 VAL A CB  1 
ATOM   792  C  CG1 . VAL A 1 108 ? -20.841 3.292   -6.083  1.00 19.35  ? 184 VAL A CG1 1 
ATOM   793  C  CG2 . VAL A 1 108 ? -19.218 2.265   -4.428  1.00 18.64  ? 184 VAL A CG2 1 
ATOM   794  N  N   . ASN A 1 109 ? -19.114 2.209   -8.492  1.00 23.90  ? 185 ASN A N   1 
ATOM   795  C  CA  . ASN A 1 109 ? -19.227 1.062   -9.402  1.00 24.80  ? 185 ASN A CA  1 
ATOM   796  C  C   . ASN A 1 109 ? -18.160 1.034   -10.510 1.00 25.65  ? 185 ASN A C   1 
ATOM   797  O  O   . ASN A 1 109 ? -18.119 0.100   -11.318 1.00 24.69  ? 185 ASN A O   1 
ATOM   798  C  CB  . ASN A 1 109 ? -20.607 0.994   -10.036 1.00 24.36  ? 185 ASN A CB  1 
ATOM   799  C  CG  . ASN A 1 109 ? -21.670 0.636   -9.029  1.00 25.16  ? 185 ASN A CG  1 
ATOM   800  O  OD1 . ASN A 1 109 ? -21.403 -0.014  -8.008  1.00 27.94  ? 185 ASN A OD1 1 
ATOM   801  N  ND2 . ASN A 1 109 ? -22.892 1.123   -9.282  1.00 23.29  ? 185 ASN A ND2 1 
ATOM   802  N  N   . ALA A 1 110 ? -17.275 2.022   -10.523 1.00 21.18  ? 186 ALA A N   1 
ATOM   803  C  CA  . ALA A 1 110 ? -16.240 2.118   -11.522 1.00 21.47  ? 186 ALA A CA  1 
ATOM   804  C  C   . ALA A 1 110 ? -14.947 2.804   -11.036 1.00 19.89  ? 186 ALA A C   1 
ATOM   805  O  O   . ALA A 1 110 ? -14.462 3.720   -11.668 1.00 19.19  ? 186 ALA A O   1 
ATOM   806  C  CB  . ALA A 1 110 ? -16.807 2.815   -12.738 1.00 19.92  ? 186 ALA A CB  1 
ATOM   807  N  N   . PRO A 1 111 ? -14.380 2.319   -9.929  1.00 21.02  ? 187 PRO A N   1 
ATOM   808  C  CA  . PRO A 1 111 ? -13.312 3.014   -9.234  1.00 22.62  ? 187 PRO A CA  1 
ATOM   809  C  C   . PRO A 1 111 ? -12.040 3.158   -10.079 1.00 22.25  ? 187 PRO A C   1 
ATOM   810  O  O   . PRO A 1 111 ? -11.729 2.356   -10.952 1.00 22.37  ? 187 PRO A O   1 
ATOM   811  C  CB  . PRO A 1 111 ? -13.047 2.131   -8.045  1.00 23.53  ? 187 PRO A CB  1 
ATOM   812  C  CG  . PRO A 1 111 ? -14.281 1.305   -7.841  1.00 22.34  ? 187 PRO A CG  1 
ATOM   813  C  CD  . PRO A 1 111 ? -14.776 1.083   -9.228  1.00 22.73  ? 187 PRO A CD  1 
ATOM   814  N  N   . ALA A 1 112 ? -11.275 4.187   -9.789  1.00 22.04  ? 188 ALA A N   1 
ATOM   815  C  CA  . ALA A 1 112 ? -9.876  4.297   -10.238 1.00 22.75  ? 188 ALA A CA  1 
ATOM   816  C  C   . ALA A 1 112 ? -8.889  3.970   -9.123  1.00 22.15  ? 188 ALA A C   1 
ATOM   817  O  O   . ALA A 1 112 ? -8.859  4.600   -8.074  1.00 26.99  ? 188 ALA A O   1 
ATOM   818  C  CB  . ALA A 1 112 ? -9.637  5.650   -10.876 1.00 23.62  ? 188 ALA A CB  1 
ATOM   819  N  N   . LEU A 1 113 ? -8.085  2.924   -9.321  1.00 21.24  ? 189 LEU A N   1 
ATOM   820  C  CA  . LEU A 1 113 ? -7.012  2.524   -8.401  1.00 20.79  ? 189 LEU A CA  1 
ATOM   821  C  C   . LEU A 1 113 ? -5.725  3.291   -8.749  1.00 21.08  ? 189 LEU A C   1 
ATOM   822  O  O   . LEU A 1 113 ? -5.294  3.343   -9.871  1.00 22.72  ? 189 LEU A O   1 
ATOM   823  C  CB  . LEU A 1 113 ? -6.812  1.018   -8.448  1.00 22.01  ? 189 LEU A CB  1 
ATOM   824  C  CG  . LEU A 1 113 ? -5.876  0.414   -7.412  1.00 21.91  ? 189 LEU A CG  1 
ATOM   825  C  CD1 . LEU A 1 113 ? -6.390  0.587   -6.021  1.00 21.37  ? 189 LEU A CD1 1 
ATOM   826  C  CD2 . LEU A 1 113 ? -5.675  -1.045  -7.714  1.00 23.77  ? 189 LEU A CD2 1 
ATOM   827  N  N   . GLN A 1 114 ? -5.151  3.963   -7.758  1.00 23.23  ? 190 GLN A N   1 
ATOM   828  C  CA  . GLN A 1 114 ? -3.866  4.638   -7.904  1.00 25.76  ? 190 GLN A CA  1 
ATOM   829  C  C   . GLN A 1 114 ? -2.944  4.197   -6.790  1.00 23.89  ? 190 GLN A C   1 
ATOM   830  O  O   . GLN A 1 114 ? -3.388  3.998   -5.659  1.00 20.44  ? 190 GLN A O   1 
ATOM   831  C  CB  . GLN A 1 114 ? -4.032  6.160   -7.921  1.00 30.13  ? 190 GLN A CB  1 
ATOM   832  C  CG  . GLN A 1 114 ? -4.739  6.633   -9.186  1.00 38.86  ? 190 GLN A CG  1 
ATOM   833  C  CD  . GLN A 1 114 ? -5.432  7.982   -9.080  1.00 46.46  ? 190 GLN A CD  1 
ATOM   834  O  OE1 . GLN A 1 114 ? -5.704  8.472   -7.983  1.00 53.44  ? 190 GLN A OE1 1 
ATOM   835  N  NE2 . GLN A 1 114 ? -5.742  8.582   -10.231 1.00 48.54  ? 190 GLN A NE2 1 
HETATM 836  N  N   . MSE A 1 115 ? -1.676  4.038   -7.137  1.00 23.27  ? 191 MSE A N   1 
HETATM 837  C  CA  . MSE A 1 115 ? -0.697  3.522   -6.156  1.00 27.55  ? 191 MSE A CA  1 
HETATM 838  C  C   . MSE A 1 115 ? 0.552   4.344   -6.252  1.00 24.45  ? 191 MSE A C   1 
HETATM 839  O  O   . MSE A 1 115 ? 0.887   4.876   -7.293  1.00 25.14  ? 191 MSE A O   1 
HETATM 840  C  CB  . MSE A 1 115 ? -0.380  2.053   -6.438  1.00 31.70  ? 191 MSE A CB  1 
HETATM 841  C  CG  . MSE A 1 115 ? -1.563  1.152   -6.112  1.00 35.79  ? 191 MSE A CG  1 
HETATM 842  SE SE  . MSE A 1 115 ? -1.115  -0.771  -6.265  1.00 49.07  ? 191 MSE A SE  1 
HETATM 843  C  CE  . MSE A 1 115 ? -0.029  -0.599  -7.870  1.00 43.96  ? 191 MSE A CE  1 
ATOM   844  N  N   . GLN A 1 116 ? 1.256   4.498   -5.133  1.00 24.83  ? 192 GLN A N   1 
ATOM   845  C  CA  . GLN A 1 116 ? 2.540   5.162   -5.116  1.00 24.52  ? 192 GLN A CA  1 
ATOM   846  C  C   . GLN A 1 116 ? 3.528   4.497   -4.148  1.00 20.55  ? 192 GLN A C   1 
ATOM   847  O  O   . GLN A 1 116 ? 3.161   4.109   -3.032  1.00 21.54  ? 192 GLN A O   1 
ATOM   848  C  CB  . GLN A 1 116 ? 2.329   6.603   -4.742  1.00 28.79  ? 192 GLN A CB  1 
ATOM   849  C  CG  . GLN A 1 116 ? 1.019   7.177   -5.268  1.00 32.25  ? 192 GLN A CG  1 
ATOM   850  C  CD  . GLN A 1 116 ? 0.648   8.340   -4.430  1.00 38.14  ? 192 GLN A CD  1 
ATOM   851  O  OE1 . GLN A 1 116 ? 1.332   9.376   -4.516  1.00 36.74  ? 192 GLN A OE1 1 
ATOM   852  N  NE2 . GLN A 1 116 ? -0.401  8.177   -3.616  1.00 38.69  ? 192 GLN A NE2 1 
ATOM   853  N  N   . LEU A 1 117 ? 4.773   4.363   -4.586  1.00 18.37  ? 193 LEU A N   1 
ATOM   854  C  CA  . LEU A 1 117 ? 5.810   3.724   -3.773  1.00 16.46  ? 193 LEU A CA  1 
ATOM   855  C  C   . LEU A 1 117 ? 6.843   4.708   -3.277  1.00 17.18  ? 193 LEU A C   1 
ATOM   856  O  O   . LEU A 1 117 ? 7.608   5.303   -4.090  1.00 16.65  ? 193 LEU A O   1 
ATOM   857  C  CB  . LEU A 1 117 ? 6.479   2.608   -4.567  1.00 16.98  ? 193 LEU A CB  1 
ATOM   858  C  CG  . LEU A 1 117 ? 7.478   1.765   -3.792  1.00 19.04  ? 193 LEU A CG  1 
ATOM   859  C  CD1 . LEU A 1 117 ? 6.751   0.854   -2.825  1.00 20.42  ? 193 LEU A CD1 1 
ATOM   860  C  CD2 . LEU A 1 117 ? 8.324   0.996   -4.782  1.00 21.48  ? 193 LEU A CD2 1 
HETATM 861  N  N   . MSE A 1 118 ? 6.933   4.835   -1.953  1.00 16.13  ? 194 MSE A N   1 
HETATM 862  C  CA  . MSE A 1 118 ? 7.819   5.804   -1.316  1.00 17.46  ? 194 MSE A CA  1 
HETATM 863  C  C   . MSE A 1 118 ? 9.044   5.119   -0.785  1.00 16.48  ? 194 MSE A C   1 
HETATM 864  O  O   . MSE A 1 118 ? 8.983   4.169   -0.002  1.00 17.15  ? 194 MSE A O   1 
HETATM 865  C  CB  . MSE A 1 118 ? 7.050   6.576   -0.228  1.00 17.72  ? 194 MSE A CB  1 
HETATM 866  C  CG  . MSE A 1 118 ? 7.970   7.470   0.544   1.00 21.84  ? 194 MSE A CG  1 
HETATM 867  SE SE  . MSE A 1 118 ? 6.990   8.696   1.699   1.00 27.41  ? 194 MSE A SE  1 
HETATM 868  C  CE  . MSE A 1 118 ? 6.811   7.448   3.204   1.00 27.59  ? 194 MSE A CE  1 
ATOM   869  N  N   . LEU A 1 119 ? 10.214  5.591   -1.184  1.00 17.75  ? 195 LEU A N   1 
ATOM   870  C  CA  . LEU A 1 119 ? 11.489  5.223   -0.518  1.00 18.56  ? 195 LEU A CA  1 
ATOM   871  C  C   . LEU A 1 119 ? 11.603  5.840   0.866   1.00 18.47  ? 195 LEU A C   1 
ATOM   872  O  O   . LEU A 1 119 ? 11.581  7.070   0.995   1.00 17.24  ? 195 LEU A O   1 
ATOM   873  C  CB  . LEU A 1 119 ? 12.674  5.651   -1.376  1.00 21.78  ? 195 LEU A CB  1 
ATOM   874  C  CG  . LEU A 1 119 ? 14.066  5.105   -1.002  1.00 25.19  ? 195 LEU A CG  1 
ATOM   875  C  CD1 . LEU A 1 119 ? 14.162  3.608   -1.327  1.00 26.59  ? 195 LEU A CD1 1 
ATOM   876  C  CD2 . LEU A 1 119 ? 15.156  5.890   -1.744  1.00 26.95  ? 195 LEU A CD2 1 
ATOM   877  N  N   . VAL A 1 120 ? 11.688  4.991   1.898   1.00 19.50  ? 196 VAL A N   1 
ATOM   878  C  CA  . VAL A 1 120 ? 11.653  5.460   3.274   1.00 21.90  ? 196 VAL A CA  1 
ATOM   879  C  C   . VAL A 1 120 ? 12.833  6.369   3.604   1.00 21.33  ? 196 VAL A C   1 
ATOM   880  O  O   . VAL A 1 120 ? 12.677  7.476   4.113   1.00 21.86  ? 196 VAL A O   1 
ATOM   881  C  CB  . VAL A 1 120 ? 11.559  4.277   4.297   1.00 21.10  ? 196 VAL A CB  1 
ATOM   882  C  CG1 . VAL A 1 120 ? 11.778  4.745   5.718   1.00 20.74  ? 196 VAL A CG1 1 
ATOM   883  C  CG2 . VAL A 1 120 ? 10.204  3.599   4.167   1.00 19.81  ? 196 VAL A CG2 1 
ATOM   884  N  N   . GLN A 1 121 ? 14.015  5.892   3.253   1.00 24.74  ? 197 GLN A N   1 
ATOM   885  C  CA  . GLN A 1 121 ? 15.247  6.632   3.476   1.00 28.01  ? 197 GLN A CA  1 
ATOM   886  C  C   . GLN A 1 121 ? 15.136  8.130   3.219   1.00 23.35  ? 197 GLN A C   1 
ATOM   887  O  O   . GLN A 1 121 ? 15.585  8.941   4.024   1.00 20.09  ? 197 GLN A O   1 
ATOM   888  C  CB  . GLN A 1 121 ? 16.372  6.002   2.648   1.00 37.87  ? 197 GLN A CB  1 
ATOM   889  C  CG  . GLN A 1 121 ? 17.691  6.756   2.725   1.00 48.69  ? 197 GLN A CG  1 
ATOM   890  C  CD  . GLN A 1 121 ? 18.473  6.389   3.947   1.00 56.24  ? 197 GLN A CD  1 
ATOM   891  O  OE1 . GLN A 1 121 ? 19.564  5.830   3.823   1.00 64.35  ? 197 GLN A OE1 1 
ATOM   892  N  NE2 . GLN A 1 121 ? 17.914  6.689   5.121   1.00 62.93  ? 197 GLN A NE2 1 
ATOM   893  N  N   . THR A 1 122 ? 14.530  8.505   2.104   1.00 20.94  ? 198 THR A N   1 
ATOM   894  C  CA  . THR A 1 122 ? 14.589  9.865   1.601   1.00 20.73  ? 198 THR A CA  1 
ATOM   895  C  C   . THR A 1 122 ? 13.228  10.550  1.518   1.00 23.08  ? 198 THR A C   1 
ATOM   896  O  O   . THR A 1 122 ? 13.137  11.764  1.399   1.00 22.97  ? 198 THR A O   1 
ATOM   897  C  CB  . THR A 1 122 ? 15.204  9.908   0.200   1.00 21.29  ? 198 THR A CB  1 
ATOM   898  O  OG1 . THR A 1 122 ? 14.371  9.214   -0.742  1.00 24.17  ? 198 THR A OG1 1 
ATOM   899  C  CG2 . THR A 1 122 ? 16.576  9.252   0.260   1.00 20.13  ? 198 THR A CG2 1 
ATOM   900  N  N   . GLY A 1 123 ? 12.162  9.775   1.520   1.00 21.85  ? 199 GLY A N   1 
ATOM   901  C  CA  . GLY A 1 123 ? 10.835  10.311  1.395   1.00 21.12  ? 199 GLY A CA  1 
ATOM   902  C  C   . GLY A 1 123 ? 10.339  10.496  -0.020  1.00 21.12  ? 199 GLY A C   1 
ATOM   903  O  O   . GLY A 1 123 ? 9.183   10.928  -0.216  1.00 23.33  ? 199 GLY A O   1 
ATOM   904  N  N   . GLU A 1 124 ? 11.137  10.085  -0.999  1.00 19.86  ? 200 GLU A N   1 
ATOM   905  C  CA  . GLU A 1 124 ? 10.796  10.332  -2.389  1.00 21.47  ? 200 GLU A CA  1 
ATOM   906  C  C   . GLU A 1 124 ? 9.907   9.275   -3.011  1.00 19.50  ? 200 GLU A C   1 
ATOM   907  O  O   . GLU A 1 124 ? 10.121  8.070   -2.791  1.00 18.96  ? 200 GLU A O   1 
ATOM   908  C  CB  . GLU A 1 124 ? 12.060  10.403  -3.223  1.00 21.81  ? 200 GLU A CB  1 
ATOM   909  C  CG  . GLU A 1 124 ? 11.824  10.385  -4.734  1.00 23.31  ? 200 GLU A CG  1 
ATOM   910  C  CD  . GLU A 1 124 ? 13.101  10.586  -5.532  1.00 25.11  ? 200 GLU A CD  1 
ATOM   911  O  OE1 . GLU A 1 124 ? 14.215  10.489  -4.990  1.00 27.69  ? 200 GLU A OE1 1 
ATOM   912  O  OE2 . GLU A 1 124 ? 12.988  10.911  -6.720  1.00 31.57  ? 200 GLU A OE2 1 
ATOM   913  N  N   . ILE A 1 125 ? 8.958   9.719   -3.830  1.00 18.66  ? 201 ILE A N   1 
ATOM   914  C  CA  . ILE A 1 125 ? 8.128   8.802   -4.607  1.00 19.97  ? 201 ILE A CA  1 
ATOM   915  C  C   . ILE A 1 125 ? 8.876   8.318   -5.820  1.00 20.59  ? 201 ILE A C   1 
ATOM   916  O  O   . ILE A 1 125 ? 9.146   9.112   -6.728  1.00 24.89  ? 201 ILE A O   1 
ATOM   917  C  CB  . ILE A 1 125 ? 6.770   9.407   -4.997  1.00 21.73  ? 201 ILE A CB  1 
ATOM   918  C  CG1 . ILE A 1 125 ? 5.979   9.866   -3.761  1.00 22.47  ? 201 ILE A CG1 1 
ATOM   919  C  CG2 . ILE A 1 125 ? 5.962   8.383   -5.823  1.00 21.95  ? 201 ILE A CG2 1 
ATOM   920  C  CD1 . ILE A 1 125 ? 5.450   8.716   -2.905  1.00 25.35  ? 201 ILE A CD1 1 
ATOM   921  N  N   . ILE A 1 126 ? 9.216   7.026   -5.854  1.00 21.03  ? 202 ILE A N   1 
ATOM   922  C  CA  . ILE A 1 126 ? 10.076  6.503   -6.902  1.00 22.49  ? 202 ILE A CA  1 
ATOM   923  C  C   . ILE A 1 126 ? 9.257   5.830   -7.984  1.00 23.10  ? 202 ILE A C   1 
ATOM   924  O  O   . ILE A 1 126 ? 9.792   5.607   -9.071  1.00 23.56  ? 202 ILE A O   1 
ATOM   925  C  CB  . ILE A 1 126 ? 11.189  5.544   -6.359  1.00 22.43  ? 202 ILE A CB  1 
ATOM   926  C  CG1 . ILE A 1 126 ? 10.573  4.316   -5.674  1.00 22.38  ? 202 ILE A CG1 1 
ATOM   927  C  CG2 . ILE A 1 126 ? 12.154  6.353   -5.486  1.00 21.30  ? 202 ILE A CG2 1 
ATOM   928  C  CD1 . ILE A 1 126 ? 11.523  3.324   -5.060  1.00 22.70  ? 202 ILE A CD1 1 
ATOM   929  N  N   . TRP A 1 127 ? 7.988   5.514   -7.687  1.00 22.76  ? 203 TRP A N   1 
ATOM   930  C  CA  . TRP A 1 127 ? 7.109   4.871   -8.682  1.00 24.19  ? 203 TRP A CA  1 
ATOM   931  C  C   . TRP A 1 127 ? 5.648   5.232   -8.454  1.00 25.05  ? 203 TRP A C   1 
ATOM   932  O  O   . TRP A 1 127 ? 5.189   5.292   -7.301  1.00 22.22  ? 203 TRP A O   1 
ATOM   933  C  CB  . TRP A 1 127 ? 7.262   3.327   -8.642  1.00 24.29  ? 203 TRP A CB  1 
ATOM   934  C  CG  . TRP A 1 127 ? 6.297   2.661   -9.576  1.00 24.65  ? 203 TRP A CG  1 
ATOM   935  C  CD1 . TRP A 1 127 ? 6.465   2.516   -10.935 1.00 25.79  ? 203 TRP A CD1 1 
ATOM   936  C  CD2 . TRP A 1 127 ? 5.012   2.107   -9.280  1.00 23.37  ? 203 TRP A CD2 1 
ATOM   937  N  NE1 . TRP A 1 127 ? 5.379   1.898   -11.501 1.00 24.17  ? 203 TRP A NE1 1 
ATOM   938  C  CE2 . TRP A 1 127 ? 4.465   1.640   -10.510 1.00 24.93  ? 203 TRP A CE2 1 
ATOM   939  C  CE3 . TRP A 1 127 ? 4.289   1.902   -8.103  1.00 23.13  ? 203 TRP A CE3 1 
ATOM   940  C  CZ2 . TRP A 1 127 ? 3.230   1.017   -10.585 1.00 24.14  ? 203 TRP A CZ2 1 
ATOM   941  C  CZ3 . TRP A 1 127 ? 3.063   1.323   -8.170  1.00 24.61  ? 203 TRP A CZ3 1 
ATOM   942  C  CH2 . TRP A 1 127 ? 2.533   0.883   -9.413  1.00 23.85  ? 203 TRP A CH2 1 
ATOM   943  N  N   . SER A 1 128 ? 4.910   5.355   -9.561  1.00 23.45  ? 204 SER A N   1 
ATOM   944  C  CA  . SER A 1 128 ? 3.489   5.623   -9.492  1.00 24.23  ? 204 SER A CA  1 
ATOM   945  C  C   . SER A 1 128 ? 2.720   4.928   -10.607 1.00 22.40  ? 204 SER A C   1 
ATOM   946  O  O   . SER A 1 128 ? 3.250   4.813   -11.696 1.00 27.00  ? 204 SER A O   1 
ATOM   947  C  CB  . SER A 1 128 ? 3.268   7.135   -9.554  1.00 24.52  ? 204 SER A CB  1 
ATOM   948  O  OG  . SER A 1 128 ? 1.916   7.468   -9.479  1.00 33.16  ? 204 SER A OG  1 
ATOM   949  N  N   . GLY A 1 129 ? 1.498   4.495   -10.310 1.00 25.37  ? 205 GLY A N   1 
ATOM   950  C  CA  . GLY A 1 129 ? 0.645   3.821   -11.298 1.00 26.46  ? 205 GLY A CA  1 
ATOM   951  C  C   . GLY A 1 129 ? -0.847  3.931   -11.043 1.00 27.82  ? 205 GLY A C   1 
ATOM   952  O  O   . GLY A 1 129 ? -1.280  3.973   -9.894  1.00 26.08  ? 205 GLY A O   1 
ATOM   953  N  N   . LYS A 1 130 ? -1.640  3.951   -12.129 1.00 26.39  ? 206 LYS A N   1 
ATOM   954  C  CA  . LYS A 1 130 ? -3.105  3.982   -12.039 1.00 25.84  ? 206 LYS A CA  1 
ATOM   955  C  C   . LYS A 1 130 ? -3.743  2.950   -12.943 1.00 23.97  ? 206 LYS A C   1 
ATOM   956  O  O   . LYS A 1 130 ? -3.180  2.608   -13.967 1.00 22.19  ? 206 LYS A O   1 
ATOM   957  C  CB  . LYS A 1 130 ? -3.660  5.364   -12.292 1.00 29.87  ? 206 LYS A CB  1 
ATOM   958  C  CG  . LYS A 1 130 ? -3.016  6.102   -13.437 1.00 36.06  ? 206 LYS A CG  1 
ATOM   959  C  CD  . LYS A 1 130 ? -3.398  7.574   -13.435 1.00 42.12  ? 206 LYS A CD  1 
ATOM   960  C  CE  . LYS A 1 130 ? -2.976  8.264   -14.733 1.00 46.61  ? 206 LYS A CE  1 
ATOM   961  N  NZ  . LYS A 1 130 ? -3.486  9.672   -14.893 1.00 46.97  ? 206 LYS A NZ  1 
ATOM   962  N  N   . GLY A 1 131 ? -4.842  2.362   -12.486 1.00 21.59  ? 207 GLY A N   1 
ATOM   963  C  CA  . GLY A 1 131 ? -5.618  1.449   -13.326 1.00 26.48  ? 207 GLY A CA  1 
ATOM   964  C  C   . GLY A 1 131 ? -7.083  1.510   -12.943 1.00 29.40  ? 207 GLY A C   1 
ATOM   965  O  O   . GLY A 1 131 ? -7.416  1.861   -11.833 1.00 36.28  ? 207 GLY A O   1 
ATOM   966  N  N   . ALA A 1 132 ? -7.967  1.169   -13.865 1.00 29.32  ? 208 ALA A N   1 
ATOM   967  C  CA  . ALA A 1 132 ? -9.393  1.103   -13.544 1.00 28.33  ? 208 ALA A CA  1 
ATOM   968  C  C   . ALA A 1 132 ? -9.755  -0.238  -12.987 1.00 26.89  ? 208 ALA A C   1 
ATOM   969  O  O   . ALA A 1 132 ? -9.249  -1.266  -13.421 1.00 31.84  ? 208 ALA A O   1 
ATOM   970  C  CB  . ALA A 1 132 ? -10.229 1.421   -14.779 1.00 29.52  ? 208 ALA A CB  1 
ATOM   971  N  N   . VAL A 1 133 ? -10.629 -0.243  -11.994 1.00 28.65  ? 209 VAL A N   1 
ATOM   972  C  CA  . VAL A 1 133 ? -11.065 -1.466  -11.372 1.00 28.36  ? 209 VAL A CA  1 
ATOM   973  C  C   . VAL A 1 133 ? -12.408 -1.865  -11.996 1.00 32.54  ? 209 VAL A C   1 
ATOM   974  O  O   . VAL A 1 133 ? -13.430 -1.220  -11.763 1.00 31.13  ? 209 VAL A O   1 
ATOM   975  C  CB  . VAL A 1 133 ? -11.256 -1.277  -9.868  1.00 30.66  ? 209 VAL A CB  1 
ATOM   976  C  CG1 . VAL A 1 133 ? -11.746 -2.570  -9.206  1.00 30.14  ? 209 VAL A CG1 1 
ATOM   977  C  CG2 . VAL A 1 133 ? -9.999  -0.729  -9.203  1.00 28.66  ? 209 VAL A CG2 1 
ATOM   978  N  N   . GLN A 1 134 ? -12.387 -2.957  -12.755 1.00 34.84  ? 210 GLN A N   1 
ATOM   979  C  CA  . GLN A 1 134 ? -13.578 -3.531  -13.376 1.00 36.61  ? 210 GLN A CA  1 
ATOM   980  C  C   . GLN A 1 134 ? -14.331 -4.493  -12.483 1.00 36.75  ? 210 GLN A C   1 
ATOM   981  O  O   . GLN A 1 134 ? -14.017 -4.689  -11.306 1.00 33.43  ? 210 GLN A O   1 
ATOM   982  C  CB  . GLN A 1 134 ? -13.184 -4.311  -14.630 1.00 39.04  ? 210 GLN A CB  1 
ATOM   983  C  CG  . GLN A 1 134 ? -13.009 -3.426  -15.828 1.00 43.41  ? 210 GLN A CG  1 
ATOM   984  C  CD  . GLN A 1 134 ? -11.559 -3.308  -16.192 1.00 49.83  ? 210 GLN A CD  1 
ATOM   985  O  OE1 . GLN A 1 134 ? -10.800 -4.258  -16.082 1.00 59.27  ? 210 GLN A OE1 1 
ATOM   986  N  NE2 . GLN A 1 134 ? -11.156 -2.134  -16.630 1.00 52.30  ? 210 GLN A NE2 1 
ATOM   987  N  N   . GLN A 1 135 ? -15.356 -5.094  -13.078 1.00 36.04  ? 211 GLN A N   1 
ATOM   988  C  CA  . GLN A 1 135 ? -16.188 -6.066  -12.361 1.00 42.66  ? 211 GLN A CA  1 
ATOM   989  C  C   . GLN A 1 135 ? -15.857 -7.508  -12.772 1.00 40.04  ? 211 GLN A C   1 
ATOM   990  O  O   . GLN A 1 135 ? -15.256 -7.624  -13.853 1.00 34.30  ? 211 GLN A O   1 
ATOM   991  C  CB  . GLN A 1 135 ? -17.638 -5.626  -12.596 1.00 45.34  ? 211 GLN A CB  1 
ATOM   992  C  CG  . GLN A 1 135 ? -17.897 -4.271  -11.931 1.00 47.72  ? 211 GLN A CG  1 
ATOM   993  C  CD  . GLN A 1 135 ? -18.439 -4.439  -10.536 1.00 47.49  ? 211 GLN A CD  1 
ATOM   994  O  OE1 . GLN A 1 135 ? -18.979 -5.487  -10.217 1.00 48.49  ? 211 GLN A OE1 1 
ATOM   995  N  NE2 . GLN A 1 135 ? -18.315 -3.420  -9.705  1.00 50.21  ? 211 GLN A NE2 1 
HETATM 996  O  O   . HOH B 2 .   ? -0.713  -4.141  5.805   1.00 21.89  ? 301 HOH A O   1 
HETATM 997  O  O   . HOH B 2 .   ? 2.312   -3.760  5.738   1.00 20.93  ? 302 HOH A O   1 
HETATM 998  O  O   . HOH B 2 .   ? 7.592   -8.484  8.950   1.00 22.54  ? 303 HOH A O   1 
HETATM 999  O  O   . HOH B 2 .   ? 4.277   -11.163 12.522  1.00 22.37  ? 304 HOH A O   1 
HETATM 1000 O  O   . HOH B 2 .   ? 0.096   -9.948  11.505  1.00 50.43  ? 305 HOH A O   1 
HETATM 1001 O  O   . HOH B 2 .   ? -2.121  -2.654  11.950  1.00 28.21  ? 306 HOH A O   1 
HETATM 1002 O  O   . HOH B 2 .   ? -2.414  1.153   7.250   1.00 33.79  ? 307 HOH A O   1 
HETATM 1003 O  O   . HOH B 2 .   ? -10.727 3.679   3.222   1.00 31.87  ? 308 HOH A O   1 
HETATM 1004 O  O   . HOH B 2 .   ? 0.471   9.995   0.393   1.00 38.94  ? 309 HOH A O   1 
HETATM 1005 O  O   . HOH B 2 .   ? -1.169  0.257   -0.134  1.00 20.17  ? 310 HOH A O   1 
HETATM 1006 O  O   . HOH B 2 .   ? 0.368   3.890   22.721  1.00 37.02  ? 311 HOH A O   1 
HETATM 1007 O  O   . HOH B 2 .   ? -4.260  13.059  15.455  1.00 34.49  ? 312 HOH A O   1 
HETATM 1008 O  O   . HOH B 2 .   ? -11.666 -9.872  4.936   1.00 42.96  ? 313 HOH A O   1 
HETATM 1009 O  O   . HOH B 2 .   ? -17.098 -6.459  -5.058  1.00 44.15  ? 314 HOH A O   1 
HETATM 1010 O  O   . HOH B 2 .   ? 18.101  2.451   -7.184  1.00 36.10  ? 315 HOH A O   1 
HETATM 1011 O  O   . HOH B 2 .   ? 14.382  -3.813  3.031   1.00 29.02  ? 316 HOH A O   1 
HETATM 1012 O  O   . HOH B 2 .   ? 15.489  -5.934  7.517   1.00 23.82  ? 317 HOH A O   1 
HETATM 1013 O  O   . HOH B 2 .   ? -0.057  4.028   -14.722 1.00 35.82  ? 318 HOH A O   1 
HETATM 1014 O  O   . HOH B 2 .   ? 14.980  13.485  2.029   1.00 33.30  ? 319 HOH A O   1 
HETATM 1015 O  O   . HOH B 2 .   ? 6.582   -3.561  15.394  1.00 14.74  ? 320 HOH A O   1 
HETATM 1016 O  O   . HOH B 2 .   ? 14.692  3.331   2.153   1.00 15.40  ? 321 HOH A O   1 
HETATM 1017 O  O   . HOH B 2 .   ? -2.904  3.797   1.196   1.00 24.14  ? 322 HOH A O   1 
HETATM 1018 O  O   . HOH B 2 .   ? 0.298   -11.976 3.493   1.00 32.87  ? 323 HOH A O   1 
HETATM 1019 O  O   . HOH B 2 .   ? -6.896  -1.273  -15.096 1.00 36.64  ? 324 HOH A O   1 
HETATM 1020 O  O   . HOH B 2 .   ? -4.358  -1.748  -13.827 1.00 33.70  ? 325 HOH A O   1 
HETATM 1021 O  O   . HOH B 2 .   ? -16.286 -3.553  -1.419  1.00 34.21  ? 326 HOH A O   1 
HETATM 1022 O  O   . HOH B 2 .   ? 16.832  -1.504  -6.896  1.00 33.68  ? 327 HOH A O   1 
# 
